data_1RXH
# 
_entry.id   1RXH 
# 
_audit_conform.dict_name       mmcif_pdbx.dic 
_audit_conform.dict_version    5.386 
_audit_conform.dict_location   http://mmcif.pdb.org/dictionaries/ascii/mmcif_pdbx.dic 
# 
loop_
_database_2.database_id 
_database_2.database_code 
_database_2.pdbx_database_accession 
_database_2.pdbx_DOI 
PDB   1RXH         pdb_00001rxh 10.2210/pdb1rxh/pdb 
RCSB  RCSB021117   ?            ?                   
WWPDB D_1000021117 ?            ?                   
# 
loop_
_pdbx_audit_revision_history.ordinal 
_pdbx_audit_revision_history.data_content_type 
_pdbx_audit_revision_history.major_revision 
_pdbx_audit_revision_history.minor_revision 
_pdbx_audit_revision_history.revision_date 
1 'Structure model' 1 0 2004-05-11 
2 'Structure model' 1 1 2008-04-29 
3 'Structure model' 1 2 2011-07-13 
4 'Structure model' 1 3 2021-10-27 
5 'Structure model' 1 4 2024-02-14 
# 
_pdbx_audit_revision_details.ordinal             1 
_pdbx_audit_revision_details.revision_ordinal    1 
_pdbx_audit_revision_details.data_content_type   'Structure model' 
_pdbx_audit_revision_details.provider            repository 
_pdbx_audit_revision_details.type                'Initial release' 
_pdbx_audit_revision_details.description         ? 
_pdbx_audit_revision_details.details             ? 
# 
loop_
_pdbx_audit_revision_group.ordinal 
_pdbx_audit_revision_group.revision_ordinal 
_pdbx_audit_revision_group.data_content_type 
_pdbx_audit_revision_group.group 
1 2 'Structure model' 'Version format compliance' 
2 3 'Structure model' 'Derived calculations'      
3 3 'Structure model' 'Version format compliance' 
4 4 'Structure model' 'Database references'       
5 4 'Structure model' 'Derived calculations'      
6 5 'Structure model' 'Data collection'           
# 
loop_
_pdbx_audit_revision_category.ordinal 
_pdbx_audit_revision_category.revision_ordinal 
_pdbx_audit_revision_category.data_content_type 
_pdbx_audit_revision_category.category 
1 4 'Structure model' database_2         
2 4 'Structure model' struct_ref_seq_dif 
3 4 'Structure model' struct_site        
4 5 'Structure model' chem_comp_atom     
5 5 'Structure model' chem_comp_bond     
# 
loop_
_pdbx_audit_revision_item.ordinal 
_pdbx_audit_revision_item.revision_ordinal 
_pdbx_audit_revision_item.data_content_type 
_pdbx_audit_revision_item.item 
1 4 'Structure model' '_database_2.pdbx_DOI'                
2 4 'Structure model' '_database_2.pdbx_database_accession' 
3 4 'Structure model' '_struct_ref_seq_dif.details'         
4 4 'Structure model' '_struct_site.pdbx_auth_asym_id'      
5 4 'Structure model' '_struct_site.pdbx_auth_comp_id'      
6 4 'Structure model' '_struct_site.pdbx_auth_seq_id'       
# 
_pdbx_database_status.status_code                     REL 
_pdbx_database_status.entry_id                        1RXH 
_pdbx_database_status.recvd_initial_deposition_date   2003-12-18 
_pdbx_database_status.deposit_site                    RCSB 
_pdbx_database_status.process_site                    RCSB 
_pdbx_database_status.SG_entry                        . 
_pdbx_database_status.pdb_format_compatible           Y 
_pdbx_database_status.status_code_mr                  ? 
_pdbx_database_status.status_code_sf                  ? 
_pdbx_database_status.status_code_cs                  ? 
_pdbx_database_status.status_code_nmr_data            ? 
_pdbx_database_status.methods_development_category    ? 
# 
loop_
_pdbx_database_related.db_name 
_pdbx_database_related.db_id 
_pdbx_database_related.details 
_pdbx_database_related.content_type 
PDB 1ij8 . unspecified 
PDB 1i9h . unspecified 
PDB 1RXJ . unspecified 
PDB 1RXK . unspecified 
# 
loop_
_audit_author.name 
_audit_author.pdbx_ordinal 
'Eisenberg-Domovich, Y.' 1 
'Pazy, Y.'               2 
'Nir, O.'                3 
'Raboy, B.'              4 
'Bayer, E.A.'            5 
'Wilchek, M.'            6 
'Livnah, O.'             7 
# 
_citation.id                        primary 
_citation.title                     'Structural elements responsible for conversion of streptavidin to a pseudoenzyme' 
_citation.journal_abbrev            Proc.Natl.Acad.Sci.USA 
_citation.journal_volume            101 
_citation.page_first                5916 
_citation.page_last                 5921 
_citation.year                      2004 
_citation.journal_id_ASTM           PNASA6 
_citation.country                   US 
_citation.journal_id_ISSN           0027-8424 
_citation.journal_id_CSD            0040 
_citation.book_publisher            ? 
_citation.pdbx_database_id_PubMed   15079055 
_citation.pdbx_database_id_DOI      10.1073/pnas.0308541101 
# 
loop_
_citation_author.citation_id 
_citation_author.name 
_citation_author.ordinal 
_citation_author.identifier_ORCID 
primary 'Eisenberg-Domovich, Y.' 1 ? 
primary 'Pazy, Y.'               2 ? 
primary 'Nir, O.'                3 ? 
primary 'Raboy, B.'              4 ? 
primary 'Bayer, E.A.'            5 ? 
primary 'Wilchek, M.'            6 ? 
primary 'Livnah, O.'             7 ? 
# 
loop_
_entity.id 
_entity.type 
_entity.src_method 
_entity.pdbx_description 
_entity.formula_weight 
_entity.pdbx_number_of_molecules 
_entity.pdbx_ec 
_entity.pdbx_mutation 
_entity.pdbx_fragment 
_entity.details 
1 polymer     man Streptavidin                                                                           13325.372 2  ? 
'L124R, L324R' ? ? 
2 non-polymer syn '5-(2-OXO-HEXAHYDRO-THIENO[3,4-D]IMIDAZOL-6-YL)-PENTANOIC ACID (4-NITRO-PHENYL)-AMIDE' 364.419   2  ? ? ? ? 
3 water       nat water                                                                                  18.015    16 ? ? ? ? 
# 
_entity_poly.entity_id                      1 
_entity_poly.type                           'polypeptide(L)' 
_entity_poly.nstd_linkage                   no 
_entity_poly.nstd_monomer                   no 
_entity_poly.pdbx_seq_one_letter_code       
;AEAGITGTWYNQLGSTFIVTAGADGALTGTYESAVGNAESRYVLTGRYDSAPATDGSGTALGWTVAWKNNYRNAHSATTW
SGQYVGGAEARINTQWLLTSGTTEANAWKSTRVGHDTFTKVKPSAAS
;
_entity_poly.pdbx_seq_one_letter_code_can   
;AEAGITGTWYNQLGSTFIVTAGADGALTGTYESAVGNAESRYVLTGRYDSAPATDGSGTALGWTVAWKNNYRNAHSATTW
SGQYVGGAEARINTQWLLTSGTTEANAWKSTRVGHDTFTKVKPSAAS
;
_entity_poly.pdbx_strand_id                 A,B 
_entity_poly.pdbx_target_identifier         ? 
# 
loop_
_pdbx_entity_nonpoly.entity_id 
_pdbx_entity_nonpoly.name 
_pdbx_entity_nonpoly.comp_id 
2 '5-(2-OXO-HEXAHYDRO-THIENO[3,4-D]IMIDAZOL-6-YL)-PENTANOIC ACID (4-NITRO-PHENYL)-AMIDE' BNI 
3 water                                                                                  HOH 
# 
loop_
_entity_poly_seq.entity_id 
_entity_poly_seq.num 
_entity_poly_seq.mon_id 
_entity_poly_seq.hetero 
1 1   ALA n 
1 2   GLU n 
1 3   ALA n 
1 4   GLY n 
1 5   ILE n 
1 6   THR n 
1 7   GLY n 
1 8   THR n 
1 9   TRP n 
1 10  TYR n 
1 11  ASN n 
1 12  GLN n 
1 13  LEU n 
1 14  GLY n 
1 15  SER n 
1 16  THR n 
1 17  PHE n 
1 18  ILE n 
1 19  VAL n 
1 20  THR n 
1 21  ALA n 
1 22  GLY n 
1 23  ALA n 
1 24  ASP n 
1 25  GLY n 
1 26  ALA n 
1 27  LEU n 
1 28  THR n 
1 29  GLY n 
1 30  THR n 
1 31  TYR n 
1 32  GLU n 
1 33  SER n 
1 34  ALA n 
1 35  VAL n 
1 36  GLY n 
1 37  ASN n 
1 38  ALA n 
1 39  GLU n 
1 40  SER n 
1 41  ARG n 
1 42  TYR n 
1 43  VAL n 
1 44  LEU n 
1 45  THR n 
1 46  GLY n 
1 47  ARG n 
1 48  TYR n 
1 49  ASP n 
1 50  SER n 
1 51  ALA n 
1 52  PRO n 
1 53  ALA n 
1 54  THR n 
1 55  ASP n 
1 56  GLY n 
1 57  SER n 
1 58  GLY n 
1 59  THR n 
1 60  ALA n 
1 61  LEU n 
1 62  GLY n 
1 63  TRP n 
1 64  THR n 
1 65  VAL n 
1 66  ALA n 
1 67  TRP n 
1 68  LYS n 
1 69  ASN n 
1 70  ASN n 
1 71  TYR n 
1 72  ARG n 
1 73  ASN n 
1 74  ALA n 
1 75  HIS n 
1 76  SER n 
1 77  ALA n 
1 78  THR n 
1 79  THR n 
1 80  TRP n 
1 81  SER n 
1 82  GLY n 
1 83  GLN n 
1 84  TYR n 
1 85  VAL n 
1 86  GLY n 
1 87  GLY n 
1 88  ALA n 
1 89  GLU n 
1 90  ALA n 
1 91  ARG n 
1 92  ILE n 
1 93  ASN n 
1 94  THR n 
1 95  GLN n 
1 96  TRP n 
1 97  LEU n 
1 98  LEU n 
1 99  THR n 
1 100 SER n 
1 101 GLY n 
1 102 THR n 
1 103 THR n 
1 104 GLU n 
1 105 ALA n 
1 106 ASN n 
1 107 ALA n 
1 108 TRP n 
1 109 LYS n 
1 110 SER n 
1 111 THR n 
1 112 ARG n 
1 113 VAL n 
1 114 GLY n 
1 115 HIS n 
1 116 ASP n 
1 117 THR n 
1 118 PHE n 
1 119 THR n 
1 120 LYS n 
1 121 VAL n 
1 122 LYS n 
1 123 PRO n 
1 124 SER n 
1 125 ALA n 
1 126 ALA n 
1 127 SER n 
# 
_entity_src_gen.entity_id                          1 
_entity_src_gen.pdbx_src_id                        1 
_entity_src_gen.pdbx_alt_source_flag               sample 
_entity_src_gen.pdbx_seq_type                      ? 
_entity_src_gen.pdbx_beg_seq_num                   ? 
_entity_src_gen.pdbx_end_seq_num                   ? 
_entity_src_gen.gene_src_common_name               ? 
_entity_src_gen.gene_src_genus                     Streptomyces 
_entity_src_gen.pdbx_gene_src_gene                 ? 
_entity_src_gen.gene_src_species                   ? 
_entity_src_gen.gene_src_strain                    ? 
_entity_src_gen.gene_src_tissue                    ? 
_entity_src_gen.gene_src_tissue_fraction           ? 
_entity_src_gen.gene_src_details                   ? 
_entity_src_gen.pdbx_gene_src_fragment             ? 
_entity_src_gen.pdbx_gene_src_scientific_name      'Streptomyces avidinii' 
_entity_src_gen.pdbx_gene_src_ncbi_taxonomy_id     1895 
_entity_src_gen.pdbx_gene_src_variant              ? 
_entity_src_gen.pdbx_gene_src_cell_line            ? 
_entity_src_gen.pdbx_gene_src_atcc                 ? 
_entity_src_gen.pdbx_gene_src_organ                ? 
_entity_src_gen.pdbx_gene_src_organelle            ? 
_entity_src_gen.pdbx_gene_src_cell                 ? 
_entity_src_gen.pdbx_gene_src_cellular_location    ? 
_entity_src_gen.host_org_common_name               ? 
_entity_src_gen.pdbx_host_org_scientific_name      'Escherichia coli' 
_entity_src_gen.pdbx_host_org_ncbi_taxonomy_id     562 
_entity_src_gen.host_org_genus                     Escherichia 
_entity_src_gen.pdbx_host_org_gene                 ? 
_entity_src_gen.pdbx_host_org_organ                ? 
_entity_src_gen.host_org_species                   ? 
_entity_src_gen.pdbx_host_org_tissue               ? 
_entity_src_gen.pdbx_host_org_tissue_fraction      ? 
_entity_src_gen.pdbx_host_org_strain               ? 
_entity_src_gen.pdbx_host_org_variant              ? 
_entity_src_gen.pdbx_host_org_cell_line            ? 
_entity_src_gen.pdbx_host_org_atcc                 ? 
_entity_src_gen.pdbx_host_org_culture_collection   ? 
_entity_src_gen.pdbx_host_org_cell                 ? 
_entity_src_gen.pdbx_host_org_organelle            ? 
_entity_src_gen.pdbx_host_org_cellular_location    ? 
_entity_src_gen.pdbx_host_org_vector_type          plasmid 
_entity_src_gen.pdbx_host_org_vector               ? 
_entity_src_gen.host_org_details                   ? 
_entity_src_gen.expression_system_id               ? 
_entity_src_gen.plasmid_name                       pET-21a 
_entity_src_gen.plasmid_details                    ? 
_entity_src_gen.pdbx_description                   ? 
# 
loop_
_chem_comp.id 
_chem_comp.type 
_chem_comp.mon_nstd_flag 
_chem_comp.name 
_chem_comp.pdbx_synonyms 
_chem_comp.formula 
_chem_comp.formula_weight 
ALA 'L-peptide linking' y ALANINE                                                                                ? 'C3 H7 N O2' 
89.093  
ARG 'L-peptide linking' y ARGININE                                                                               ? 
'C6 H15 N4 O2 1'  175.209 
ASN 'L-peptide linking' y ASPARAGINE                                                                             ? 'C4 H8 N2 O3' 
132.118 
ASP 'L-peptide linking' y 'ASPARTIC ACID'                                                                        ? 'C4 H7 N O4' 
133.103 
BNI non-polymer         . '5-(2-OXO-HEXAHYDRO-THIENO[3,4-D]IMIDAZOL-6-YL)-PENTANOIC ACID (4-NITRO-PHENYL)-AMIDE' 
'BIOTINYL P-NITROANILINE' 'C16 H20 N4 O4 S' 364.419 
GLN 'L-peptide linking' y GLUTAMINE                                                                              ? 'C5 H10 N2 O3' 
146.144 
GLU 'L-peptide linking' y 'GLUTAMIC ACID'                                                                        ? 'C5 H9 N O4' 
147.129 
GLY 'peptide linking'   y GLYCINE                                                                                ? 'C2 H5 N O2' 
75.067  
HIS 'L-peptide linking' y HISTIDINE                                                                              ? 
'C6 H10 N3 O2 1'  156.162 
HOH non-polymer         . WATER                                                                                  ? 'H2 O' 18.015  
ILE 'L-peptide linking' y ISOLEUCINE                                                                             ? 'C6 H13 N O2' 
131.173 
LEU 'L-peptide linking' y LEUCINE                                                                                ? 'C6 H13 N O2' 
131.173 
LYS 'L-peptide linking' y LYSINE                                                                                 ? 
'C6 H15 N2 O2 1'  147.195 
PHE 'L-peptide linking' y PHENYLALANINE                                                                          ? 'C9 H11 N O2' 
165.189 
PRO 'L-peptide linking' y PROLINE                                                                                ? 'C5 H9 N O2' 
115.130 
SER 'L-peptide linking' y SERINE                                                                                 ? 'C3 H7 N O3' 
105.093 
THR 'L-peptide linking' y THREONINE                                                                              ? 'C4 H9 N O3' 
119.119 
TRP 'L-peptide linking' y TRYPTOPHAN                                                                             ? 'C11 H12 N2 O2' 
204.225 
TYR 'L-peptide linking' y TYROSINE                                                                               ? 'C9 H11 N O3' 
181.189 
VAL 'L-peptide linking' y VALINE                                                                                 ? 'C5 H11 N O2' 
117.146 
# 
loop_
_pdbx_poly_seq_scheme.asym_id 
_pdbx_poly_seq_scheme.entity_id 
_pdbx_poly_seq_scheme.seq_id 
_pdbx_poly_seq_scheme.mon_id 
_pdbx_poly_seq_scheme.ndb_seq_num 
_pdbx_poly_seq_scheme.pdb_seq_num 
_pdbx_poly_seq_scheme.auth_seq_num 
_pdbx_poly_seq_scheme.pdb_mon_id 
_pdbx_poly_seq_scheme.auth_mon_id 
_pdbx_poly_seq_scheme.pdb_strand_id 
_pdbx_poly_seq_scheme.pdb_ins_code 
_pdbx_poly_seq_scheme.hetero 
A 1 1   ALA 1   13  ?   ?   ?   A . n 
A 1 2   GLU 2   14  ?   ?   ?   A . n 
A 1 3   ALA 3   15  15  ALA ALA A . n 
A 1 4   GLY 4   16  16  GLY GLY A . n 
A 1 5   ILE 5   17  17  ILE ILE A . n 
A 1 6   THR 6   18  18  THR THR A . n 
A 1 7   GLY 7   19  19  GLY GLY A . n 
A 1 8   THR 8   20  20  THR THR A . n 
A 1 9   TRP 9   21  21  TRP TRP A . n 
A 1 10  TYR 10  22  22  TYR TYR A . n 
A 1 11  ASN 11  23  23  ASN ASN A . n 
A 1 12  GLN 12  24  24  GLN GLN A . n 
A 1 13  LEU 13  25  25  LEU LEU A . n 
A 1 14  GLY 14  26  26  GLY GLY A . n 
A 1 15  SER 15  27  27  SER SER A . n 
A 1 16  THR 16  28  28  THR THR A . n 
A 1 17  PHE 17  29  29  PHE PHE A . n 
A 1 18  ILE 18  30  30  ILE ILE A . n 
A 1 19  VAL 19  31  31  VAL VAL A . n 
A 1 20  THR 20  32  32  THR THR A . n 
A 1 21  ALA 21  33  33  ALA ALA A . n 
A 1 22  GLY 22  34  34  GLY GLY A . n 
A 1 23  ALA 23  35  35  ALA ALA A . n 
A 1 24  ASP 24  36  36  ASP ASP A . n 
A 1 25  GLY 25  37  37  GLY GLY A . n 
A 1 26  ALA 26  38  38  ALA ALA A . n 
A 1 27  LEU 27  39  39  LEU LEU A . n 
A 1 28  THR 28  40  40  THR THR A . n 
A 1 29  GLY 29  41  41  GLY GLY A . n 
A 1 30  THR 30  42  42  THR THR A . n 
A 1 31  TYR 31  43  43  TYR TYR A . n 
A 1 32  GLU 32  44  44  GLU GLU A . n 
A 1 33  SER 33  45  45  SER SER A . n 
A 1 34  ALA 34  46  46  ALA ALA A . n 
A 1 35  VAL 35  47  47  VAL VAL A . n 
A 1 36  GLY 36  48  48  GLY GLY A . n 
A 1 37  ASN 37  49  49  ASN ASN A . n 
A 1 38  ALA 38  50  50  ALA ALA A . n 
A 1 39  GLU 39  51  51  GLU GLU A . n 
A 1 40  SER 40  52  52  SER SER A . n 
A 1 41  ARG 41  53  53  ARG ARG A . n 
A 1 42  TYR 42  54  54  TYR TYR A . n 
A 1 43  VAL 43  55  55  VAL VAL A . n 
A 1 44  LEU 44  56  56  LEU LEU A . n 
A 1 45  THR 45  57  57  THR THR A . n 
A 1 46  GLY 46  58  58  GLY GLY A . n 
A 1 47  ARG 47  59  59  ARG ARG A . n 
A 1 48  TYR 48  60  60  TYR TYR A . n 
A 1 49  ASP 49  61  61  ASP ASP A . n 
A 1 50  SER 50  62  62  SER SER A . n 
A 1 51  ALA 51  63  63  ALA ALA A . n 
A 1 52  PRO 52  64  64  PRO PRO A . n 
A 1 53  ALA 53  65  65  ALA ALA A . n 
A 1 54  THR 54  66  66  THR THR A . n 
A 1 55  ASP 55  67  67  ASP ASP A . n 
A 1 56  GLY 56  68  68  GLY GLY A . n 
A 1 57  SER 57  69  69  SER SER A . n 
A 1 58  GLY 58  70  70  GLY GLY A . n 
A 1 59  THR 59  71  71  THR THR A . n 
A 1 60  ALA 60  72  72  ALA ALA A . n 
A 1 61  LEU 61  73  73  LEU LEU A . n 
A 1 62  GLY 62  74  74  GLY GLY A . n 
A 1 63  TRP 63  75  75  TRP TRP A . n 
A 1 64  THR 64  76  76  THR THR A . n 
A 1 65  VAL 65  77  77  VAL VAL A . n 
A 1 66  ALA 66  78  78  ALA ALA A . n 
A 1 67  TRP 67  79  79  TRP TRP A . n 
A 1 68  LYS 68  80  80  LYS LYS A . n 
A 1 69  ASN 69  81  81  ASN ASN A . n 
A 1 70  ASN 70  82  82  ASN ASN A . n 
A 1 71  TYR 71  83  83  TYR TYR A . n 
A 1 72  ARG 72  84  84  ARG ARG A . n 
A 1 73  ASN 73  85  85  ASN ASN A . n 
A 1 74  ALA 74  86  86  ALA ALA A . n 
A 1 75  HIS 75  87  87  HIS HIS A . n 
A 1 76  SER 76  88  88  SER SER A . n 
A 1 77  ALA 77  89  89  ALA ALA A . n 
A 1 78  THR 78  90  90  THR THR A . n 
A 1 79  THR 79  91  91  THR THR A . n 
A 1 80  TRP 80  92  92  TRP TRP A . n 
A 1 81  SER 81  93  93  SER SER A . n 
A 1 82  GLY 82  94  94  GLY GLY A . n 
A 1 83  GLN 83  95  95  GLN GLN A . n 
A 1 84  TYR 84  96  96  TYR TYR A . n 
A 1 85  VAL 85  97  97  VAL VAL A . n 
A 1 86  GLY 86  98  98  GLY GLY A . n 
A 1 87  GLY 87  99  99  GLY GLY A . n 
A 1 88  ALA 88  100 100 ALA ALA A . n 
A 1 89  GLU 89  101 101 GLU GLU A . n 
A 1 90  ALA 90  102 102 ALA ALA A . n 
A 1 91  ARG 91  103 103 ARG ARG A . n 
A 1 92  ILE 92  104 104 ILE ILE A . n 
A 1 93  ASN 93  105 105 ASN ASN A . n 
A 1 94  THR 94  106 106 THR THR A . n 
A 1 95  GLN 95  107 107 GLN GLN A . n 
A 1 96  TRP 96  108 108 TRP TRP A . n 
A 1 97  LEU 97  109 109 LEU LEU A . n 
A 1 98  LEU 98  110 110 LEU LEU A . n 
A 1 99  THR 99  111 111 THR THR A . n 
A 1 100 SER 100 112 112 SER SER A . n 
A 1 101 GLY 101 113 113 GLY GLY A . n 
A 1 102 THR 102 114 114 THR THR A . n 
A 1 103 THR 103 115 115 THR THR A . n 
A 1 104 GLU 104 116 116 GLU GLU A . n 
A 1 105 ALA 105 117 117 ALA ALA A . n 
A 1 106 ASN 106 118 118 ASN ASN A . n 
A 1 107 ALA 107 119 119 ALA ALA A . n 
A 1 108 TRP 108 120 120 TRP TRP A . n 
A 1 109 LYS 109 121 121 LYS LYS A . n 
A 1 110 SER 110 122 122 SER SER A . n 
A 1 111 THR 111 123 123 THR THR A . n 
A 1 112 ARG 112 124 124 ARG ARG A . n 
A 1 113 VAL 113 125 125 VAL VAL A . n 
A 1 114 GLY 114 126 126 GLY GLY A . n 
A 1 115 HIS 115 127 127 HIS HIS A . n 
A 1 116 ASP 116 128 128 ASP ASP A . n 
A 1 117 THR 117 129 129 THR THR A . n 
A 1 118 PHE 118 130 130 PHE PHE A . n 
A 1 119 THR 119 131 131 THR THR A . n 
A 1 120 LYS 120 132 132 LYS LYS A . n 
A 1 121 VAL 121 133 ?   ?   ?   A . n 
A 1 122 LYS 122 134 ?   ?   ?   A . n 
A 1 123 PRO 123 135 ?   ?   ?   A . n 
A 1 124 SER 124 136 ?   ?   ?   A . n 
A 1 125 ALA 125 137 ?   ?   ?   A . n 
A 1 126 ALA 126 138 ?   ?   ?   A . n 
A 1 127 SER 127 139 ?   ?   ?   A . n 
B 1 1   ALA 1   213 ?   ?   ?   B . n 
B 1 2   GLU 2   214 ?   ?   ?   B . n 
B 1 3   ALA 3   215 215 ALA ALA B . n 
B 1 4   GLY 4   216 216 GLY GLY B . n 
B 1 5   ILE 5   217 217 ILE ILE B . n 
B 1 6   THR 6   218 218 THR THR B . n 
B 1 7   GLY 7   219 219 GLY GLY B . n 
B 1 8   THR 8   220 220 THR THR B . n 
B 1 9   TRP 9   221 221 TRP TRP B . n 
B 1 10  TYR 10  222 222 TYR TYR B . n 
B 1 11  ASN 11  223 223 ASN ASN B . n 
B 1 12  GLN 12  224 224 GLN GLN B . n 
B 1 13  LEU 13  225 225 LEU LEU B . n 
B 1 14  GLY 14  226 226 GLY GLY B . n 
B 1 15  SER 15  227 227 SER SER B . n 
B 1 16  THR 16  228 228 THR THR B . n 
B 1 17  PHE 17  229 229 PHE PHE B . n 
B 1 18  ILE 18  230 230 ILE ILE B . n 
B 1 19  VAL 19  231 231 VAL VAL B . n 
B 1 20  THR 20  232 232 THR THR B . n 
B 1 21  ALA 21  233 233 ALA ALA B . n 
B 1 22  GLY 22  234 234 GLY GLY B . n 
B 1 23  ALA 23  235 235 ALA ALA B . n 
B 1 24  ASP 24  236 236 ASP ASP B . n 
B 1 25  GLY 25  237 237 GLY GLY B . n 
B 1 26  ALA 26  238 238 ALA ALA B . n 
B 1 27  LEU 27  239 239 LEU LEU B . n 
B 1 28  THR 28  240 240 THR THR B . n 
B 1 29  GLY 29  241 241 GLY GLY B . n 
B 1 30  THR 30  242 242 THR THR B . n 
B 1 31  TYR 31  243 243 TYR TYR B . n 
B 1 32  GLU 32  244 244 GLU GLU B . n 
B 1 33  SER 33  245 245 SER SER B . n 
B 1 34  ALA 34  246 246 ALA ALA B . n 
B 1 35  VAL 35  247 247 VAL VAL B . n 
B 1 36  GLY 36  248 248 GLY GLY B . n 
B 1 37  ASN 37  249 249 ASN ASN B . n 
B 1 38  ALA 38  250 250 ALA ALA B . n 
B 1 39  GLU 39  251 251 GLU GLU B . n 
B 1 40  SER 40  252 252 SER SER B . n 
B 1 41  ARG 41  253 253 ARG ARG B . n 
B 1 42  TYR 42  254 254 TYR TYR B . n 
B 1 43  VAL 43  255 255 VAL VAL B . n 
B 1 44  LEU 44  256 256 LEU LEU B . n 
B 1 45  THR 45  257 257 THR THR B . n 
B 1 46  GLY 46  258 258 GLY GLY B . n 
B 1 47  ARG 47  259 259 ARG ARG B . n 
B 1 48  TYR 48  260 260 TYR TYR B . n 
B 1 49  ASP 49  261 261 ASP ASP B . n 
B 1 50  SER 50  262 262 SER SER B . n 
B 1 51  ALA 51  263 263 ALA ALA B . n 
B 1 52  PRO 52  264 264 PRO PRO B . n 
B 1 53  ALA 53  265 265 ALA ALA B . n 
B 1 54  THR 54  266 266 THR THR B . n 
B 1 55  ASP 55  267 267 ASP ASP B . n 
B 1 56  GLY 56  268 268 GLY GLY B . n 
B 1 57  SER 57  269 269 SER SER B . n 
B 1 58  GLY 58  270 270 GLY GLY B . n 
B 1 59  THR 59  271 271 THR THR B . n 
B 1 60  ALA 60  272 272 ALA ALA B . n 
B 1 61  LEU 61  273 273 LEU LEU B . n 
B 1 62  GLY 62  274 274 GLY GLY B . n 
B 1 63  TRP 63  275 275 TRP TRP B . n 
B 1 64  THR 64  276 276 THR THR B . n 
B 1 65  VAL 65  277 277 VAL VAL B . n 
B 1 66  ALA 66  278 278 ALA ALA B . n 
B 1 67  TRP 67  279 279 TRP TRP B . n 
B 1 68  LYS 68  280 280 LYS LYS B . n 
B 1 69  ASN 69  281 281 ASN ASN B . n 
B 1 70  ASN 70  282 282 ASN ASN B . n 
B 1 71  TYR 71  283 283 TYR TYR B . n 
B 1 72  ARG 72  284 284 ARG ARG B . n 
B 1 73  ASN 73  285 285 ASN ASN B . n 
B 1 74  ALA 74  286 286 ALA ALA B . n 
B 1 75  HIS 75  287 287 HIS HIS B . n 
B 1 76  SER 76  288 288 SER SER B . n 
B 1 77  ALA 77  289 289 ALA ALA B . n 
B 1 78  THR 78  290 290 THR THR B . n 
B 1 79  THR 79  291 291 THR THR B . n 
B 1 80  TRP 80  292 292 TRP TRP B . n 
B 1 81  SER 81  293 293 SER SER B . n 
B 1 82  GLY 82  294 294 GLY GLY B . n 
B 1 83  GLN 83  295 295 GLN GLN B . n 
B 1 84  TYR 84  296 296 TYR TYR B . n 
B 1 85  VAL 85  297 297 VAL VAL B . n 
B 1 86  GLY 86  298 298 GLY GLY B . n 
B 1 87  GLY 87  299 299 GLY GLY B . n 
B 1 88  ALA 88  300 300 ALA ALA B . n 
B 1 89  GLU 89  301 301 GLU GLU B . n 
B 1 90  ALA 90  302 302 ALA ALA B . n 
B 1 91  ARG 91  303 303 ARG ARG B . n 
B 1 92  ILE 92  304 304 ILE ILE B . n 
B 1 93  ASN 93  305 305 ASN ASN B . n 
B 1 94  THR 94  306 306 THR THR B . n 
B 1 95  GLN 95  307 307 GLN GLN B . n 
B 1 96  TRP 96  308 308 TRP TRP B . n 
B 1 97  LEU 97  309 309 LEU LEU B . n 
B 1 98  LEU 98  310 310 LEU LEU B . n 
B 1 99  THR 99  311 311 THR THR B . n 
B 1 100 SER 100 312 312 SER SER B . n 
B 1 101 GLY 101 313 313 GLY GLY B . n 
B 1 102 THR 102 314 314 THR THR B . n 
B 1 103 THR 103 315 315 THR THR B . n 
B 1 104 GLU 104 316 316 GLU GLU B . n 
B 1 105 ALA 105 317 317 ALA ALA B . n 
B 1 106 ASN 106 318 318 ASN ASN B . n 
B 1 107 ALA 107 319 319 ALA ALA B . n 
B 1 108 TRP 108 320 320 TRP TRP B . n 
B 1 109 LYS 109 321 321 LYS LYS B . n 
B 1 110 SER 110 322 322 SER SER B . n 
B 1 111 THR 111 323 323 THR THR B . n 
B 1 112 ARG 112 324 324 ARG ARG B . n 
B 1 113 VAL 113 325 325 VAL VAL B . n 
B 1 114 GLY 114 326 326 GLY GLY B . n 
B 1 115 HIS 115 327 327 HIS HIS B . n 
B 1 116 ASP 116 328 328 ASP ASP B . n 
B 1 117 THR 117 329 329 THR THR B . n 
B 1 118 PHE 118 330 330 PHE PHE B . n 
B 1 119 THR 119 331 331 THR THR B . n 
B 1 120 LYS 120 332 332 LYS LYS B . n 
B 1 121 VAL 121 333 333 VAL VAL B . n 
B 1 122 LYS 122 334 334 LYS LYS B . n 
B 1 123 PRO 123 335 335 PRO PRO B . n 
B 1 124 SER 124 336 ?   ?   ?   B . n 
B 1 125 ALA 125 337 ?   ?   ?   B . n 
B 1 126 ALA 126 338 ?   ?   ?   B . n 
B 1 127 SER 127 339 ?   ?   ?   B . n 
# 
loop_
_pdbx_nonpoly_scheme.asym_id 
_pdbx_nonpoly_scheme.entity_id 
_pdbx_nonpoly_scheme.mon_id 
_pdbx_nonpoly_scheme.ndb_seq_num 
_pdbx_nonpoly_scheme.pdb_seq_num 
_pdbx_nonpoly_scheme.auth_seq_num 
_pdbx_nonpoly_scheme.pdb_mon_id 
_pdbx_nonpoly_scheme.auth_mon_id 
_pdbx_nonpoly_scheme.pdb_strand_id 
_pdbx_nonpoly_scheme.pdb_ins_code 
C 2 BNI 1 501 501 BNI BNA A . 
D 2 BNI 1 502 502 BNI BNA B . 
E 3 HOH 1 601 601 HOH TIP A . 
E 3 HOH 2 607 607 HOH TIP A . 
E 3 HOH 3 608 608 HOH TIP A . 
E 3 HOH 4 610 610 HOH TIP A . 
E 3 HOH 5 611 611 HOH TIP A . 
E 3 HOH 6 612 612 HOH TIP A . 
E 3 HOH 7 613 613 HOH TIP A . 
E 3 HOH 8 616 616 HOH TIP A . 
F 3 HOH 1 602 602 HOH TIP B . 
F 3 HOH 2 603 603 HOH TIP B . 
F 3 HOH 3 604 604 HOH TIP B . 
F 3 HOH 4 605 605 HOH TIP B . 
F 3 HOH 5 606 606 HOH TIP B . 
F 3 HOH 6 609 609 HOH TIP B . 
F 3 HOH 7 614 614 HOH TIP B . 
F 3 HOH 8 615 615 HOH TIP B . 
# 
loop_
_software.name 
_software.classification 
_software.version 
_software.citation_id 
_software.pdbx_ordinal 
DENZO     'data reduction' . ? 1 
SCALEPACK 'data scaling'   . ? 2 
AMoRE     phasing          . ? 3 
CNS       refinement       . ? 4 
# 
_cell.entry_id           1RXH 
_cell.length_a           56.385 
_cell.length_b           56.385 
_cell.length_c           238.571 
_cell.angle_alpha        90.00 
_cell.angle_beta         90.00 
_cell.angle_gamma        120.00 
_cell.Z_PDB              24 
_cell.pdbx_unique_axis   ? 
# 
_symmetry.entry_id                         1RXH 
_symmetry.space_group_name_H-M             'P 65 2 2' 
_symmetry.pdbx_full_space_group_name_H-M   ? 
_symmetry.cell_setting                     ? 
_symmetry.Int_Tables_number                179 
# 
_exptl.entry_id          1RXH 
_exptl.method            'X-RAY DIFFRACTION' 
_exptl.crystals_number   1 
# 
_exptl_crystal.id                    1 
_exptl_crystal.density_meas          ? 
_exptl_crystal.density_percent_sol   40.11 
_exptl_crystal.description           ? 
_exptl_crystal.density_Matthews      2.05 
# 
_diffrn.id                     1 
_diffrn.ambient_temp           110 
_diffrn.ambient_temp_details   ? 
_diffrn.crystal_id             1 
# 
_diffrn_detector.diffrn_id              1 
_diffrn_detector.detector               'IMAGE PLATE' 
_diffrn_detector.type                   'RIGAKU RAXIS IV' 
_diffrn_detector.pdbx_collection_date   2002-10-20 
_diffrn_detector.details                'Max Flux' 
# 
_diffrn_radiation.diffrn_id                        1 
_diffrn_radiation.wavelength_id                    1 
_diffrn_radiation.pdbx_monochromatic_or_laue_m_l   M 
_diffrn_radiation.monochromator                    ? 
_diffrn_radiation.pdbx_diffrn_protocol             'SINGLE WAVELENGTH' 
_diffrn_radiation.pdbx_scattering_type             x-ray 
# 
_diffrn_radiation_wavelength.id           1 
_diffrn_radiation_wavelength.wavelength   1.54 
_diffrn_radiation_wavelength.wt           1.0 
# 
_diffrn_source.diffrn_id                   1 
_diffrn_source.source                      'ROTATING ANODE' 
_diffrn_source.type                        RIGAKU 
_diffrn_source.pdbx_synchrotron_site       ? 
_diffrn_source.pdbx_synchrotron_beamline   ? 
_diffrn_source.pdbx_wavelength             ? 
_diffrn_source.pdbx_wavelength_list        1.54 
# 
_reflns.entry_id                     1RXH 
_reflns.observed_criterion_sigma_F   1 
_reflns.observed_criterion_sigma_I   1 
_reflns.d_resolution_high            2.9 
_reflns.d_resolution_low             40 
_reflns.number_all                   ? 
_reflns.number_obs                   5466 
_reflns.percent_possible_obs         97.9 
_reflns.pdbx_Rmerge_I_obs            ? 
_reflns.pdbx_Rsym_value              ? 
_reflns.pdbx_netI_over_sigmaI        ? 
_reflns.B_iso_Wilson_estimate        ? 
_reflns.pdbx_redundancy              ? 
_reflns.R_free_details               ? 
_reflns.limit_h_max                  ? 
_reflns.limit_h_min                  ? 
_reflns.limit_k_max                  ? 
_reflns.limit_k_min                  ? 
_reflns.limit_l_max                  ? 
_reflns.limit_l_min                  ? 
_reflns.observed_criterion_F_max     ? 
_reflns.observed_criterion_F_min     ? 
_reflns.pdbx_ordinal                 1 
_reflns.pdbx_diffrn_id               1 
# 
_reflns_shell.d_res_high             2.9 
_reflns_shell.d_res_low              3.0 
_reflns_shell.percent_possible_all   98.3 
_reflns_shell.Rmerge_I_obs           ? 
_reflns_shell.pdbx_Rsym_value        ? 
_reflns_shell.meanI_over_sigI_obs    ? 
_reflns_shell.pdbx_redundancy        ? 
_reflns_shell.percent_possible_obs   ? 
_reflns_shell.number_unique_all      ? 
_reflns_shell.pdbx_ordinal           1 
_reflns_shell.pdbx_diffrn_id         1 
# 
_refine.entry_id                                 1RXH 
_refine.ls_d_res_high                            2.9 
_refine.ls_d_res_low                             40 
_refine.pdbx_ls_sigma_F                          1 
_refine.pdbx_ls_sigma_I                          ? 
_refine.ls_number_reflns_all                     5568 
_refine.ls_number_reflns_obs                     5309 
_refine.ls_number_reflns_R_free                  294 
_refine.ls_percent_reflns_obs                    ? 
_refine.ls_R_factor_all                          0.22 
_refine.ls_R_factor_obs                          0.218 
_refine.ls_R_factor_R_work                       0.212 
_refine.ls_R_factor_R_free                       0.309 
_refine.ls_redundancy_reflns_obs                 ? 
_refine.pdbx_data_cutoff_high_absF               ? 
_refine.pdbx_data_cutoff_low_absF                ? 
_refine.ls_number_parameters                     ? 
_refine.ls_number_restraints                     ? 
_refine.ls_percent_reflns_R_free                 ? 
_refine.ls_R_factor_R_free_error                 ? 
_refine.ls_R_factor_R_free_error_details         ? 
_refine.pdbx_method_to_determine_struct          'MOLECULAR REPLACEMENT' 
_refine.pdbx_starting_model                      ? 
_refine.pdbx_ls_cross_valid_method               ? 
_refine.pdbx_R_Free_selection_details            random 
_refine.pdbx_stereochem_target_val_spec_case     ? 
_refine.pdbx_stereochemistry_target_values       'Engh & Huber' 
_refine.solvent_model_details                    ? 
_refine.solvent_model_param_bsol                 ? 
_refine.solvent_model_param_ksol                 ? 
_refine.occupancy_max                            ? 
_refine.occupancy_min                            ? 
_refine.pdbx_isotropic_thermal_model             ? 
_refine.B_iso_mean                               ? 
_refine.aniso_B[1][1]                            ? 
_refine.aniso_B[1][2]                            ? 
_refine.aniso_B[1][3]                            ? 
_refine.aniso_B[2][2]                            ? 
_refine.aniso_B[2][3]                            ? 
_refine.aniso_B[3][3]                            ? 
_refine.details                                  ? 
_refine.B_iso_min                                ? 
_refine.B_iso_max                                ? 
_refine.correlation_coeff_Fo_to_Fc               ? 
_refine.correlation_coeff_Fo_to_Fc_free          ? 
_refine.pdbx_solvent_vdw_probe_radii             ? 
_refine.pdbx_solvent_ion_probe_radii             ? 
_refine.pdbx_solvent_shrinkage_radii             ? 
_refine.overall_SU_R_Cruickshank_DPI             ? 
_refine.overall_SU_R_free                        ? 
_refine.overall_SU_B                             ? 
_refine.overall_SU_ML                            ? 
_refine.pdbx_overall_ESU_R                       ? 
_refine.pdbx_overall_ESU_R_Free                  ? 
_refine.pdbx_data_cutoff_high_rms_absF           ? 
_refine.pdbx_refine_id                           'X-RAY DIFFRACTION' 
_refine.pdbx_diffrn_id                           1 
_refine.pdbx_TLS_residual_ADP_flag               ? 
_refine.pdbx_overall_phase_error                 ? 
_refine.pdbx_overall_SU_R_free_Cruickshank_DPI   ? 
_refine.pdbx_overall_SU_R_Blow_DPI               ? 
_refine.pdbx_overall_SU_R_free_Blow_DPI          ? 
# 
_refine_hist.pdbx_refine_id                   'X-RAY DIFFRACTION' 
_refine_hist.cycle_id                         LAST 
_refine_hist.pdbx_number_atoms_protein        1789 
_refine_hist.pdbx_number_atoms_nucleic_acid   0 
_refine_hist.pdbx_number_atoms_ligand         50 
_refine_hist.number_atoms_solvent             16 
_refine_hist.number_atoms_total               1855 
_refine_hist.d_res_high                       2.9 
_refine_hist.d_res_low                        40 
# 
_struct.entry_id                  1RXH 
_struct.title                     
'Crystal structure of streptavidin mutant L124R (M1) complexed with biotinyl p-nitroanilide (BNI)' 
_struct.pdbx_model_details        ? 
_struct.pdbx_CASP_flag            ? 
_struct.pdbx_model_type_details   ? 
# 
_struct_keywords.entry_id        1RXH 
_struct_keywords.pdbx_keywords   'UNKNOWN FUNCTION' 
_struct_keywords.text            'avidin, streptavidin, pseudo enzymatic activity, UNKNOWN FUNCTION' 
# 
loop_
_struct_asym.id 
_struct_asym.pdbx_blank_PDB_chainid_flag 
_struct_asym.pdbx_modified 
_struct_asym.entity_id 
_struct_asym.details 
A N N 1 ? 
B N N 1 ? 
C N N 2 ? 
D N N 2 ? 
E N N 3 ? 
F N N 3 ? 
# 
_struct_ref.id                         1 
_struct_ref.db_name                    UNP 
_struct_ref.db_code                    SAV_STRAV 
_struct_ref.pdbx_db_accession          P22629 
_struct_ref.entity_id                  1 
_struct_ref.pdbx_seq_one_letter_code   
;AEAGITGTWYNQLGSTFIVTAGADGALTGTYESAVGNAESRYVLTGRYDSAPATDGSGTALGWTVAWKNNYRNAHSATTW
SGQYVGGAEARINTQWLLTSGTTEANAWKSTLVGHDTFTKVKPSAAS
;
_struct_ref.pdbx_align_begin           37 
_struct_ref.pdbx_db_isoform            ? 
# 
loop_
_struct_ref_seq.align_id 
_struct_ref_seq.ref_id 
_struct_ref_seq.pdbx_PDB_id_code 
_struct_ref_seq.pdbx_strand_id 
_struct_ref_seq.seq_align_beg 
_struct_ref_seq.pdbx_seq_align_beg_ins_code 
_struct_ref_seq.seq_align_end 
_struct_ref_seq.pdbx_seq_align_end_ins_code 
_struct_ref_seq.pdbx_db_accession 
_struct_ref_seq.db_align_beg 
_struct_ref_seq.pdbx_db_align_beg_ins_code 
_struct_ref_seq.db_align_end 
_struct_ref_seq.pdbx_db_align_end_ins_code 
_struct_ref_seq.pdbx_auth_seq_align_beg 
_struct_ref_seq.pdbx_auth_seq_align_end 
1 1 1RXH A 1 ? 127 ? P22629 37 ? 163 ? 13  139 
2 1 1RXH B 1 ? 127 ? P22629 37 ? 163 ? 213 339 
# 
loop_
_struct_ref_seq_dif.align_id 
_struct_ref_seq_dif.pdbx_pdb_id_code 
_struct_ref_seq_dif.mon_id 
_struct_ref_seq_dif.pdbx_pdb_strand_id 
_struct_ref_seq_dif.seq_num 
_struct_ref_seq_dif.pdbx_pdb_ins_code 
_struct_ref_seq_dif.pdbx_seq_db_name 
_struct_ref_seq_dif.pdbx_seq_db_accession_code 
_struct_ref_seq_dif.db_mon_id 
_struct_ref_seq_dif.pdbx_seq_db_seq_num 
_struct_ref_seq_dif.details 
_struct_ref_seq_dif.pdbx_auth_seq_num 
_struct_ref_seq_dif.pdbx_ordinal 
1 1RXH ARG A 112 ? UNP P22629 LEU 148 'engineered mutation' 124 1 
2 1RXH ARG B 112 ? UNP P22629 LEU 148 'engineered mutation' 324 2 
# 
_pdbx_struct_assembly.id                   1 
_pdbx_struct_assembly.details              author_and_software_defined_assembly 
_pdbx_struct_assembly.method_details       PISA,PQS 
_pdbx_struct_assembly.oligomeric_details   tetrameric 
_pdbx_struct_assembly.oligomeric_count     4 
# 
loop_
_pdbx_struct_assembly_prop.biol_id 
_pdbx_struct_assembly_prop.type 
_pdbx_struct_assembly_prop.value 
_pdbx_struct_assembly_prop.details 
1 'ABSA (A^2)' 11200 ? 
1 MORE         -33   ? 
1 'SSA (A^2)'  18910 ? 
# 
_pdbx_struct_assembly_gen.assembly_id       1 
_pdbx_struct_assembly_gen.oper_expression   1,2 
_pdbx_struct_assembly_gen.asym_id_list      A,B,C,D,E,F 
# 
loop_
_pdbx_struct_oper_list.id 
_pdbx_struct_oper_list.type 
_pdbx_struct_oper_list.name 
_pdbx_struct_oper_list.symmetry_operation 
_pdbx_struct_oper_list.matrix[1][1] 
_pdbx_struct_oper_list.matrix[1][2] 
_pdbx_struct_oper_list.matrix[1][3] 
_pdbx_struct_oper_list.vector[1] 
_pdbx_struct_oper_list.matrix[2][1] 
_pdbx_struct_oper_list.matrix[2][2] 
_pdbx_struct_oper_list.matrix[2][3] 
_pdbx_struct_oper_list.vector[2] 
_pdbx_struct_oper_list.matrix[3][1] 
_pdbx_struct_oper_list.matrix[3][2] 
_pdbx_struct_oper_list.matrix[3][3] 
_pdbx_struct_oper_list.vector[3] 
1 'identity operation'         1_555  x,y,z            1.0000000000 0.0000000000 0.0000000000  0.0000000000  0.0000000000 1.0000000000  0.0000000000  0.0000000000  0.0000000000  0.0000000000  1.0000000000  0.0000000000   
2 'crystal symmetry operation' 10_775 -y+2,-x+2,-z+1/6 0.3646838814 0.8976636062 -0.2473978915 -4.2549693772 0.8976636062 -0.4095336210 -0.1627337191 -0.8042423990 -0.2473978915 -0.1627337191 -0.9551502604 -26.3891790599 
# 
_struct_biol.id                    1 
_struct_biol.details               
;Two monomers in the asymmetric unit starting at residues 13 and 213.  The second part of the biological assembly is generated by the symmetry operation -y,-x,-z+1/6
;
_struct_biol.pdbx_parent_biol_id   ? 
# 
loop_
_struct_conf.conf_type_id 
_struct_conf.id 
_struct_conf.pdbx_PDB_helix_id 
_struct_conf.beg_label_comp_id 
_struct_conf.beg_label_asym_id 
_struct_conf.beg_label_seq_id 
_struct_conf.pdbx_beg_PDB_ins_code 
_struct_conf.end_label_comp_id 
_struct_conf.end_label_asym_id 
_struct_conf.end_label_seq_id 
_struct_conf.pdbx_end_PDB_ins_code 
_struct_conf.beg_auth_comp_id 
_struct_conf.beg_auth_asym_id 
_struct_conf.beg_auth_seq_id 
_struct_conf.end_auth_comp_id 
_struct_conf.end_auth_asym_id 
_struct_conf.end_auth_seq_id 
_struct_conf.pdbx_PDB_helix_class 
_struct_conf.details 
_struct_conf.pdbx_PDB_helix_length 
HELX_P HELX_P1 1 ASN A 106 ? LYS A 109 ? ASN A 118 LYS A 121 5 ? 4 
HELX_P HELX_P2 2 THR B 103 ? TRP B 108 ? THR B 315 TRP B 320 1 ? 6 
# 
_struct_conf_type.id          HELX_P 
_struct_conf_type.criteria    ? 
_struct_conf_type.reference   ? 
# 
loop_
_struct_sheet.id 
_struct_sheet.type 
_struct_sheet.number_strands 
_struct_sheet.details 
A ? 10 ? 
B ? 10 ? 
# 
loop_
_struct_sheet_order.sheet_id 
_struct_sheet_order.range_id_1 
_struct_sheet_order.range_id_2 
_struct_sheet_order.offset 
_struct_sheet_order.sense 
A 1 2  ? anti-parallel 
A 2 3  ? anti-parallel 
A 3 4  ? anti-parallel 
A 4 5  ? anti-parallel 
A 5 6  ? anti-parallel 
A 6 7  ? anti-parallel 
A 7 8  ? anti-parallel 
A 8 9  ? anti-parallel 
A 9 10 ? anti-parallel 
B 1 2  ? anti-parallel 
B 2 3  ? anti-parallel 
B 3 4  ? anti-parallel 
B 4 5  ? anti-parallel 
B 5 6  ? anti-parallel 
B 6 7  ? anti-parallel 
B 7 8  ? anti-parallel 
B 8 9  ? anti-parallel 
B 9 10 ? anti-parallel 
# 
loop_
_struct_sheet_range.sheet_id 
_struct_sheet_range.id 
_struct_sheet_range.beg_label_comp_id 
_struct_sheet_range.beg_label_asym_id 
_struct_sheet_range.beg_label_seq_id 
_struct_sheet_range.pdbx_beg_PDB_ins_code 
_struct_sheet_range.end_label_comp_id 
_struct_sheet_range.end_label_asym_id 
_struct_sheet_range.end_label_seq_id 
_struct_sheet_range.pdbx_end_PDB_ins_code 
_struct_sheet_range.beg_auth_comp_id 
_struct_sheet_range.beg_auth_asym_id 
_struct_sheet_range.beg_auth_seq_id 
_struct_sheet_range.end_auth_comp_id 
_struct_sheet_range.end_auth_asym_id 
_struct_sheet_range.end_auth_seq_id 
A 1  THR A 111 ? GLY A 114 ? THR A 123 GLY A 126 
A 2  ARG A 91  ? SER A 100 ? ARG A 103 SER A 112 
A 3  THR A 117 ? THR A 119 ? THR A 129 THR A 131 
A 4  GLY A 7   ? TYR A 10  ? GLY A 19  TYR A 22  
A 5  THR A 16  ? ALA A 21  ? THR A 28  ALA A 33  
A 6  ALA A 26  ? GLU A 32  ? ALA A 38  GLU A 44  
A 7  ARG A 41  ? TYR A 48  ? ARG A 53  TYR A 60  
A 8  THR A 59  ? LYS A 68  ? THR A 71  LYS A 80  
A 9  ASN A 73  ? VAL A 85  ? ASN A 85  VAL A 97  
A 10 ARG A 91  ? SER A 100 ? ARG A 103 SER A 112 
B 1  TYR B 42  ? VAL B 43  ? TYR B 254 VAL B 255 
B 2  ALA B 26  ? GLU B 32  ? ALA B 238 GLU B 244 
B 3  THR B 45  ? TYR B 48  ? THR B 257 TYR B 260 
B 4  THR B 59  ? LYS B 68  ? THR B 271 LYS B 280 
B 5  ASN B 73  ? VAL B 85  ? ASN B 285 VAL B 297 
B 6  ARG B 91  ? SER B 100 ? ARG B 303 SER B 312 
B 7  THR B 111 ? THR B 119 ? THR B 323 THR B 331 
B 8  GLY B 7   ? ASN B 11  ? GLY B 219 ASN B 223 
B 9  THR B 16  ? ALA B 21  ? THR B 228 ALA B 233 
B 10 ALA B 26  ? GLU B 32  ? ALA B 238 GLU B 244 
# 
loop_
_pdbx_struct_sheet_hbond.sheet_id 
_pdbx_struct_sheet_hbond.range_id_1 
_pdbx_struct_sheet_hbond.range_id_2 
_pdbx_struct_sheet_hbond.range_1_label_atom_id 
_pdbx_struct_sheet_hbond.range_1_label_comp_id 
_pdbx_struct_sheet_hbond.range_1_label_asym_id 
_pdbx_struct_sheet_hbond.range_1_label_seq_id 
_pdbx_struct_sheet_hbond.range_1_PDB_ins_code 
_pdbx_struct_sheet_hbond.range_1_auth_atom_id 
_pdbx_struct_sheet_hbond.range_1_auth_comp_id 
_pdbx_struct_sheet_hbond.range_1_auth_asym_id 
_pdbx_struct_sheet_hbond.range_1_auth_seq_id 
_pdbx_struct_sheet_hbond.range_2_label_atom_id 
_pdbx_struct_sheet_hbond.range_2_label_comp_id 
_pdbx_struct_sheet_hbond.range_2_label_asym_id 
_pdbx_struct_sheet_hbond.range_2_label_seq_id 
_pdbx_struct_sheet_hbond.range_2_PDB_ins_code 
_pdbx_struct_sheet_hbond.range_2_auth_atom_id 
_pdbx_struct_sheet_hbond.range_2_auth_comp_id 
_pdbx_struct_sheet_hbond.range_2_auth_asym_id 
_pdbx_struct_sheet_hbond.range_2_auth_seq_id 
A 1 2  O ARG A 112 ? O ARG A 124 N LEU A 98  ? N LEU A 110 
A 2 3  N ILE A 92  ? N ILE A 104 O PHE A 118 ? O PHE A 130 
A 3 4  O THR A 119 ? O THR A 131 N TYR A 10  ? N TYR A 22  
A 4 5  N TRP A 9   ? N TRP A 21  O PHE A 17  ? O PHE A 29  
A 5 6  N THR A 20  ? N THR A 32  O THR A 28  ? O THR A 40  
A 6 7  N LEU A 27  ? N LEU A 39  O GLY A 46  ? O GLY A 58  
A 7 8  N ARG A 47  ? N ARG A 59  O GLY A 62  ? O GLY A 74  
A 8 9  N VAL A 65  ? N VAL A 77  O THR A 78  ? O THR A 90  
A 9 10 N SER A 81  ? N SER A 93  O GLN A 95  ? O GLN A 107 
B 1 2  O TYR B 42  ? O TYR B 254 N TYR B 31  ? N TYR B 243 
B 2 3  N LEU B 27  ? N LEU B 239 O GLY B 46  ? O GLY B 258 
B 3 4  N ARG B 47  ? N ARG B 259 O GLY B 62  ? O GLY B 274 
B 4 5  N THR B 59  ? N THR B 271 O TYR B 84  ? O TYR B 296 
B 5 6  N VAL B 85  ? N VAL B 297 O ARG B 91  ? O ARG B 303 
B 6 7  N LEU B 98  ? N LEU B 310 O ARG B 112 ? O ARG B 324 
B 7 8  O THR B 119 ? O THR B 331 N TYR B 10  ? N TYR B 222 
B 8 9  N TRP B 9   ? N TRP B 221 O PHE B 17  ? O PHE B 229 
B 9 10 N THR B 16  ? N THR B 228 O GLU B 32  ? O GLU B 244 
# 
loop_
_struct_site.id 
_struct_site.pdbx_evidence_code 
_struct_site.pdbx_auth_asym_id 
_struct_site.pdbx_auth_comp_id 
_struct_site.pdbx_auth_seq_id 
_struct_site.pdbx_auth_ins_code 
_struct_site.pdbx_num_residues 
_struct_site.details 
AC1 Software A BNI 501 ? 17 'BINDING SITE FOR RESIDUE BNI A 501' 
AC2 Software B BNI 502 ? 16 'BINDING SITE FOR RESIDUE BNI B 502' 
# 
loop_
_struct_site_gen.id 
_struct_site_gen.site_id 
_struct_site_gen.pdbx_num_res 
_struct_site_gen.label_comp_id 
_struct_site_gen.label_asym_id 
_struct_site_gen.label_seq_id 
_struct_site_gen.pdbx_auth_ins_code 
_struct_site_gen.auth_comp_id 
_struct_site_gen.auth_asym_id 
_struct_site_gen.auth_seq_id 
_struct_site_gen.label_atom_id 
_struct_site_gen.label_alt_id 
_struct_site_gen.symmetry 
_struct_site_gen.details 
1  AC1 17 ASN A 11  ? ASN A 23  . ? 1_555  ? 
2  AC1 17 LEU A 13  ? LEU A 25  . ? 1_555  ? 
3  AC1 17 SER A 15  ? SER A 27  . ? 1_555  ? 
4  AC1 17 TYR A 31  ? TYR A 43  . ? 1_555  ? 
5  AC1 17 SER A 33  ? SER A 45  . ? 1_555  ? 
6  AC1 17 VAL A 35  ? VAL A 47  . ? 1_555  ? 
7  AC1 17 GLY A 36  ? GLY A 48  . ? 1_555  ? 
8  AC1 17 ASN A 37  ? ASN A 49  . ? 1_555  ? 
9  AC1 17 TRP A 67  ? TRP A 79  . ? 1_555  ? 
10 AC1 17 ALA A 74  ? ALA A 86  . ? 1_555  ? 
11 AC1 17 SER A 76  ? SER A 88  . ? 1_555  ? 
12 AC1 17 THR A 78  ? THR A 90  . ? 1_555  ? 
13 AC1 17 TRP A 96  ? TRP A 108 . ? 1_555  ? 
14 AC1 17 LEU A 98  ? LEU A 110 . ? 1_555  ? 
15 AC1 17 ARG A 112 ? ARG A 124 . ? 1_555  ? 
16 AC1 17 ASP A 116 ? ASP A 128 . ? 1_555  ? 
17 AC1 17 TRP B 108 ? TRP B 320 . ? 10_775 ? 
18 AC2 16 ASN B 11  ? ASN B 223 . ? 1_555  ? 
19 AC2 16 LEU B 13  ? LEU B 225 . ? 1_555  ? 
20 AC2 16 SER B 15  ? SER B 227 . ? 1_555  ? 
21 AC2 16 TYR B 31  ? TYR B 243 . ? 1_555  ? 
22 AC2 16 SER B 33  ? SER B 245 . ? 1_555  ? 
23 AC2 16 VAL B 35  ? VAL B 247 . ? 1_555  ? 
24 AC2 16 ASN B 37  ? ASN B 249 . ? 1_555  ? 
25 AC2 16 THR B 54  ? THR B 266 . ? 6_654  ? 
26 AC2 16 ASP B 55  ? ASP B 267 . ? 6_654  ? 
27 AC2 16 TRP B 67  ? TRP B 279 . ? 1_555  ? 
28 AC2 16 ALA B 74  ? ALA B 286 . ? 1_555  ? 
29 AC2 16 SER B 76  ? SER B 288 . ? 1_555  ? 
30 AC2 16 THR B 78  ? THR B 290 . ? 1_555  ? 
31 AC2 16 TRP B 96  ? TRP B 308 . ? 1_555  ? 
32 AC2 16 ARG B 112 ? ARG B 324 . ? 1_555  ? 
33 AC2 16 ASP B 116 ? ASP B 328 . ? 1_555  ? 
# 
loop_
_pdbx_validate_torsion.id 
_pdbx_validate_torsion.PDB_model_num 
_pdbx_validate_torsion.auth_comp_id 
_pdbx_validate_torsion.auth_asym_id 
_pdbx_validate_torsion.auth_seq_id 
_pdbx_validate_torsion.PDB_ins_code 
_pdbx_validate_torsion.label_alt_id 
_pdbx_validate_torsion.phi 
_pdbx_validate_torsion.psi 
1  1 ASN A 49  ? ? -102.49 64.90   
2  1 SER A 52  ? ? 66.23   -169.96 
3  1 ASP A 67  ? ? -59.88  -107.40 
4  1 SER A 69  ? ? -47.98  157.21  
5  1 LEU A 73  ? ? -167.38 -165.31 
6  1 TRP A 79  ? ? -67.93  59.66   
7  1 ASN A 81  ? ? -151.14 -152.99 
8  1 SER A 88  ? ? 178.96  143.33  
9  1 GLU A 116 ? ? -35.48  -32.99  
10 1 LYS A 121 ? ? -93.12  31.63   
11 1 GLU B 251 ? ? -177.69 118.97  
12 1 SER B 252 ? ? 81.10   -173.69 
13 1 ALA B 263 ? ? -118.94 74.79   
14 1 ASP B 267 ? ? -67.42  -134.72 
15 1 SER B 269 ? ? -6.00   131.44  
16 1 ASN B 281 ? ? -158.61 -148.58 
17 1 HIS B 287 ? ? 44.86   70.89   
18 1 ALA B 300 ? ? -63.68  -71.87  
19 1 LYS B 334 ? ? 132.99  141.93  
# 
loop_
_pdbx_unobs_or_zero_occ_residues.id 
_pdbx_unobs_or_zero_occ_residues.PDB_model_num 
_pdbx_unobs_or_zero_occ_residues.polymer_flag 
_pdbx_unobs_or_zero_occ_residues.occupancy_flag 
_pdbx_unobs_or_zero_occ_residues.auth_asym_id 
_pdbx_unobs_or_zero_occ_residues.auth_comp_id 
_pdbx_unobs_or_zero_occ_residues.auth_seq_id 
_pdbx_unobs_or_zero_occ_residues.PDB_ins_code 
_pdbx_unobs_or_zero_occ_residues.label_asym_id 
_pdbx_unobs_or_zero_occ_residues.label_comp_id 
_pdbx_unobs_or_zero_occ_residues.label_seq_id 
1  1 Y 1 A ALA 13  ? A ALA 1   
2  1 Y 1 A GLU 14  ? A GLU 2   
3  1 Y 1 A VAL 133 ? A VAL 121 
4  1 Y 1 A LYS 134 ? A LYS 122 
5  1 Y 1 A PRO 135 ? A PRO 123 
6  1 Y 1 A SER 136 ? A SER 124 
7  1 Y 1 A ALA 137 ? A ALA 125 
8  1 Y 1 A ALA 138 ? A ALA 126 
9  1 Y 1 A SER 139 ? A SER 127 
10 1 Y 1 B ALA 213 ? B ALA 1   
11 1 Y 1 B GLU 214 ? B GLU 2   
12 1 Y 1 B SER 336 ? B SER 124 
13 1 Y 1 B ALA 337 ? B ALA 125 
14 1 Y 1 B ALA 338 ? B ALA 126 
15 1 Y 1 B SER 339 ? B SER 127 
# 
loop_
_chem_comp_atom.comp_id 
_chem_comp_atom.atom_id 
_chem_comp_atom.type_symbol 
_chem_comp_atom.pdbx_aromatic_flag 
_chem_comp_atom.pdbx_stereo_config 
_chem_comp_atom.pdbx_ordinal 
ALA N    N N N 1   
ALA CA   C N S 2   
ALA C    C N N 3   
ALA O    O N N 4   
ALA CB   C N N 5   
ALA OXT  O N N 6   
ALA H    H N N 7   
ALA H2   H N N 8   
ALA HA   H N N 9   
ALA HB1  H N N 10  
ALA HB2  H N N 11  
ALA HB3  H N N 12  
ALA HXT  H N N 13  
ARG N    N N N 14  
ARG CA   C N S 15  
ARG C    C N N 16  
ARG O    O N N 17  
ARG CB   C N N 18  
ARG CG   C N N 19  
ARG CD   C N N 20  
ARG NE   N N N 21  
ARG CZ   C N N 22  
ARG NH1  N N N 23  
ARG NH2  N N N 24  
ARG OXT  O N N 25  
ARG H    H N N 26  
ARG H2   H N N 27  
ARG HA   H N N 28  
ARG HB2  H N N 29  
ARG HB3  H N N 30  
ARG HG2  H N N 31  
ARG HG3  H N N 32  
ARG HD2  H N N 33  
ARG HD3  H N N 34  
ARG HE   H N N 35  
ARG HH11 H N N 36  
ARG HH12 H N N 37  
ARG HH21 H N N 38  
ARG HH22 H N N 39  
ARG HXT  H N N 40  
ASN N    N N N 41  
ASN CA   C N S 42  
ASN C    C N N 43  
ASN O    O N N 44  
ASN CB   C N N 45  
ASN CG   C N N 46  
ASN OD1  O N N 47  
ASN ND2  N N N 48  
ASN OXT  O N N 49  
ASN H    H N N 50  
ASN H2   H N N 51  
ASN HA   H N N 52  
ASN HB2  H N N 53  
ASN HB3  H N N 54  
ASN HD21 H N N 55  
ASN HD22 H N N 56  
ASN HXT  H N N 57  
ASP N    N N N 58  
ASP CA   C N S 59  
ASP C    C N N 60  
ASP O    O N N 61  
ASP CB   C N N 62  
ASP CG   C N N 63  
ASP OD1  O N N 64  
ASP OD2  O N N 65  
ASP OXT  O N N 66  
ASP H    H N N 67  
ASP H2   H N N 68  
ASP HA   H N N 69  
ASP HB2  H N N 70  
ASP HB3  H N N 71  
ASP HD2  H N N 72  
ASP HXT  H N N 73  
BNI C1   C N N 74  
BNI C10  C N N 75  
BNI C9   C N N 76  
BNI C8   C N N 77  
BNI C7   C N N 78  
BNI C2   C N S 79  
BNI C6   C N N 80  
BNI C4   C N S 81  
BNI C5   C N R 82  
BNI C3   C N N 83  
BNI O2   O N N 84  
BNI O3   O N N 85  
BNI N1   N N N 86  
BNI N2   N N N 87  
BNI S1   S N N 88  
BNI N17  N N N 89  
BNI C18  C Y N 90  
BNI C20  C Y N 91  
BNI C21  C Y N 92  
BNI C22  C Y N 93  
BNI C23  C Y N 94  
BNI C24  C Y N 95  
BNI N25  N N N 96  
BNI O26  O N N 97  
BNI O27  O N N 98  
BNI H101 H N N 99  
BNI H102 H N N 100 
BNI H91  H N N 101 
BNI H92  H N N 102 
BNI H81  H N N 103 
BNI H82  H N N 104 
BNI H71  H N N 105 
BNI H72  H N N 106 
BNI H21A H N N 107 
BNI H61  H N N 108 
BNI H62  H N N 109 
BNI HC4  H N N 110 
BNI HC5  H N N 111 
BNI HN11 H N N 112 
BNI HN21 H N N 113 
BNI H171 H N N 114 
BNI H20  H N N 115 
BNI H21  H N N 116 
BNI H23  H N N 117 
BNI H24  H N N 118 
GLN N    N N N 119 
GLN CA   C N S 120 
GLN C    C N N 121 
GLN O    O N N 122 
GLN CB   C N N 123 
GLN CG   C N N 124 
GLN CD   C N N 125 
GLN OE1  O N N 126 
GLN NE2  N N N 127 
GLN OXT  O N N 128 
GLN H    H N N 129 
GLN H2   H N N 130 
GLN HA   H N N 131 
GLN HB2  H N N 132 
GLN HB3  H N N 133 
GLN HG2  H N N 134 
GLN HG3  H N N 135 
GLN HE21 H N N 136 
GLN HE22 H N N 137 
GLN HXT  H N N 138 
GLU N    N N N 139 
GLU CA   C N S 140 
GLU C    C N N 141 
GLU O    O N N 142 
GLU CB   C N N 143 
GLU CG   C N N 144 
GLU CD   C N N 145 
GLU OE1  O N N 146 
GLU OE2  O N N 147 
GLU OXT  O N N 148 
GLU H    H N N 149 
GLU H2   H N N 150 
GLU HA   H N N 151 
GLU HB2  H N N 152 
GLU HB3  H N N 153 
GLU HG2  H N N 154 
GLU HG3  H N N 155 
GLU HE2  H N N 156 
GLU HXT  H N N 157 
GLY N    N N N 158 
GLY CA   C N N 159 
GLY C    C N N 160 
GLY O    O N N 161 
GLY OXT  O N N 162 
GLY H    H N N 163 
GLY H2   H N N 164 
GLY HA2  H N N 165 
GLY HA3  H N N 166 
GLY HXT  H N N 167 
HIS N    N N N 168 
HIS CA   C N S 169 
HIS C    C N N 170 
HIS O    O N N 171 
HIS CB   C N N 172 
HIS CG   C Y N 173 
HIS ND1  N Y N 174 
HIS CD2  C Y N 175 
HIS CE1  C Y N 176 
HIS NE2  N Y N 177 
HIS OXT  O N N 178 
HIS H    H N N 179 
HIS H2   H N N 180 
HIS HA   H N N 181 
HIS HB2  H N N 182 
HIS HB3  H N N 183 
HIS HD1  H N N 184 
HIS HD2  H N N 185 
HIS HE1  H N N 186 
HIS HE2  H N N 187 
HIS HXT  H N N 188 
HOH O    O N N 189 
HOH H1   H N N 190 
HOH H2   H N N 191 
ILE N    N N N 192 
ILE CA   C N S 193 
ILE C    C N N 194 
ILE O    O N N 195 
ILE CB   C N S 196 
ILE CG1  C N N 197 
ILE CG2  C N N 198 
ILE CD1  C N N 199 
ILE OXT  O N N 200 
ILE H    H N N 201 
ILE H2   H N N 202 
ILE HA   H N N 203 
ILE HB   H N N 204 
ILE HG12 H N N 205 
ILE HG13 H N N 206 
ILE HG21 H N N 207 
ILE HG22 H N N 208 
ILE HG23 H N N 209 
ILE HD11 H N N 210 
ILE HD12 H N N 211 
ILE HD13 H N N 212 
ILE HXT  H N N 213 
LEU N    N N N 214 
LEU CA   C N S 215 
LEU C    C N N 216 
LEU O    O N N 217 
LEU CB   C N N 218 
LEU CG   C N N 219 
LEU CD1  C N N 220 
LEU CD2  C N N 221 
LEU OXT  O N N 222 
LEU H    H N N 223 
LEU H2   H N N 224 
LEU HA   H N N 225 
LEU HB2  H N N 226 
LEU HB3  H N N 227 
LEU HG   H N N 228 
LEU HD11 H N N 229 
LEU HD12 H N N 230 
LEU HD13 H N N 231 
LEU HD21 H N N 232 
LEU HD22 H N N 233 
LEU HD23 H N N 234 
LEU HXT  H N N 235 
LYS N    N N N 236 
LYS CA   C N S 237 
LYS C    C N N 238 
LYS O    O N N 239 
LYS CB   C N N 240 
LYS CG   C N N 241 
LYS CD   C N N 242 
LYS CE   C N N 243 
LYS NZ   N N N 244 
LYS OXT  O N N 245 
LYS H    H N N 246 
LYS H2   H N N 247 
LYS HA   H N N 248 
LYS HB2  H N N 249 
LYS HB3  H N N 250 
LYS HG2  H N N 251 
LYS HG3  H N N 252 
LYS HD2  H N N 253 
LYS HD3  H N N 254 
LYS HE2  H N N 255 
LYS HE3  H N N 256 
LYS HZ1  H N N 257 
LYS HZ2  H N N 258 
LYS HZ3  H N N 259 
LYS HXT  H N N 260 
PHE N    N N N 261 
PHE CA   C N S 262 
PHE C    C N N 263 
PHE O    O N N 264 
PHE CB   C N N 265 
PHE CG   C Y N 266 
PHE CD1  C Y N 267 
PHE CD2  C Y N 268 
PHE CE1  C Y N 269 
PHE CE2  C Y N 270 
PHE CZ   C Y N 271 
PHE OXT  O N N 272 
PHE H    H N N 273 
PHE H2   H N N 274 
PHE HA   H N N 275 
PHE HB2  H N N 276 
PHE HB3  H N N 277 
PHE HD1  H N N 278 
PHE HD2  H N N 279 
PHE HE1  H N N 280 
PHE HE2  H N N 281 
PHE HZ   H N N 282 
PHE HXT  H N N 283 
PRO N    N N N 284 
PRO CA   C N S 285 
PRO C    C N N 286 
PRO O    O N N 287 
PRO CB   C N N 288 
PRO CG   C N N 289 
PRO CD   C N N 290 
PRO OXT  O N N 291 
PRO H    H N N 292 
PRO HA   H N N 293 
PRO HB2  H N N 294 
PRO HB3  H N N 295 
PRO HG2  H N N 296 
PRO HG3  H N N 297 
PRO HD2  H N N 298 
PRO HD3  H N N 299 
PRO HXT  H N N 300 
SER N    N N N 301 
SER CA   C N S 302 
SER C    C N N 303 
SER O    O N N 304 
SER CB   C N N 305 
SER OG   O N N 306 
SER OXT  O N N 307 
SER H    H N N 308 
SER H2   H N N 309 
SER HA   H N N 310 
SER HB2  H N N 311 
SER HB3  H N N 312 
SER HG   H N N 313 
SER HXT  H N N 314 
THR N    N N N 315 
THR CA   C N S 316 
THR C    C N N 317 
THR O    O N N 318 
THR CB   C N R 319 
THR OG1  O N N 320 
THR CG2  C N N 321 
THR OXT  O N N 322 
THR H    H N N 323 
THR H2   H N N 324 
THR HA   H N N 325 
THR HB   H N N 326 
THR HG1  H N N 327 
THR HG21 H N N 328 
THR HG22 H N N 329 
THR HG23 H N N 330 
THR HXT  H N N 331 
TRP N    N N N 332 
TRP CA   C N S 333 
TRP C    C N N 334 
TRP O    O N N 335 
TRP CB   C N N 336 
TRP CG   C Y N 337 
TRP CD1  C Y N 338 
TRP CD2  C Y N 339 
TRP NE1  N Y N 340 
TRP CE2  C Y N 341 
TRP CE3  C Y N 342 
TRP CZ2  C Y N 343 
TRP CZ3  C Y N 344 
TRP CH2  C Y N 345 
TRP OXT  O N N 346 
TRP H    H N N 347 
TRP H2   H N N 348 
TRP HA   H N N 349 
TRP HB2  H N N 350 
TRP HB3  H N N 351 
TRP HD1  H N N 352 
TRP HE1  H N N 353 
TRP HE3  H N N 354 
TRP HZ2  H N N 355 
TRP HZ3  H N N 356 
TRP HH2  H N N 357 
TRP HXT  H N N 358 
TYR N    N N N 359 
TYR CA   C N S 360 
TYR C    C N N 361 
TYR O    O N N 362 
TYR CB   C N N 363 
TYR CG   C Y N 364 
TYR CD1  C Y N 365 
TYR CD2  C Y N 366 
TYR CE1  C Y N 367 
TYR CE2  C Y N 368 
TYR CZ   C Y N 369 
TYR OH   O N N 370 
TYR OXT  O N N 371 
TYR H    H N N 372 
TYR H2   H N N 373 
TYR HA   H N N 374 
TYR HB2  H N N 375 
TYR HB3  H N N 376 
TYR HD1  H N N 377 
TYR HD2  H N N 378 
TYR HE1  H N N 379 
TYR HE2  H N N 380 
TYR HH   H N N 381 
TYR HXT  H N N 382 
VAL N    N N N 383 
VAL CA   C N S 384 
VAL C    C N N 385 
VAL O    O N N 386 
VAL CB   C N N 387 
VAL CG1  C N N 388 
VAL CG2  C N N 389 
VAL OXT  O N N 390 
VAL H    H N N 391 
VAL H2   H N N 392 
VAL HA   H N N 393 
VAL HB   H N N 394 
VAL HG11 H N N 395 
VAL HG12 H N N 396 
VAL HG13 H N N 397 
VAL HG21 H N N 398 
VAL HG22 H N N 399 
VAL HG23 H N N 400 
VAL HXT  H N N 401 
# 
loop_
_chem_comp_bond.comp_id 
_chem_comp_bond.atom_id_1 
_chem_comp_bond.atom_id_2 
_chem_comp_bond.value_order 
_chem_comp_bond.pdbx_aromatic_flag 
_chem_comp_bond.pdbx_stereo_config 
_chem_comp_bond.pdbx_ordinal 
ALA N   CA   sing N N 1   
ALA N   H    sing N N 2   
ALA N   H2   sing N N 3   
ALA CA  C    sing N N 4   
ALA CA  CB   sing N N 5   
ALA CA  HA   sing N N 6   
ALA C   O    doub N N 7   
ALA C   OXT  sing N N 8   
ALA CB  HB1  sing N N 9   
ALA CB  HB2  sing N N 10  
ALA CB  HB3  sing N N 11  
ALA OXT HXT  sing N N 12  
ARG N   CA   sing N N 13  
ARG N   H    sing N N 14  
ARG N   H2   sing N N 15  
ARG CA  C    sing N N 16  
ARG CA  CB   sing N N 17  
ARG CA  HA   sing N N 18  
ARG C   O    doub N N 19  
ARG C   OXT  sing N N 20  
ARG CB  CG   sing N N 21  
ARG CB  HB2  sing N N 22  
ARG CB  HB3  sing N N 23  
ARG CG  CD   sing N N 24  
ARG CG  HG2  sing N N 25  
ARG CG  HG3  sing N N 26  
ARG CD  NE   sing N N 27  
ARG CD  HD2  sing N N 28  
ARG CD  HD3  sing N N 29  
ARG NE  CZ   sing N N 30  
ARG NE  HE   sing N N 31  
ARG CZ  NH1  sing N N 32  
ARG CZ  NH2  doub N N 33  
ARG NH1 HH11 sing N N 34  
ARG NH1 HH12 sing N N 35  
ARG NH2 HH21 sing N N 36  
ARG NH2 HH22 sing N N 37  
ARG OXT HXT  sing N N 38  
ASN N   CA   sing N N 39  
ASN N   H    sing N N 40  
ASN N   H2   sing N N 41  
ASN CA  C    sing N N 42  
ASN CA  CB   sing N N 43  
ASN CA  HA   sing N N 44  
ASN C   O    doub N N 45  
ASN C   OXT  sing N N 46  
ASN CB  CG   sing N N 47  
ASN CB  HB2  sing N N 48  
ASN CB  HB3  sing N N 49  
ASN CG  OD1  doub N N 50  
ASN CG  ND2  sing N N 51  
ASN ND2 HD21 sing N N 52  
ASN ND2 HD22 sing N N 53  
ASN OXT HXT  sing N N 54  
ASP N   CA   sing N N 55  
ASP N   H    sing N N 56  
ASP N   H2   sing N N 57  
ASP CA  C    sing N N 58  
ASP CA  CB   sing N N 59  
ASP CA  HA   sing N N 60  
ASP C   O    doub N N 61  
ASP C   OXT  sing N N 62  
ASP CB  CG   sing N N 63  
ASP CB  HB2  sing N N 64  
ASP CB  HB3  sing N N 65  
ASP CG  OD1  doub N N 66  
ASP CG  OD2  sing N N 67  
ASP OD2 HD2  sing N N 68  
ASP OXT HXT  sing N N 69  
BNI C1  C10  sing N N 70  
BNI C1  O2   doub N N 71  
BNI C1  N17  sing N N 72  
BNI C10 C9   sing N N 73  
BNI C10 H101 sing N N 74  
BNI C10 H102 sing N N 75  
BNI C9  C8   sing N N 76  
BNI C9  H91  sing N N 77  
BNI C9  H92  sing N N 78  
BNI C8  C7   sing N N 79  
BNI C8  H81  sing N N 80  
BNI C8  H82  sing N N 81  
BNI C7  C2   sing N N 82  
BNI C7  H71  sing N N 83  
BNI C7  H72  sing N N 84  
BNI C2  C4   sing N N 85  
BNI C2  S1   sing N N 86  
BNI C2  H21A sing N N 87  
BNI C6  C5   sing N N 88  
BNI C6  S1   sing N N 89  
BNI C6  H61  sing N N 90  
BNI C6  H62  sing N N 91  
BNI C4  C5   sing N N 92  
BNI C4  N2   sing N N 93  
BNI C4  HC4  sing N N 94  
BNI C5  N1   sing N N 95  
BNI C5  HC5  sing N N 96  
BNI C3  O3   doub N N 97  
BNI C3  N1   sing N N 98  
BNI C3  N2   sing N N 99  
BNI N1  HN11 sing N N 100 
BNI N2  HN21 sing N N 101 
BNI N17 C18  sing N N 102 
BNI N17 H171 sing N N 103 
BNI C18 C20  doub Y N 104 
BNI C18 C24  sing Y N 105 
BNI C20 C21  sing Y N 106 
BNI C20 H20  sing N N 107 
BNI C21 C22  doub Y N 108 
BNI C21 H21  sing N N 109 
BNI C22 C23  sing Y N 110 
BNI C22 N25  sing N N 111 
BNI C23 C24  doub Y N 112 
BNI C23 H23  sing N N 113 
BNI C24 H24  sing N N 114 
BNI N25 O26  doub N N 115 
BNI N25 O27  sing N N 116 
GLN N   CA   sing N N 117 
GLN N   H    sing N N 118 
GLN N   H2   sing N N 119 
GLN CA  C    sing N N 120 
GLN CA  CB   sing N N 121 
GLN CA  HA   sing N N 122 
GLN C   O    doub N N 123 
GLN C   OXT  sing N N 124 
GLN CB  CG   sing N N 125 
GLN CB  HB2  sing N N 126 
GLN CB  HB3  sing N N 127 
GLN CG  CD   sing N N 128 
GLN CG  HG2  sing N N 129 
GLN CG  HG3  sing N N 130 
GLN CD  OE1  doub N N 131 
GLN CD  NE2  sing N N 132 
GLN NE2 HE21 sing N N 133 
GLN NE2 HE22 sing N N 134 
GLN OXT HXT  sing N N 135 
GLU N   CA   sing N N 136 
GLU N   H    sing N N 137 
GLU N   H2   sing N N 138 
GLU CA  C    sing N N 139 
GLU CA  CB   sing N N 140 
GLU CA  HA   sing N N 141 
GLU C   O    doub N N 142 
GLU C   OXT  sing N N 143 
GLU CB  CG   sing N N 144 
GLU CB  HB2  sing N N 145 
GLU CB  HB3  sing N N 146 
GLU CG  CD   sing N N 147 
GLU CG  HG2  sing N N 148 
GLU CG  HG3  sing N N 149 
GLU CD  OE1  doub N N 150 
GLU CD  OE2  sing N N 151 
GLU OE2 HE2  sing N N 152 
GLU OXT HXT  sing N N 153 
GLY N   CA   sing N N 154 
GLY N   H    sing N N 155 
GLY N   H2   sing N N 156 
GLY CA  C    sing N N 157 
GLY CA  HA2  sing N N 158 
GLY CA  HA3  sing N N 159 
GLY C   O    doub N N 160 
GLY C   OXT  sing N N 161 
GLY OXT HXT  sing N N 162 
HIS N   CA   sing N N 163 
HIS N   H    sing N N 164 
HIS N   H2   sing N N 165 
HIS CA  C    sing N N 166 
HIS CA  CB   sing N N 167 
HIS CA  HA   sing N N 168 
HIS C   O    doub N N 169 
HIS C   OXT  sing N N 170 
HIS CB  CG   sing N N 171 
HIS CB  HB2  sing N N 172 
HIS CB  HB3  sing N N 173 
HIS CG  ND1  sing Y N 174 
HIS CG  CD2  doub Y N 175 
HIS ND1 CE1  doub Y N 176 
HIS ND1 HD1  sing N N 177 
HIS CD2 NE2  sing Y N 178 
HIS CD2 HD2  sing N N 179 
HIS CE1 NE2  sing Y N 180 
HIS CE1 HE1  sing N N 181 
HIS NE2 HE2  sing N N 182 
HIS OXT HXT  sing N N 183 
HOH O   H1   sing N N 184 
HOH O   H2   sing N N 185 
ILE N   CA   sing N N 186 
ILE N   H    sing N N 187 
ILE N   H2   sing N N 188 
ILE CA  C    sing N N 189 
ILE CA  CB   sing N N 190 
ILE CA  HA   sing N N 191 
ILE C   O    doub N N 192 
ILE C   OXT  sing N N 193 
ILE CB  CG1  sing N N 194 
ILE CB  CG2  sing N N 195 
ILE CB  HB   sing N N 196 
ILE CG1 CD1  sing N N 197 
ILE CG1 HG12 sing N N 198 
ILE CG1 HG13 sing N N 199 
ILE CG2 HG21 sing N N 200 
ILE CG2 HG22 sing N N 201 
ILE CG2 HG23 sing N N 202 
ILE CD1 HD11 sing N N 203 
ILE CD1 HD12 sing N N 204 
ILE CD1 HD13 sing N N 205 
ILE OXT HXT  sing N N 206 
LEU N   CA   sing N N 207 
LEU N   H    sing N N 208 
LEU N   H2   sing N N 209 
LEU CA  C    sing N N 210 
LEU CA  CB   sing N N 211 
LEU CA  HA   sing N N 212 
LEU C   O    doub N N 213 
LEU C   OXT  sing N N 214 
LEU CB  CG   sing N N 215 
LEU CB  HB2  sing N N 216 
LEU CB  HB3  sing N N 217 
LEU CG  CD1  sing N N 218 
LEU CG  CD2  sing N N 219 
LEU CG  HG   sing N N 220 
LEU CD1 HD11 sing N N 221 
LEU CD1 HD12 sing N N 222 
LEU CD1 HD13 sing N N 223 
LEU CD2 HD21 sing N N 224 
LEU CD2 HD22 sing N N 225 
LEU CD2 HD23 sing N N 226 
LEU OXT HXT  sing N N 227 
LYS N   CA   sing N N 228 
LYS N   H    sing N N 229 
LYS N   H2   sing N N 230 
LYS CA  C    sing N N 231 
LYS CA  CB   sing N N 232 
LYS CA  HA   sing N N 233 
LYS C   O    doub N N 234 
LYS C   OXT  sing N N 235 
LYS CB  CG   sing N N 236 
LYS CB  HB2  sing N N 237 
LYS CB  HB3  sing N N 238 
LYS CG  CD   sing N N 239 
LYS CG  HG2  sing N N 240 
LYS CG  HG3  sing N N 241 
LYS CD  CE   sing N N 242 
LYS CD  HD2  sing N N 243 
LYS CD  HD3  sing N N 244 
LYS CE  NZ   sing N N 245 
LYS CE  HE2  sing N N 246 
LYS CE  HE3  sing N N 247 
LYS NZ  HZ1  sing N N 248 
LYS NZ  HZ2  sing N N 249 
LYS NZ  HZ3  sing N N 250 
LYS OXT HXT  sing N N 251 
PHE N   CA   sing N N 252 
PHE N   H    sing N N 253 
PHE N   H2   sing N N 254 
PHE CA  C    sing N N 255 
PHE CA  CB   sing N N 256 
PHE CA  HA   sing N N 257 
PHE C   O    doub N N 258 
PHE C   OXT  sing N N 259 
PHE CB  CG   sing N N 260 
PHE CB  HB2  sing N N 261 
PHE CB  HB3  sing N N 262 
PHE CG  CD1  doub Y N 263 
PHE CG  CD2  sing Y N 264 
PHE CD1 CE1  sing Y N 265 
PHE CD1 HD1  sing N N 266 
PHE CD2 CE2  doub Y N 267 
PHE CD2 HD2  sing N N 268 
PHE CE1 CZ   doub Y N 269 
PHE CE1 HE1  sing N N 270 
PHE CE2 CZ   sing Y N 271 
PHE CE2 HE2  sing N N 272 
PHE CZ  HZ   sing N N 273 
PHE OXT HXT  sing N N 274 
PRO N   CA   sing N N 275 
PRO N   CD   sing N N 276 
PRO N   H    sing N N 277 
PRO CA  C    sing N N 278 
PRO CA  CB   sing N N 279 
PRO CA  HA   sing N N 280 
PRO C   O    doub N N 281 
PRO C   OXT  sing N N 282 
PRO CB  CG   sing N N 283 
PRO CB  HB2  sing N N 284 
PRO CB  HB3  sing N N 285 
PRO CG  CD   sing N N 286 
PRO CG  HG2  sing N N 287 
PRO CG  HG3  sing N N 288 
PRO CD  HD2  sing N N 289 
PRO CD  HD3  sing N N 290 
PRO OXT HXT  sing N N 291 
SER N   CA   sing N N 292 
SER N   H    sing N N 293 
SER N   H2   sing N N 294 
SER CA  C    sing N N 295 
SER CA  CB   sing N N 296 
SER CA  HA   sing N N 297 
SER C   O    doub N N 298 
SER C   OXT  sing N N 299 
SER CB  OG   sing N N 300 
SER CB  HB2  sing N N 301 
SER CB  HB3  sing N N 302 
SER OG  HG   sing N N 303 
SER OXT HXT  sing N N 304 
THR N   CA   sing N N 305 
THR N   H    sing N N 306 
THR N   H2   sing N N 307 
THR CA  C    sing N N 308 
THR CA  CB   sing N N 309 
THR CA  HA   sing N N 310 
THR C   O    doub N N 311 
THR C   OXT  sing N N 312 
THR CB  OG1  sing N N 313 
THR CB  CG2  sing N N 314 
THR CB  HB   sing N N 315 
THR OG1 HG1  sing N N 316 
THR CG2 HG21 sing N N 317 
THR CG2 HG22 sing N N 318 
THR CG2 HG23 sing N N 319 
THR OXT HXT  sing N N 320 
TRP N   CA   sing N N 321 
TRP N   H    sing N N 322 
TRP N   H2   sing N N 323 
TRP CA  C    sing N N 324 
TRP CA  CB   sing N N 325 
TRP CA  HA   sing N N 326 
TRP C   O    doub N N 327 
TRP C   OXT  sing N N 328 
TRP CB  CG   sing N N 329 
TRP CB  HB2  sing N N 330 
TRP CB  HB3  sing N N 331 
TRP CG  CD1  doub Y N 332 
TRP CG  CD2  sing Y N 333 
TRP CD1 NE1  sing Y N 334 
TRP CD1 HD1  sing N N 335 
TRP CD2 CE2  doub Y N 336 
TRP CD2 CE3  sing Y N 337 
TRP NE1 CE2  sing Y N 338 
TRP NE1 HE1  sing N N 339 
TRP CE2 CZ2  sing Y N 340 
TRP CE3 CZ3  doub Y N 341 
TRP CE3 HE3  sing N N 342 
TRP CZ2 CH2  doub Y N 343 
TRP CZ2 HZ2  sing N N 344 
TRP CZ3 CH2  sing Y N 345 
TRP CZ3 HZ3  sing N N 346 
TRP CH2 HH2  sing N N 347 
TRP OXT HXT  sing N N 348 
TYR N   CA   sing N N 349 
TYR N   H    sing N N 350 
TYR N   H2   sing N N 351 
TYR CA  C    sing N N 352 
TYR CA  CB   sing N N 353 
TYR CA  HA   sing N N 354 
TYR C   O    doub N N 355 
TYR C   OXT  sing N N 356 
TYR CB  CG   sing N N 357 
TYR CB  HB2  sing N N 358 
TYR CB  HB3  sing N N 359 
TYR CG  CD1  doub Y N 360 
TYR CG  CD2  sing Y N 361 
TYR CD1 CE1  sing Y N 362 
TYR CD1 HD1  sing N N 363 
TYR CD2 CE2  doub Y N 364 
TYR CD2 HD2  sing N N 365 
TYR CE1 CZ   doub Y N 366 
TYR CE1 HE1  sing N N 367 
TYR CE2 CZ   sing Y N 368 
TYR CE2 HE2  sing N N 369 
TYR CZ  OH   sing N N 370 
TYR OH  HH   sing N N 371 
TYR OXT HXT  sing N N 372 
VAL N   CA   sing N N 373 
VAL N   H    sing N N 374 
VAL N   H2   sing N N 375 
VAL CA  C    sing N N 376 
VAL CA  CB   sing N N 377 
VAL CA  HA   sing N N 378 
VAL C   O    doub N N 379 
VAL C   OXT  sing N N 380 
VAL CB  CG1  sing N N 381 
VAL CB  CG2  sing N N 382 
VAL CB  HB   sing N N 383 
VAL CG1 HG11 sing N N 384 
VAL CG1 HG12 sing N N 385 
VAL CG1 HG13 sing N N 386 
VAL CG2 HG21 sing N N 387 
VAL CG2 HG22 sing N N 388 
VAL CG2 HG23 sing N N 389 
VAL OXT HXT  sing N N 390 
# 
_atom_sites.entry_id                    1RXH 
_atom_sites.fract_transf_matrix[1][1]   -0.01261947 
_atom_sites.fract_transf_matrix[1][2]   -0.00396833 
_atom_sites.fract_transf_matrix[1][3]   -0.01563230 
_atom_sites.fract_transf_matrix[2][1]   0.00429683 
_atom_sites.fract_transf_matrix[2][2]   0.00715905 
_atom_sites.fract_transf_matrix[2][3]   -0.01869959 
_atom_sites.fract_transf_matrix[3][1]   0.00214818 
_atom_sites.fract_transf_matrix[3][2]   -0.00349894 
_atom_sites.fract_transf_matrix[3][3]   -0.00084594 
_atom_sites.fract_transf_vector[1]      0.927698 
_atom_sites.fract_transf_vector[2]      0.602862 
_atom_sites.fract_transf_vector[3]      0.075342 
# 
loop_
_atom_type.symbol 
C 
N 
O 
S 
# 
loop_
_atom_site.group_PDB 
_atom_site.id 
_atom_site.type_symbol 
_atom_site.label_atom_id 
_atom_site.label_alt_id 
_atom_site.label_comp_id 
_atom_site.label_asym_id 
_atom_site.label_entity_id 
_atom_site.label_seq_id 
_atom_site.pdbx_PDB_ins_code 
_atom_site.Cartn_x 
_atom_site.Cartn_y 
_atom_site.Cartn_z 
_atom_site.occupancy 
_atom_site.B_iso_or_equiv 
_atom_site.pdbx_formal_charge 
_atom_site.auth_seq_id 
_atom_site.auth_comp_id 
_atom_site.auth_asym_id 
_atom_site.auth_atom_id 
_atom_site.pdbx_PDB_model_num 
ATOM   1    N N   . ALA A 1 3   ? -15.210 -0.825  12.532  1.00 44.30 ? 15  ALA A N   1 
ATOM   2    C CA  . ALA A 1 3   ? -16.470 -1.609  12.823  1.00 44.93 ? 15  ALA A CA  1 
ATOM   3    C C   . ALA A 1 3   ? -17.083 -2.240  11.542  1.00 45.46 ? 15  ALA A C   1 
ATOM   4    O O   . ALA A 1 3   ? -17.332 -3.476  11.484  1.00 45.67 ? 15  ALA A O   1 
ATOM   5    C CB  . ALA A 1 3   ? -17.500 -0.714  13.527  1.00 41.37 ? 15  ALA A CB  1 
ATOM   6    N N   . GLY A 1 4   ? -17.343 -1.386  10.538  1.00 44.40 ? 16  GLY A N   1 
ATOM   7    C CA  . GLY A 1 4   ? -17.859 -1.844  9.262   1.00 40.93 ? 16  GLY A CA  1 
ATOM   8    C C   . GLY A 1 4   ? -16.706 -2.578  8.601   1.00 40.67 ? 16  GLY A C   1 
ATOM   9    O O   . GLY A 1 4   ? -16.858 -3.709  8.132   1.00 41.94 ? 16  GLY A O   1 
ATOM   10   N N   . ILE A 1 5   ? -15.541 -1.926  8.599   1.00 40.29 ? 17  ILE A N   1 
ATOM   11   C CA  . ILE A 1 5   ? -14.280 -2.448  8.022   1.00 37.78 ? 17  ILE A CA  1 
ATOM   12   C C   . ILE A 1 5   ? -13.613 -3.510  8.898   1.00 37.42 ? 17  ILE A C   1 
ATOM   13   O O   . ILE A 1 5   ? -13.105 -4.511  8.402   1.00 36.13 ? 17  ILE A O   1 
ATOM   14   C CB  . ILE A 1 5   ? -13.248 -1.316  7.833   1.00 35.52 ? 17  ILE A CB  1 
ATOM   15   C CG1 . ILE A 1 5   ? -13.668 -0.424  6.664   1.00 34.28 ? 17  ILE A CG1 1 
ATOM   16   C CG2 . ILE A 1 5   ? -11.863 -1.901  7.659   1.00 32.76 ? 17  ILE A CG2 1 
ATOM   17   C CD1 . ILE A 1 5   ? -12.803 0.867   6.484   1.00 34.24 ? 17  ILE A CD1 1 
ATOM   18   N N   . THR A 1 6   ? -13.587 -3.270  10.198  1.00 36.86 ? 18  THR A N   1 
ATOM   19   C CA  . THR A 1 6   ? -12.980 -4.221  11.102  1.00 36.58 ? 18  THR A CA  1 
ATOM   20   C C   . THR A 1 6   ? -13.692 -5.585  11.012  1.00 36.46 ? 18  THR A C   1 
ATOM   21   O O   . THR A 1 6   ? -14.916 -5.694  11.198  1.00 36.95 ? 18  THR A O   1 
ATOM   22   C CB  . THR A 1 6   ? -13.076 -3.683  12.508  1.00 36.62 ? 18  THR A CB  1 
ATOM   23   O OG1 . THR A 1 6   ? -13.011 -2.251  12.454  1.00 37.15 ? 18  THR A OG1 1 
ATOM   24   C CG2 . THR A 1 6   ? -11.945 -4.215  13.347  1.00 38.29 ? 18  THR A CG2 1 
ATOM   25   N N   . GLY A 1 7   ? -12.931 -6.626  10.711  1.00 35.02 ? 19  GLY A N   1 
ATOM   26   C CA  . GLY A 1 7   ? -13.537 -7.938  10.615  1.00 35.25 ? 19  GLY A CA  1 
ATOM   27   C C   . GLY A 1 7   ? -12.584 -8.951  10.025  1.00 36.85 ? 19  GLY A C   1 
ATOM   28   O O   . GLY A 1 7   ? -11.373 -8.881  10.250  1.00 37.20 ? 19  GLY A O   1 
ATOM   29   N N   . THR A 1 8   ? -13.146 -9.894  9.271   1.00 37.91 ? 20  THR A N   1 
ATOM   30   C CA  . THR A 1 8   ? -12.397 -10.958 8.586   1.00 34.99 ? 20  THR A CA  1 
ATOM   31   C C   . THR A 1 8   ? -12.996 -11.096 7.176   1.00 34.81 ? 20  THR A C   1 
ATOM   32   O O   . THR A 1 8   ? -14.204 -11.293 7.026   1.00 35.09 ? 20  THR A O   1 
ATOM   33   C CB  . THR A 1 8   ? -12.559 -12.290 9.337   1.00 34.53 ? 20  THR A CB  1 
ATOM   34   O OG1 . THR A 1 8   ? -11.905 -12.207 10.615  1.00 31.00 ? 20  THR A OG1 1 
ATOM   35   C CG2 . THR A 1 8   ? -12.005 -13.435 8.527   1.00 30.66 ? 20  THR A CG2 1 
ATOM   36   N N   . TRP A 1 9   ? -12.182 -10.983 6.137   1.00 32.15 ? 21  TRP A N   1 
ATOM   37   C CA  . TRP A 1 9   ? -12.753 -11.096 4.812   1.00 31.14 ? 21  TRP A CA  1 
ATOM   38   C C   . TRP A 1 9   ? -12.188 -12.206 3.938   1.00 32.44 ? 21  TRP A C   1 
ATOM   39   O O   . TRP A 1 9   ? -11.280 -12.954 4.339   1.00 32.03 ? 21  TRP A O   1 
ATOM   40   C CB  . TRP A 1 9   ? -12.643 -9.771  4.083   1.00 30.90 ? 21  TRP A CB  1 
ATOM   41   C CG  . TRP A 1 9   ? -13.118 -8.624  4.890   1.00 30.52 ? 21  TRP A CG  1 
ATOM   42   C CD1 . TRP A 1 9   ? -12.546 -8.145  6.021   1.00 32.36 ? 21  TRP A CD1 1 
ATOM   43   C CD2 . TRP A 1 9   ? -14.270 -7.797  4.640   1.00 29.06 ? 21  TRP A CD2 1 
ATOM   44   N NE1 . TRP A 1 9   ? -13.258 -7.071  6.502   1.00 33.00 ? 21  TRP A NE1 1 
ATOM   45   C CE2 . TRP A 1 9   ? -14.325 -6.837  5.674   1.00 30.55 ? 21  TRP A CE2 1 
ATOM   46   C CE3 . TRP A 1 9   ? -15.261 -7.779  3.649   1.00 30.00 ? 21  TRP A CE3 1 
ATOM   47   C CZ2 . TRP A 1 9   ? -15.330 -5.871  5.751   1.00 30.85 ? 21  TRP A CZ2 1 
ATOM   48   C CZ3 . TRP A 1 9   ? -16.260 -6.824  3.721   1.00 30.06 ? 21  TRP A CZ3 1 
ATOM   49   C CH2 . TRP A 1 9   ? -16.288 -5.882  4.766   1.00 29.36 ? 21  TRP A CH2 1 
ATOM   50   N N   . TYR A 1 10  ? -12.754 -12.284 2.732   1.00 32.82 ? 22  TYR A N   1 
ATOM   51   C CA  . TYR A 1 10  ? -12.400 -13.287 1.740   1.00 34.75 ? 22  TYR A CA  1 
ATOM   52   C C   . TYR A 1 10  ? -12.585 -12.766 0.317   1.00 35.96 ? 22  TYR A C   1 
ATOM   53   O O   . TYR A 1 10  ? -13.613 -12.160 0.005   1.00 35.10 ? 22  TYR A O   1 
ATOM   54   C CB  . TYR A 1 10  ? -13.292 -14.497 1.933   1.00 35.50 ? 22  TYR A CB  1 
ATOM   55   C CG  . TYR A 1 10  ? -12.992 -15.263 3.181   1.00 38.77 ? 22  TYR A CG  1 
ATOM   56   C CD1 . TYR A 1 10  ? -11.955 -16.189 3.203   1.00 42.45 ? 22  TYR A CD1 1 
ATOM   57   C CD2 . TYR A 1 10  ? -13.727 -15.055 4.346   1.00 39.39 ? 22  TYR A CD2 1 
ATOM   58   C CE1 . TYR A 1 10  ? -11.644 -16.899 4.343   1.00 42.38 ? 22  TYR A CE1 1 
ATOM   59   C CE2 . TYR A 1 10  ? -13.428 -15.761 5.522   1.00 40.01 ? 22  TYR A CE2 1 
ATOM   60   C CZ  . TYR A 1 10  ? -12.376 -16.688 5.507   1.00 41.18 ? 22  TYR A CZ  1 
ATOM   61   O OH  . TYR A 1 10  ? -12.031 -17.404 6.647   1.00 41.12 ? 22  TYR A OH  1 
ATOM   62   N N   . ASN A 1 11  ? -11.598 -13.002 -0.547  1.00 35.33 ? 23  ASN A N   1 
ATOM   63   C CA  . ASN A 1 11  ? -11.689 -12.561 -1.935  1.00 34.85 ? 23  ASN A CA  1 
ATOM   64   C C   . ASN A 1 11  ? -12.042 -13.755 -2.831  1.00 35.86 ? 23  ASN A C   1 
ATOM   65   O O   . ASN A 1 11  ? -12.169 -14.885 -2.353  1.00 38.52 ? 23  ASN A O   1 
ATOM   66   C CB  . ASN A 1 11  ? -10.377 -11.885 -2.403  1.00 33.54 ? 23  ASN A CB  1 
ATOM   67   C CG  . ASN A 1 11  ? -9.160  -12.797 -2.335  1.00 31.91 ? 23  ASN A CG  1 
ATOM   68   O OD1 . ASN A 1 11  ? -9.276  -14.019 -2.417  1.00 34.17 ? 23  ASN A OD1 1 
ATOM   69   N ND2 . ASN A 1 11  ? -7.978  -12.198 -2.207  1.00 30.07 ? 23  ASN A ND2 1 
ATOM   70   N N   . GLN A 1 12  ? -12.207 -13.500 -4.124  1.00 34.17 ? 24  GLN A N   1 
ATOM   71   C CA  . GLN A 1 12  ? -12.562 -14.535 -5.075  1.00 32.63 ? 24  GLN A CA  1 
ATOM   72   C C   . GLN A 1 12  ? -11.538 -15.682 -5.198  1.00 32.99 ? 24  GLN A C   1 
ATOM   73   O O   . GLN A 1 12  ? -11.877 -16.810 -5.586  1.00 31.50 ? 24  GLN A O   1 
ATOM   74   C CB  . GLN A 1 12  ? -12.793 -13.884 -6.435  1.00 30.91 ? 24  GLN A CB  1 
ATOM   75   C CG  . GLN A 1 12  ? -11.547 -13.301 -7.089  1.00 32.48 ? 24  GLN A CG  1 
ATOM   76   C CD  . GLN A 1 12  ? -10.846 -12.257 -6.226  1.00 33.94 ? 24  GLN A CD  1 
ATOM   77   O OE1 . GLN A 1 12  ? -11.494 -11.487 -5.508  1.00 30.06 ? 24  GLN A OE1 1 
ATOM   78   N NE2 . GLN A 1 12  ? -9.512  -12.212 -6.311  1.00 33.77 ? 24  GLN A NE2 1 
ATOM   79   N N   . LEU A 1 13  ? -10.283 -15.396 -4.876  1.00 34.64 ? 25  LEU A N   1 
ATOM   80   C CA  . LEU A 1 13  ? -9.228  -16.405 -4.961  1.00 36.00 ? 25  LEU A CA  1 
ATOM   81   C C   . LEU A 1 13  ? -9.237  -17.322 -3.739  1.00 36.85 ? 25  LEU A C   1 
ATOM   82   O O   . LEU A 1 13  ? -8.609  -18.402 -3.745  1.00 37.23 ? 25  LEU A O   1 
ATOM   83   C CB  . LEU A 1 13  ? -7.853  -15.732 -5.067  1.00 36.31 ? 25  LEU A CB  1 
ATOM   84   C CG  . LEU A 1 13  ? -7.590  -14.900 -6.330  1.00 36.74 ? 25  LEU A CG  1 
ATOM   85   C CD1 . LEU A 1 13  ? -6.253  -14.146 -6.231  1.00 31.94 ? 25  LEU A CD1 1 
ATOM   86   C CD2 . LEU A 1 13  ? -7.598  -15.833 -7.523  1.00 37.60 ? 25  LEU A CD2 1 
ATOM   87   N N   . GLY A 1 14  ? -9.943  -16.884 -2.692  1.00 34.91 ? 26  GLY A N   1 
ATOM   88   C CA  . GLY A 1 14  ? -10.007 -17.666 -1.469  1.00 32.35 ? 26  GLY A CA  1 
ATOM   89   C C   . GLY A 1 14  ? -9.061  -17.182 -0.383  1.00 31.54 ? 26  GLY A C   1 
ATOM   90   O O   . GLY A 1 14  ? -8.897  -17.843 0.643   1.00 32.12 ? 26  GLY A O   1 
ATOM   91   N N   . SER A 1 15  ? -8.431  -16.031 -0.599  1.00 31.87 ? 27  SER A N   1 
ATOM   92   C CA  . SER A 1 15  ? -7.533  -15.494 0.401   1.00 33.60 ? 27  SER A CA  1 
ATOM   93   C C   . SER A 1 15  ? -8.274  -15.021 1.645   1.00 37.30 ? 27  SER A C   1 
ATOM   94   O O   . SER A 1 15  ? -9.432  -14.602 1.583   1.00 37.69 ? 27  SER A O   1 
ATOM   95   C CB  . SER A 1 15  ? -6.728  -14.358 -0.181  1.00 32.81 ? 27  SER A CB  1 
ATOM   96   O OG  . SER A 1 15  ? -5.606  -14.889 -0.841  1.00 27.47 ? 27  SER A OG  1 
ATOM   97   N N   . THR A 1 16  ? -7.595  -15.087 2.777   1.00 40.50 ? 28  THR A N   1 
ATOM   98   C CA  . THR A 1 16  ? -8.178  -14.689 4.040   1.00 39.92 ? 28  THR A CA  1 
ATOM   99   C C   . THR A 1 16  ? -7.578  -13.377 4.509   1.00 41.38 ? 28  THR A C   1 
ATOM   100  O O   . THR A 1 16  ? -6.362  -13.272 4.726   1.00 45.33 ? 28  THR A O   1 
ATOM   101  C CB  . THR A 1 16  ? -7.909  -15.754 5.066   1.00 38.23 ? 28  THR A CB  1 
ATOM   102  O OG1 . THR A 1 16  ? -8.146  -17.025 4.446   1.00 39.44 ? 28  THR A OG1 1 
ATOM   103  C CG2 . THR A 1 16  ? -8.816  -15.582 6.282   1.00 32.13 ? 28  THR A CG2 1 
ATOM   104  N N   . PHE A 1 17  ? -8.435  -12.378 4.685   1.00 39.62 ? 29  PHE A N   1 
ATOM   105  C CA  . PHE A 1 17  ? -7.990  -11.050 5.100   1.00 37.25 ? 29  PHE A CA  1 
ATOM   106  C C   . PHE A 1 17  ? -8.561  -10.657 6.471   1.00 40.51 ? 29  PHE A C   1 
ATOM   107  O O   . PHE A 1 17  ? -9.736  -10.276 6.556   1.00 40.19 ? 29  PHE A O   1 
ATOM   108  C CB  . PHE A 1 17  ? -8.412  -10.056 4.016   1.00 34.48 ? 29  PHE A CB  1 
ATOM   109  C CG  . PHE A 1 17  ? -8.228  -8.623  4.383   1.00 32.43 ? 29  PHE A CG  1 
ATOM   110  C CD1 . PHE A 1 17  ? -7.011  -8.159  4.877   1.00 31.02 ? 29  PHE A CD1 1 
ATOM   111  C CD2 . PHE A 1 17  ? -9.265  -7.715  4.194   1.00 31.81 ? 29  PHE A CD2 1 
ATOM   112  C CE1 . PHE A 1 17  ? -6.824  -6.801  5.177   1.00 28.75 ? 29  PHE A CE1 1 
ATOM   113  C CE2 . PHE A 1 17  ? -9.090  -6.364  4.489   1.00 26.29 ? 29  PHE A CE2 1 
ATOM   114  C CZ  . PHE A 1 17  ? -7.858  -5.910  4.984   1.00 27.37 ? 29  PHE A CZ  1 
ATOM   115  N N   . ILE A 1 18  ? -7.737  -10.762 7.527   1.00 41.83 ? 30  ILE A N   1 
ATOM   116  C CA  . ILE A 1 18  ? -8.145  -10.420 8.902   1.00 41.36 ? 30  ILE A CA  1 
ATOM   117  C C   . ILE A 1 18  ? -7.517  -9.125  9.394   1.00 41.47 ? 30  ILE A C   1 
ATOM   118  O O   . ILE A 1 18  ? -6.322  -9.084  9.705   1.00 43.08 ? 30  ILE A O   1 
ATOM   119  C CB  . ILE A 1 18  ? -7.769  -11.507 9.931   1.00 40.88 ? 30  ILE A CB  1 
ATOM   120  C CG1 . ILE A 1 18  ? -8.320  -12.874 9.514   1.00 40.58 ? 30  ILE A CG1 1 
ATOM   121  C CG2 . ILE A 1 18  ? -8.351  -11.122 11.283  1.00 40.54 ? 30  ILE A CG2 1 
ATOM   122  C CD1 . ILE A 1 18  ? -8.070  -13.982 10.529  1.00 40.21 ? 30  ILE A CD1 1 
ATOM   123  N N   . VAL A 1 19  ? -8.350  -8.088  9.505   1.00 40.20 ? 31  VAL A N   1 
ATOM   124  C CA  . VAL A 1 19  ? -7.909  -6.763  9.903   1.00 37.59 ? 31  VAL A CA  1 
ATOM   125  C C   . VAL A 1 19  ? -8.796  -6.059  10.918  1.00 36.40 ? 31  VAL A C   1 
ATOM   126  O O   . VAL A 1 19  ? -9.997  -6.313  11.043  1.00 37.40 ? 31  VAL A O   1 
ATOM   127  C CB  . VAL A 1 19  ? -7.829  -5.858  8.678   1.00 37.31 ? 31  VAL A CB  1 
ATOM   128  C CG1 . VAL A 1 19  ? -9.181  -5.790  8.012   1.00 32.11 ? 31  VAL A CG1 1 
ATOM   129  C CG2 . VAL A 1 19  ? -7.406  -4.473  9.080   1.00 39.51 ? 31  VAL A CG2 1 
ATOM   130  N N   . THR A 1 20  ? -8.175  -5.126  11.617  1.00 35.74 ? 32  THR A N   1 
ATOM   131  C CA  . THR A 1 20  ? -8.850  -4.333  12.619  1.00 34.86 ? 32  THR A CA  1 
ATOM   132  C C   . THR A 1 20  ? -8.782  -2.881  12.188  1.00 33.77 ? 32  THR A C   1 
ATOM   133  O O   . THR A 1 20  ? -7.707  -2.326  11.976  1.00 32.06 ? 32  THR A O   1 
ATOM   134  C CB  . THR A 1 20  ? -8.157  -4.512  13.963  1.00 37.84 ? 32  THR A CB  1 
ATOM   135  O OG1 . THR A 1 20  ? -8.139  -5.911  14.292  1.00 38.99 ? 32  THR A OG1 1 
ATOM   136  C CG2 . THR A 1 20  ? -8.847  -3.692  15.041  1.00 35.83 ? 32  THR A CG2 1 
ATOM   137  N N   . ALA A 1 21  ? -9.944  -2.278  12.040  1.00 34.27 ? 33  ALA A N   1 
ATOM   138  C CA  . ALA A 1 21  ? -10.018 -0.899  11.623  1.00 32.19 ? 33  ALA A CA  1 
ATOM   139  C C   . ALA A 1 21  ? -9.755  0.035   12.805  1.00 32.79 ? 33  ALA A C   1 
ATOM   140  O O   . ALA A 1 21  ? -10.624 0.250   13.660  1.00 32.05 ? 33  ALA A O   1 
ATOM   141  C CB  . ALA A 1 21  ? -11.371 -0.631  11.008  1.00 32.64 ? 33  ALA A CB  1 
ATOM   142  N N   . GLY A 1 22  ? -8.538  0.580   12.833  1.00 36.25 ? 34  GLY A N   1 
ATOM   143  C CA  . GLY A 1 22  ? -8.103  1.484   13.890  1.00 40.98 ? 34  GLY A CA  1 
ATOM   144  C C   . GLY A 1 22  ? -8.839  2.808   14.078  1.00 43.22 ? 34  GLY A C   1 
ATOM   145  O O   . GLY A 1 22  ? -9.583  3.265   13.212  1.00 42.97 ? 34  GLY A O   1 
ATOM   146  N N   . ALA A 1 23  ? -8.619  3.412   15.249  1.00 46.28 ? 35  ALA A N   1 
ATOM   147  C CA  . ALA A 1 23  ? -9.222  4.689   15.665  1.00 47.89 ? 35  ALA A CA  1 
ATOM   148  C C   . ALA A 1 23  ? -8.520  5.881   15.003  1.00 50.19 ? 35  ALA A C   1 
ATOM   149  O O   . ALA A 1 23  ? -9.135  6.915   14.656  1.00 49.92 ? 35  ALA A O   1 
ATOM   150  C CB  . ALA A 1 23  ? -9.107  4.805   17.167  1.00 46.86 ? 35  ALA A CB  1 
ATOM   151  N N   . ASP A 1 24  ? -7.213  5.684   14.862  1.00 50.89 ? 36  ASP A N   1 
ATOM   152  C CA  . ASP A 1 24  ? -6.230  6.594   14.270  1.00 51.07 ? 36  ASP A CA  1 
ATOM   153  C C   . ASP A 1 24  ? -6.412  6.654   12.767  1.00 50.64 ? 36  ASP A C   1 
ATOM   154  O O   . ASP A 1 24  ? -6.098  7.660   12.115  1.00 50.12 ? 36  ASP A O   1 
ATOM   155  C CB  . ASP A 1 24  ? -4.864  6.001   14.546  1.00 49.07 ? 36  ASP A CB  1 
ATOM   156  C CG  . ASP A 1 24  ? -4.912  4.466   14.614  1.00 50.43 ? 36  ASP A CG  1 
ATOM   157  O OD1 . ASP A 1 24  ? -5.889  3.856   14.083  1.00 51.23 ? 36  ASP A OD1 1 
ATOM   158  O OD2 . ASP A 1 24  ? -3.981  3.864   15.192  1.00 50.99 ? 36  ASP A OD2 1 
ATOM   159  N N   . GLY A 1 25  ? -6.935  5.543   12.245  1.00 51.18 ? 37  GLY A N   1 
ATOM   160  C CA  . GLY A 1 25  ? -7.117  5.361   10.819  1.00 48.19 ? 37  GLY A CA  1 
ATOM   161  C C   . GLY A 1 25  ? -6.010  4.369   10.455  1.00 45.56 ? 37  GLY A C   1 
ATOM   162  O O   . GLY A 1 25  ? -5.267  4.554   9.505   1.00 44.50 ? 37  GLY A O   1 
ATOM   163  N N   . ALA A 1 26  ? -5.876  3.310   11.236  1.00 41.45 ? 38  ALA A N   1 
ATOM   164  C CA  . ALA A 1 26  ? -4.836  2.349   10.959  1.00 37.79 ? 38  ALA A CA  1 
ATOM   165  C C   . ALA A 1 26  ? -5.464  1.007   10.790  1.00 36.98 ? 38  ALA A C   1 
ATOM   166  O O   . ALA A 1 26  ? -6.398  0.646   11.500  1.00 39.13 ? 38  ALA A O   1 
ATOM   167  C CB  . ALA A 1 26  ? -3.856  2.299   12.090  1.00 39.32 ? 38  ALA A CB  1 
ATOM   168  N N   . LEU A 1 27  ? -4.952  0.262   9.832   1.00 35.08 ? 39  LEU A N   1 
ATOM   169  C CA  . LEU A 1 27  ? -5.477  -1.058  9.601   1.00 34.10 ? 39  LEU A CA  1 
ATOM   170  C C   . LEU A 1 27  ? -4.382  -1.965  10.083  1.00 34.26 ? 39  LEU A C   1 
ATOM   171  O O   . LEU A 1 27  ? -3.209  -1.708  9.804   1.00 34.20 ? 39  LEU A O   1 
ATOM   172  C CB  . LEU A 1 27  ? -5.723  -1.270  8.113   1.00 32.14 ? 39  LEU A CB  1 
ATOM   173  C CG  . LEU A 1 27  ? -6.753  -0.321  7.513   1.00 33.28 ? 39  LEU A CG  1 
ATOM   174  C CD1 . LEU A 1 27  ? -6.576  -0.259  6.033   1.00 33.19 ? 39  LEU A CD1 1 
ATOM   175  C CD2 . LEU A 1 27  ? -8.157  -0.774  7.881   1.00 36.78 ? 39  LEU A CD2 1 
ATOM   176  N N   . THR A 1 28  ? -4.747  -2.987  10.846  1.00 33.88 ? 40  THR A N   1 
ATOM   177  C CA  . THR A 1 28  ? -3.747  -3.932  11.307  1.00 34.05 ? 40  THR A CA  1 
ATOM   178  C C   . THR A 1 28  ? -4.333  -5.322  11.321  1.00 34.02 ? 40  THR A C   1 
ATOM   179  O O   . THR A 1 28  ? -5.526  -5.507  11.611  1.00 35.29 ? 40  THR A O   1 
ATOM   180  C CB  . THR A 1 28  ? -3.227  -3.643  12.716  1.00 34.98 ? 40  THR A CB  1 
ATOM   181  O OG1 . THR A 1 28  ? -2.715  -2.309  12.794  1.00 34.84 ? 40  THR A OG1 1 
ATOM   182  C CG2 . THR A 1 28  ? -2.103  -4.597  13.024  1.00 35.36 ? 40  THR A CG2 1 
ATOM   183  N N   . GLY A 1 29  ? -3.494  -6.301  11.003  1.00 34.19 ? 41  GLY A N   1 
ATOM   184  C CA  . GLY A 1 29  ? -3.969  -7.659  10.977  1.00 33.90 ? 41  GLY A CA  1 
ATOM   185  C C   . GLY A 1 29  ? -3.045  -8.594  10.239  1.00 34.77 ? 41  GLY A C   1 
ATOM   186  O O   . GLY A 1 29  ? -1.841  -8.358  10.165  1.00 35.31 ? 41  GLY A O   1 
ATOM   187  N N   . THR A 1 30  ? -3.618  -9.655  9.679   1.00 35.59 ? 42  THR A N   1 
ATOM   188  C CA  . THR A 1 30  ? -2.827  -10.650 8.972   1.00 36.53 ? 42  THR A CA  1 
ATOM   189  C C   . THR A 1 30  ? -3.413  -11.023 7.617   1.00 36.69 ? 42  THR A C   1 
ATOM   190  O O   . THR A 1 30  ? -4.587  -10.794 7.333   1.00 35.64 ? 42  THR A O   1 
ATOM   191  C CB  . THR A 1 30  ? -2.754  -11.934 9.757   1.00 37.32 ? 42  THR A CB  1 
ATOM   192  O OG1 . THR A 1 30  ? -3.876  -12.745 9.391   1.00 42.79 ? 42  THR A OG1 1 
ATOM   193  C CG2 . THR A 1 30  ? -2.830  -11.657 11.241  1.00 37.34 ? 42  THR A CG2 1 
ATOM   194  N N   . TYR A 1 31  ? -2.587  -11.642 6.790   1.00 36.79 ? 43  TYR A N   1 
ATOM   195  C CA  . TYR A 1 31  ? -3.055  -12.054 5.486   1.00 33.95 ? 43  TYR A CA  1 
ATOM   196  C C   . TYR A 1 31  ? -2.585  -13.466 5.190   1.00 32.37 ? 43  TYR A C   1 
ATOM   197  O O   . TYR A 1 31  ? -1.450  -13.821 5.481   1.00 31.06 ? 43  TYR A O   1 
ATOM   198  C CB  . TYR A 1 31  ? -2.561  -11.081 4.408   1.00 34.21 ? 43  TYR A CB  1 
ATOM   199  C CG  . TYR A 1 31  ? -3.376  -11.131 3.138   1.00 34.58 ? 43  TYR A CG  1 
ATOM   200  C CD1 . TYR A 1 31  ? -3.373  -12.256 2.334   1.00 34.62 ? 43  TYR A CD1 1 
ATOM   201  C CD2 . TYR A 1 31  ? -4.169  -10.068 2.759   1.00 33.66 ? 43  TYR A CD2 1 
ATOM   202  C CE1 . TYR A 1 31  ? -4.137  -12.319 1.188   1.00 33.06 ? 43  TYR A CE1 1 
ATOM   203  C CE2 . TYR A 1 31  ? -4.938  -10.126 1.610   1.00 31.84 ? 43  TYR A CE2 1 
ATOM   204  C CZ  . TYR A 1 31  ? -4.918  -11.252 0.829   1.00 31.46 ? 43  TYR A CZ  1 
ATOM   205  O OH  . TYR A 1 31  ? -5.682  -11.324 -0.323  1.00 34.67 ? 43  TYR A OH  1 
ATOM   206  N N   . GLU A 1 32  ? -3.487  -14.268 4.644   1.00 31.43 ? 44  GLU A N   1 
ATOM   207  C CA  . GLU A 1 32  ? -3.178  -15.635 4.272   1.00 32.57 ? 44  GLU A CA  1 
ATOM   208  C C   . GLU A 1 32  ? -3.555  -15.767 2.807   1.00 31.92 ? 44  GLU A C   1 
ATOM   209  O O   . GLU A 1 32  ? -4.739  -15.781 2.472   1.00 29.41 ? 44  GLU A O   1 
ATOM   210  C CB  . GLU A 1 32  ? -4.014  -16.606 5.097   1.00 37.31 ? 44  GLU A CB  1 
ATOM   211  C CG  . GLU A 1 32  ? -3.519  -18.062 5.074   1.00 43.03 ? 44  GLU A CG  1 
ATOM   212  C CD  . GLU A 1 32  ? -4.209  -18.915 6.146   1.00 45.70 ? 44  GLU A CD  1 
ATOM   213  O OE1 . GLU A 1 32  ? -4.396  -18.409 7.282   1.00 46.13 ? 44  GLU A OE1 1 
ATOM   214  O OE2 . GLU A 1 32  ? -4.560  -20.089 5.868   1.00 46.39 ? 44  GLU A OE2 1 
ATOM   215  N N   . SER A 1 33  ? -2.575  -15.853 1.919   1.00 33.26 ? 45  SER A N   1 
ATOM   216  C CA  . SER A 1 33  ? -2.928  -15.964 0.510   1.00 34.29 ? 45  SER A CA  1 
ATOM   217  C C   . SER A 1 33  ? -3.216  -17.394 0.090   1.00 35.13 ? 45  SER A C   1 
ATOM   218  O O   . SER A 1 33  ? -2.641  -18.346 0.634   1.00 35.30 ? 45  SER A O   1 
ATOM   219  C CB  . SER A 1 33  ? -1.837  -15.405 -0.389  1.00 32.66 ? 45  SER A CB  1 
ATOM   220  O OG  . SER A 1 33  ? -2.237  -15.559 -1.738  1.00 30.15 ? 45  SER A OG  1 
ATOM   221  N N   . ALA A 1 34  ? -4.101  -17.540 -0.889  1.00 35.22 ? 46  ALA A N   1 
ATOM   222  C CA  . ALA A 1 34  ? -4.469  -18.842 -1.386  1.00 35.90 ? 46  ALA A CA  1 
ATOM   223  C C   . ALA A 1 34  ? -3.683  -19.214 -2.631  1.00 38.17 ? 46  ALA A C   1 
ATOM   224  O O   . ALA A 1 34  ? -3.774  -20.340 -3.107  1.00 40.61 ? 46  ALA A O   1 
ATOM   225  C CB  . ALA A 1 34  ? -5.934  -18.868 -1.682  1.00 34.57 ? 46  ALA A CB  1 
ATOM   226  N N   . VAL A 1 35  ? -2.900  -18.286 -3.164  1.00 39.86 ? 47  VAL A N   1 
ATOM   227  C CA  . VAL A 1 35  ? -2.135  -18.588 -4.377  1.00 43.11 ? 47  VAL A CA  1 
ATOM   228  C C   . VAL A 1 35  ? -0.846  -17.802 -4.469  1.00 46.22 ? 47  VAL A C   1 
ATOM   229  O O   . VAL A 1 35  ? -0.764  -16.692 -3.951  1.00 49.47 ? 47  VAL A O   1 
ATOM   230  C CB  . VAL A 1 35  ? -2.940  -18.270 -5.654  1.00 42.90 ? 47  VAL A CB  1 
ATOM   231  C CG1 . VAL A 1 35  ? -4.230  -19.109 -5.697  1.00 38.92 ? 47  VAL A CG1 1 
ATOM   232  C CG2 . VAL A 1 35  ? -3.237  -16.763 -5.708  1.00 42.81 ? 47  VAL A CG2 1 
ATOM   233  N N   . GLY A 1 36  ? 0.134   -18.356 -5.179  1.00 46.66 ? 48  GLY A N   1 
ATOM   234  C CA  . GLY A 1 36  ? 1.425   -17.704 -5.303  1.00 48.01 ? 48  GLY A CA  1 
ATOM   235  C C   . GLY A 1 36  ? 2.306   -18.476 -4.347  1.00 49.66 ? 48  GLY A C   1 
ATOM   236  O O   . GLY A 1 36  ? 1.985   -19.624 -4.022  1.00 50.61 ? 48  GLY A O   1 
ATOM   237  N N   . ASN A 1 37  ? 3.412   -17.901 -3.892  1.00 50.14 ? 49  ASN A N   1 
ATOM   238  C CA  . ASN A 1 37  ? 4.214   -18.662 -2.948  1.00 49.22 ? 49  ASN A CA  1 
ATOM   239  C C   . ASN A 1 37  ? 3.980   -18.150 -1.533  1.00 47.02 ? 49  ASN A C   1 
ATOM   240  O O   . ASN A 1 37  ? 4.883   -17.614 -0.856  1.00 45.28 ? 49  ASN A O   1 
ATOM   241  C CB  . ASN A 1 37  ? 5.711   -18.632 -3.291  1.00 51.10 ? 49  ASN A CB  1 
ATOM   242  C CG  . ASN A 1 37  ? 6.470   -19.776 -2.614  1.00 53.18 ? 49  ASN A CG  1 
ATOM   243  O OD1 . ASN A 1 37  ? 6.121   -20.959 -2.799  1.00 53.65 ? 49  ASN A OD1 1 
ATOM   244  N ND2 . ASN A 1 37  ? 7.488   -19.439 -1.815  1.00 54.67 ? 49  ASN A ND2 1 
ATOM   245  N N   . ALA A 1 38  ? 2.747   -18.332 -1.090  1.00 43.16 ? 50  ALA A N   1 
ATOM   246  C CA  . ALA A 1 38  ? 2.372   -17.899 0.228   1.00 41.25 ? 50  ALA A CA  1 
ATOM   247  C C   . ALA A 1 38  ? 2.077   -19.093 1.093   1.00 40.10 ? 50  ALA A C   1 
ATOM   248  O O   . ALA A 1 38  ? 1.418   -20.048 0.667   1.00 37.89 ? 50  ALA A O   1 
ATOM   249  C CB  . ALA A 1 38  ? 1.168   -17.001 0.153   1.00 41.96 ? 50  ALA A CB  1 
ATOM   250  N N   . GLU A 1 39  ? 2.586   -19.035 2.312   1.00 40.82 ? 51  GLU A N   1 
ATOM   251  C CA  . GLU A 1 39  ? 2.369   -20.101 3.264   1.00 40.90 ? 51  GLU A CA  1 
ATOM   252  C C   . GLU A 1 39  ? 1.951   -19.483 4.587   1.00 41.40 ? 51  GLU A C   1 
ATOM   253  O O   . GLU A 1 39  ? 2.717   -18.760 5.244   1.00 40.87 ? 51  GLU A O   1 
ATOM   254  C CB  . GLU A 1 39  ? 3.633   -20.926 3.438   1.00 42.13 ? 51  GLU A CB  1 
ATOM   255  C CG  . GLU A 1 39  ? 3.361   -22.215 4.172   1.00 46.18 ? 51  GLU A CG  1 
ATOM   256  C CD  . GLU A 1 39  ? 4.461   -23.236 3.986   1.00 48.01 ? 51  GLU A CD  1 
ATOM   257  O OE1 . GLU A 1 39  ? 5.026   -23.287 2.866   1.00 48.85 ? 51  GLU A OE1 1 
ATOM   258  O OE2 . GLU A 1 39  ? 4.742   -23.995 4.949   1.00 49.73 ? 51  GLU A OE2 1 
ATOM   259  N N   . SER A 1 40  ? 0.711   -19.752 4.963   1.00 40.40 ? 52  SER A N   1 
ATOM   260  C CA  . SER A 1 40  ? 0.195   -19.214 6.196   1.00 39.41 ? 52  SER A CA  1 
ATOM   261  C C   . SER A 1 40  ? 0.035   -17.683 6.243   1.00 40.22 ? 52  SER A C   1 
ATOM   262  O O   . SER A 1 40  ? 0.145   -16.965 5.246   1.00 41.36 ? 52  SER A O   1 
ATOM   263  C CB  . SER A 1 40  ? 1.090   -19.652 7.329   1.00 35.89 ? 52  SER A CB  1 
ATOM   264  O OG  . SER A 1 40  ? 0.534   -19.196 8.532   1.00 34.05 ? 52  SER A OG  1 
ATOM   265  N N   . ARG A 1 41  ? -0.238  -17.178 7.430   1.00 38.71 ? 53  ARG A N   1 
ATOM   266  C CA  . ARG A 1 41  ? -0.422  -15.758 7.598   1.00 39.56 ? 53  ARG A CA  1 
ATOM   267  C C   . ARG A 1 41  ? 0.853   -14.937 7.449   1.00 40.22 ? 53  ARG A C   1 
ATOM   268  O O   . ARG A 1 41  ? 1.963   -15.407 7.749   1.00 42.82 ? 53  ARG A O   1 
ATOM   269  C CB  . ARG A 1 41  ? -1.059  -15.497 8.960   1.00 40.62 ? 53  ARG A CB  1 
ATOM   270  C CG  . ARG A 1 41  ? -2.485  -16.039 9.028   1.00 43.93 ? 53  ARG A CG  1 
ATOM   271  C CD  . ARG A 1 41  ? -3.052  -16.023 10.436  1.00 42.36 ? 53  ARG A CD  1 
ATOM   272  N NE  . ARG A 1 41  ? -4.271  -16.829 10.515  1.00 46.48 ? 53  ARG A NE  1 
ATOM   273  C CZ  . ARG A 1 41  ? -5.018  -16.970 11.616  1.00 49.84 ? 53  ARG A CZ  1 
ATOM   274  N NH1 . ARG A 1 41  ? -4.678  -16.356 12.745  1.00 52.57 ? 53  ARG A NH1 1 
ATOM   275  N NH2 . ARG A 1 41  ? -6.108  -17.741 11.599  1.00 52.14 ? 53  ARG A NH2 1 
ATOM   276  N N   . TYR A 1 42  ? 0.667   -13.711 6.947   1.00 37.85 ? 54  TYR A N   1 
ATOM   277  C CA  . TYR A 1 42  ? 1.730   -12.731 6.772   1.00 35.07 ? 54  TYR A CA  1 
ATOM   278  C C   . TYR A 1 42  ? 1.202   -11.500 7.474   1.00 34.99 ? 54  TYR A C   1 
ATOM   279  O O   . TYR A 1 42  ? -0.003  -11.355 7.615   1.00 35.33 ? 54  TYR A O   1 
ATOM   280  C CB  . TYR A 1 42  ? 1.961   -12.431 5.296   1.00 34.62 ? 54  TYR A CB  1 
ATOM   281  C CG  . TYR A 1 42  ? 2.565   -13.588 4.538   1.00 37.27 ? 54  TYR A CG  1 
ATOM   282  C CD1 . TYR A 1 42  ? 1.792   -14.680 4.172   1.00 41.21 ? 54  TYR A CD1 1 
ATOM   283  C CD2 . TYR A 1 42  ? 3.906   -13.588 4.180   1.00 37.56 ? 54  TYR A CD2 1 
ATOM   284  C CE1 . TYR A 1 42  ? 2.343   -15.760 3.451   1.00 41.96 ? 54  TYR A CE1 1 
ATOM   285  C CE2 . TYR A 1 42  ? 4.462   -14.647 3.462   1.00 41.58 ? 54  TYR A CE2 1 
ATOM   286  C CZ  . TYR A 1 42  ? 3.677   -15.733 3.098   1.00 41.58 ? 54  TYR A CZ  1 
ATOM   287  O OH  . TYR A 1 42  ? 4.209   -16.788 2.378   1.00 41.66 ? 54  TYR A OH  1 
ATOM   288  N N   . VAL A 1 43  ? 2.089   -10.638 7.948   1.00 34.00 ? 55  VAL A N   1 
ATOM   289  C CA  . VAL A 1 43  ? 1.679   -9.412  8.633   1.00 29.78 ? 55  VAL A CA  1 
ATOM   290  C C   . VAL A 1 43  ? 1.065   -8.441  7.624   1.00 28.75 ? 55  VAL A C   1 
ATOM   291  O O   . VAL A 1 43  ? 1.295   -8.566  6.424   1.00 30.13 ? 55  VAL A O   1 
ATOM   292  C CB  . VAL A 1 43  ? 2.883   -8.706  9.272   1.00 27.95 ? 55  VAL A CB  1 
ATOM   293  C CG1 . VAL A 1 43  ? 2.418   -7.536  10.111  1.00 28.07 ? 55  VAL A CG1 1 
ATOM   294  C CG2 . VAL A 1 43  ? 3.675   -9.680  10.097  1.00 28.07 ? 55  VAL A CG2 1 
ATOM   295  N N   . LEU A 1 44  ? 0.286   -7.474  8.087   1.00 28.64 ? 56  LEU A N   1 
ATOM   296  C CA  . LEU A 1 44  ? -0.292  -6.532  7.147   1.00 29.69 ? 56  LEU A CA  1 
ATOM   297  C C   . LEU A 1 44  ? -0.559  -5.202  7.802   1.00 29.23 ? 56  LEU A C   1 
ATOM   298  O O   . LEU A 1 44  ? -1.009  -5.163  8.933   1.00 28.92 ? 56  LEU A O   1 
ATOM   299  C CB  . LEU A 1 44  ? -1.598  -7.090  6.566   1.00 31.08 ? 56  LEU A CB  1 
ATOM   300  C CG  . LEU A 1 44  ? -2.970  -6.584  7.060   1.00 33.07 ? 56  LEU A CG  1 
ATOM   301  C CD1 . LEU A 1 44  ? -3.194  -5.127  6.662   1.00 33.49 ? 56  LEU A CD1 1 
ATOM   302  C CD2 . LEU A 1 44  ? -4.057  -7.457  6.454   1.00 29.99 ? 56  LEU A CD2 1 
ATOM   303  N N   . THR A 1 45  ? -0.294  -4.114  7.086   1.00 29.39 ? 57  THR A N   1 
ATOM   304  C CA  . THR A 1 45  ? -0.542  -2.780  7.619   1.00 28.56 ? 57  THR A CA  1 
ATOM   305  C C   . THR A 1 45  ? -0.968  -1.733  6.585   1.00 31.30 ? 57  THR A C   1 
ATOM   306  O O   . THR A 1 45  ? -0.400  -1.633  5.480   1.00 31.85 ? 57  THR A O   1 
ATOM   307  C CB  . THR A 1 45  ? 0.653   -2.240  8.340   1.00 25.38 ? 57  THR A CB  1 
ATOM   308  O OG1 . THR A 1 45  ? 0.253   -1.076  9.046   1.00 25.32 ? 57  THR A OG1 1 
ATOM   309  C CG2 . THR A 1 45  ? 1.737   -1.859  7.365   1.00 25.38 ? 57  THR A CG2 1 
ATOM   310  N N   . GLY A 1 46  ? -1.970  -0.940  6.957   1.00 31.06 ? 58  GLY A N   1 
ATOM   311  C CA  . GLY A 1 46  ? -2.452  0.083   6.056   1.00 31.35 ? 58  GLY A CA  1 
ATOM   312  C C   . GLY A 1 46  ? -3.222  1.211   6.713   1.00 32.30 ? 58  GLY A C   1 
ATOM   313  O O   . GLY A 1 46  ? -3.329  1.309   7.946   1.00 34.57 ? 58  GLY A O   1 
ATOM   314  N N   . ARG A 1 47  ? -3.807  2.041   5.855   1.00 32.03 ? 59  ARG A N   1 
ATOM   315  C CA  . ARG A 1 47  ? -4.555  3.207   6.284   1.00 32.33 ? 59  ARG A CA  1 
ATOM   316  C C   . ARG A 1 47  ? -5.946  3.295   5.681   1.00 30.04 ? 59  ARG A C   1 
ATOM   317  O O   . ARG A 1 47  ? -6.163  2.845   4.574   1.00 27.08 ? 59  ARG A O   1 
ATOM   318  C CB  . ARG A 1 47  ? -3.758  4.462   5.896   1.00 32.43 ? 59  ARG A CB  1 
ATOM   319  C CG  . ARG A 1 47  ? -2.350  4.466   6.441   1.00 32.45 ? 59  ARG A CG  1 
ATOM   320  C CD  . ARG A 1 47  ? -2.406  4.754   7.888   1.00 34.17 ? 59  ARG A CD  1 
ATOM   321  N NE  . ARG A 1 47  ? -3.186  5.973   8.071   1.00 38.08 ? 59  ARG A NE  1 
ATOM   322  C CZ  . ARG A 1 47  ? -3.462  6.523   9.252   1.00 39.17 ? 59  ARG A CZ  1 
ATOM   323  N NH1 . ARG A 1 47  ? -3.015  5.964   10.369  1.00 41.07 ? 59  ARG A NH1 1 
ATOM   324  N NH2 . ARG A 1 47  ? -4.209  7.619   9.316   1.00 36.88 ? 59  ARG A NH2 1 
ATOM   325  N N   . TYR A 1 48  ? -6.888  3.895   6.406   1.00 32.52 ? 60  TYR A N   1 
ATOM   326  C CA  . TYR A 1 48  ? -8.240  4.058   5.872   1.00 34.33 ? 60  TYR A CA  1 
ATOM   327  C C   . TYR A 1 48  ? -8.806  5.440   6.173   1.00 34.54 ? 60  TYR A C   1 
ATOM   328  O O   . TYR A 1 48  ? -8.289  6.157   7.032   1.00 33.75 ? 60  TYR A O   1 
ATOM   329  C CB  . TYR A 1 48  ? -9.184  2.986   6.411   1.00 34.47 ? 60  TYR A CB  1 
ATOM   330  C CG  . TYR A 1 48  ? -9.702  3.239   7.797   1.00 32.11 ? 60  TYR A CG  1 
ATOM   331  C CD1 . TYR A 1 48  ? -8.894  3.032   8.923   1.00 32.52 ? 60  TYR A CD1 1 
ATOM   332  C CD2 . TYR A 1 48  ? -11.013 3.680   7.993   1.00 30.84 ? 60  TYR A CD2 1 
ATOM   333  C CE1 . TYR A 1 48  ? -9.380  3.260   10.206  1.00 31.49 ? 60  TYR A CE1 1 
ATOM   334  C CE2 . TYR A 1 48  ? -11.512 3.908   9.274   1.00 30.46 ? 60  TYR A CE2 1 
ATOM   335  C CZ  . TYR A 1 48  ? -10.691 3.703   10.376  1.00 30.57 ? 60  TYR A CZ  1 
ATOM   336  O OH  . TYR A 1 48  ? -11.180 3.988   11.636  1.00 29.83 ? 60  TYR A OH  1 
ATOM   337  N N   . ASP A 1 49  ? -9.857  5.820   5.447   1.00 33.79 ? 61  ASP A N   1 
ATOM   338  C CA  . ASP A 1 49  ? -10.485 7.119   5.664   1.00 32.45 ? 61  ASP A CA  1 
ATOM   339  C C   . ASP A 1 49  ? -11.329 7.070   6.933   1.00 31.90 ? 61  ASP A C   1 
ATOM   340  O O   . ASP A 1 49  ? -12.384 6.436   6.955   1.00 28.40 ? 61  ASP A O   1 
ATOM   341  C CB  . ASP A 1 49  ? -11.374 7.501   4.487   1.00 34.23 ? 61  ASP A CB  1 
ATOM   342  C CG  . ASP A 1 49  ? -11.828 8.945   4.554   1.00 38.17 ? 61  ASP A CG  1 
ATOM   343  O OD1 . ASP A 1 49  ? -11.771 9.513   5.672   1.00 35.06 ? 61  ASP A OD1 1 
ATOM   344  O OD2 . ASP A 1 49  ? -12.242 9.500   3.503   1.00 41.41 ? 61  ASP A OD2 1 
ATOM   345  N N   . SER A 1 50  ? -10.840 7.737   7.984   1.00 31.75 ? 62  SER A N   1 
ATOM   346  C CA  . SER A 1 50  ? -11.511 7.804   9.293   1.00 32.74 ? 62  SER A CA  1 
ATOM   347  C C   . SER A 1 50  ? -12.864 8.536   9.259   1.00 32.83 ? 62  SER A C   1 
ATOM   348  O O   . SER A 1 50  ? -13.784 8.247   10.039  1.00 31.45 ? 62  SER A O   1 
ATOM   349  C CB  . SER A 1 50  ? -10.604 8.497   10.308  1.00 31.80 ? 62  SER A CB  1 
ATOM   350  O OG  . SER A 1 50  ? -10.217 7.600   11.336  1.00 36.04 ? 62  SER A OG  1 
ATOM   351  N N   . ALA A 1 51  ? -12.974 9.495   8.347   1.00 31.84 ? 63  ALA A N   1 
ATOM   352  C CA  . ALA A 1 51  ? -14.191 10.264  8.221   1.00 30.99 ? 63  ALA A CA  1 
ATOM   353  C C   . ALA A 1 51  ? -14.553 10.279  6.767   1.00 32.70 ? 63  ALA A C   1 
ATOM   354  O O   . ALA A 1 51  ? -14.276 11.241  6.062   1.00 35.25 ? 63  ALA A O   1 
ATOM   355  C CB  . ALA A 1 51  ? -13.967 11.662  8.719   1.00 31.97 ? 63  ALA A CB  1 
ATOM   356  N N   . PRO A 1 52  ? -15.162 9.199   6.289   1.00 34.00 ? 64  PRO A N   1 
ATOM   357  C CA  . PRO A 1 52  ? -15.541 9.141   4.882   1.00 35.59 ? 64  PRO A CA  1 
ATOM   358  C C   . PRO A 1 52  ? -16.668 10.106  4.530   1.00 36.16 ? 64  PRO A C   1 
ATOM   359  O O   . PRO A 1 52  ? -17.305 10.699  5.407   1.00 35.44 ? 64  PRO A O   1 
ATOM   360  C CB  . PRO A 1 52  ? -15.917 7.671   4.688   1.00 34.93 ? 64  PRO A CB  1 
ATOM   361  C CG  . PRO A 1 52  ? -16.407 7.285   6.019   1.00 32.25 ? 64  PRO A CG  1 
ATOM   362  C CD  . PRO A 1 52  ? -15.447 7.929   6.967   1.00 34.17 ? 64  PRO A CD  1 
ATOM   363  N N   . ALA A 1 53  ? -16.900 10.274  3.237   1.00 37.91 ? 65  ALA A N   1 
ATOM   364  C CA  . ALA A 1 53  ? -17.949 11.161  2.799   1.00 40.56 ? 65  ALA A CA  1 
ATOM   365  C C   . ALA A 1 53  ? -19.244 10.745  3.463   1.00 41.69 ? 65  ALA A C   1 
ATOM   366  O O   . ALA A 1 53  ? -19.427 9.592   3.863   1.00 39.39 ? 65  ALA A O   1 
ATOM   367  C CB  . ALA A 1 53  ? -18.095 11.116  1.284   1.00 43.49 ? 65  ALA A CB  1 
ATOM   368  N N   . THR A 1 54  ? -20.131 11.720  3.583   1.00 45.76 ? 66  THR A N   1 
ATOM   369  C CA  . THR A 1 54  ? -21.448 11.544  4.193   1.00 48.91 ? 66  THR A CA  1 
ATOM   370  C C   . THR A 1 54  ? -22.434 11.137  3.086   1.00 49.25 ? 66  THR A C   1 
ATOM   371  O O   . THR A 1 54  ? -23.566 10.687  3.354   1.00 48.77 ? 66  THR A O   1 
ATOM   372  C CB  . THR A 1 54  ? -21.941 12.885  4.805   1.00 49.48 ? 66  THR A CB  1 
ATOM   373  O OG1 . THR A 1 54  ? -21.902 13.915  3.796   1.00 53.22 ? 66  THR A OG1 1 
ATOM   374  C CG2 . THR A 1 54  ? -21.064 13.301  5.970   1.00 50.01 ? 66  THR A CG2 1 
ATOM   375  N N   . ASP A 1 55  ? -21.991 11.313  1.839   1.00 47.62 ? 67  ASP A N   1 
ATOM   376  C CA  . ASP A 1 55  ? -22.835 11.009  0.714   1.00 47.63 ? 67  ASP A CA  1 
ATOM   377  C C   . ASP A 1 55  ? -23.255 9.568   0.703   1.00 48.47 ? 67  ASP A C   1 
ATOM   378  O O   . ASP A 1 55  ? -24.097 9.103   1.498   1.00 47.65 ? 67  ASP A O   1 
ATOM   379  C CB  . ASP A 1 55  ? -22.135 11.290  -0.595  1.00 49.11 ? 67  ASP A CB  1 
ATOM   380  C CG  . ASP A 1 55  ? -23.098 11.172  -1.764  1.00 55.28 ? 67  ASP A CG  1 
ATOM   381  O OD1 . ASP A 1 55  ? -23.273 12.177  -2.495  1.00 59.18 ? 67  ASP A OD1 1 
ATOM   382  O OD2 . ASP A 1 55  ? -23.715 10.082  -1.943  1.00 54.51 ? 67  ASP A OD2 1 
ATOM   383  N N   . GLY A 1 56  ? -22.653 8.862   -0.237  1.00 49.22 ? 68  GLY A N   1 
ATOM   384  C CA  . GLY A 1 56  ? -22.932 7.457   -0.398  1.00 48.05 ? 68  GLY A CA  1 
ATOM   385  C C   . GLY A 1 56  ? -21.610 6.868   -0.790  1.00 45.74 ? 68  GLY A C   1 
ATOM   386  O O   . GLY A 1 56  ? -21.481 5.660   -0.884  1.00 43.49 ? 68  GLY A O   1 
ATOM   387  N N   . SER A 1 57  ? -20.631 7.744   -1.015  1.00 44.61 ? 69  SER A N   1 
ATOM   388  C CA  . SER A 1 57  ? -19.292 7.315   -1.391  1.00 41.93 ? 69  SER A CA  1 
ATOM   389  C C   . SER A 1 57  ? -18.830 6.192   -0.446  1.00 40.13 ? 69  SER A C   1 
ATOM   390  O O   . SER A 1 57  ? -19.358 6.044   0.662   1.00 38.17 ? 69  SER A O   1 
ATOM   391  C CB  . SER A 1 57  ? -18.346 8.513   -1.343  1.00 41.49 ? 69  SER A CB  1 
ATOM   392  O OG  . SER A 1 57  ? -18.807 9.500   -2.239  1.00 43.43 ? 69  SER A OG  1 
ATOM   393  N N   . GLY A 1 58  ? -17.878 5.377   -0.893  1.00 38.64 ? 70  GLY A N   1 
ATOM   394  C CA  . GLY A 1 58  ? -17.401 4.310   -0.037  1.00 35.50 ? 70  GLY A CA  1 
ATOM   395  C C   . GLY A 1 58  ? -16.258 4.868   0.765   1.00 33.32 ? 70  GLY A C   1 
ATOM   396  O O   . GLY A 1 58  ? -15.884 6.021   0.581   1.00 32.54 ? 70  GLY A O   1 
ATOM   397  N N   . THR A 1 59  ? -15.700 4.074   1.662   1.00 31.16 ? 71  THR A N   1 
ATOM   398  C CA  . THR A 1 59  ? -14.572 4.565   2.433   1.00 30.10 ? 71  THR A CA  1 
ATOM   399  C C   . THR A 1 59  ? -13.276 4.117   1.767   1.00 29.42 ? 71  THR A C   1 
ATOM   400  O O   . THR A 1 59  ? -13.049 2.935   1.595   1.00 26.50 ? 71  THR A O   1 
ATOM   401  C CB  . THR A 1 59  ? -14.604 4.026   3.839   1.00 28.89 ? 71  THR A CB  1 
ATOM   402  O OG1 . THR A 1 59  ? -15.916 4.206   4.373   1.00 29.06 ? 71  THR A OG1 1 
ATOM   403  C CG2 . THR A 1 59  ? -13.586 4.750   4.696   1.00 27.42 ? 71  THR A CG2 1 
ATOM   404  N N   . ALA A 1 60  ? -12.430 5.051   1.374   1.00 28.63 ? 72  ALA A N   1 
ATOM   405  C CA  . ALA A 1 60  ? -11.189 4.645   0.746   1.00 26.16 ? 72  ALA A CA  1 
ATOM   406  C C   . ALA A 1 60  ? -10.220 4.033   1.764   1.00 27.66 ? 72  ALA A C   1 
ATOM   407  O O   . ALA A 1 60  ? -10.288 4.334   2.966   1.00 26.95 ? 72  ALA A O   1 
ATOM   408  C CB  . ALA A 1 60  ? -10.559 5.818   0.075   1.00 26.96 ? 72  ALA A CB  1 
ATOM   409  N N   . LEU A 1 61  ? -9.325  3.166   1.275   1.00 26.36 ? 73  LEU A N   1 
ATOM   410  C CA  . LEU A 1 61  ? -8.336  2.500   2.119   1.00 22.91 ? 73  LEU A CA  1 
ATOM   411  C C   . LEU A 1 61  ? -7.254  1.813   1.304   1.00 21.45 ? 73  LEU A C   1 
ATOM   412  O O   . LEU A 1 61  ? -7.125  2.064   0.119   1.00 20.19 ? 73  LEU A O   1 
ATOM   413  C CB  . LEU A 1 61  ? -9.005  1.472   3.026   1.00 19.98 ? 73  LEU A CB  1 
ATOM   414  C CG  . LEU A 1 61  ? -9.894  0.420   2.371   1.00 18.63 ? 73  LEU A CG  1 
ATOM   415  C CD1 . LEU A 1 61  ? -9.117  -0.374  1.341   1.00 22.62 ? 73  LEU A CD1 1 
ATOM   416  C CD2 . LEU A 1 61  ? -10.434 -0.498  3.453   1.00 17.00 ? 73  LEU A CD2 1 
ATOM   417  N N   . GLY A 1 62  ? -6.486  0.936   1.947   1.00 21.91 ? 74  GLY A N   1 
ATOM   418  C CA  . GLY A 1 62  ? -5.407  0.246   1.266   1.00 23.21 ? 74  GLY A CA  1 
ATOM   419  C C   . GLY A 1 62  ? -4.373  -0.257  2.251   1.00 23.82 ? 74  GLY A C   1 
ATOM   420  O O   . GLY A 1 62  ? -3.988  0.462   3.157   1.00 21.23 ? 74  GLY A O   1 
ATOM   421  N N   . TRP A 1 63  ? -3.934  -1.501  2.083   1.00 26.77 ? 75  TRP A N   1 
ATOM   422  C CA  . TRP A 1 63  ? -2.945  -2.076  2.984   1.00 30.93 ? 75  TRP A CA  1 
ATOM   423  C C   . TRP A 1 63  ? -1.768  -2.609  2.193   1.00 33.59 ? 75  TRP A C   1 
ATOM   424  O O   . TRP A 1 63  ? -1.782  -2.573  0.978   1.00 32.31 ? 75  TRP A O   1 
ATOM   425  C CB  . TRP A 1 63  ? -3.575  -3.180  3.840   1.00 28.28 ? 75  TRP A CB  1 
ATOM   426  C CG  . TRP A 1 63  ? -4.203  -4.266  3.052   1.00 29.09 ? 75  TRP A CG  1 
ATOM   427  C CD1 . TRP A 1 63  ? -3.656  -5.470  2.733   1.00 31.56 ? 75  TRP A CD1 1 
ATOM   428  C CD2 . TRP A 1 63  ? -5.465  -4.214  2.394   1.00 30.51 ? 75  TRP A CD2 1 
ATOM   429  N NE1 . TRP A 1 63  ? -4.493  -6.170  1.908   1.00 31.79 ? 75  TRP A NE1 1 
ATOM   430  C CE2 . TRP A 1 63  ? -5.613  -5.419  1.683   1.00 30.64 ? 75  TRP A CE2 1 
ATOM   431  C CE3 . TRP A 1 63  ? -6.487  -3.263  2.333   1.00 29.88 ? 75  TRP A CE3 1 
ATOM   432  C CZ2 . TRP A 1 63  ? -6.739  -5.697  0.919   1.00 31.37 ? 75  TRP A CZ2 1 
ATOM   433  C CZ3 . TRP A 1 63  ? -7.603  -3.539  1.579   1.00 28.74 ? 75  TRP A CZ3 1 
ATOM   434  C CH2 . TRP A 1 63  ? -7.722  -4.747  0.878   1.00 28.65 ? 75  TRP A CH2 1 
ATOM   435  N N   . THR A 1 64  ? -0.748  -3.097  2.892   1.00 39.04 ? 76  THR A N   1 
ATOM   436  C CA  . THR A 1 64  ? 0.479   -3.627  2.264   1.00 43.03 ? 76  THR A CA  1 
ATOM   437  C C   . THR A 1 64  ? 0.948   -4.954  2.863   1.00 42.86 ? 76  THR A C   1 
ATOM   438  O O   . THR A 1 64  ? 1.226   -5.006  4.057   1.00 46.67 ? 76  THR A O   1 
ATOM   439  C CB  . THR A 1 64  ? 1.652   -2.653  2.470   1.00 46.02 ? 76  THR A CB  1 
ATOM   440  O OG1 . THR A 1 64  ? 1.315   -1.378  1.902   1.00 52.60 ? 76  THR A OG1 1 
ATOM   441  C CG2 . THR A 1 64  ? 2.930   -3.207  1.860   1.00 44.50 ? 76  THR A CG2 1 
ATOM   442  N N   . VAL A 1 65  ? 1.045   -6.017  2.064   1.00 40.34 ? 77  VAL A N   1 
ATOM   443  C CA  . VAL A 1 65  ? 1.563   -7.282  2.587   1.00 37.50 ? 77  VAL A CA  1 
ATOM   444  C C   . VAL A 1 65  ? 2.953   -7.476  2.008   1.00 34.98 ? 77  VAL A C   1 
ATOM   445  O O   . VAL A 1 65  ? 3.145   -7.465  0.793   1.00 30.09 ? 77  VAL A O   1 
ATOM   446  C CB  . VAL A 1 65  ? 0.712   -8.552  2.198   1.00 38.40 ? 77  VAL A CB  1 
ATOM   447  C CG1 . VAL A 1 65  ? 1.429   -9.807  2.690   1.00 37.78 ? 77  VAL A CG1 1 
ATOM   448  C CG2 . VAL A 1 65  ? -0.669  -8.514  2.832   1.00 36.89 ? 77  VAL A CG2 1 
ATOM   449  N N   . ALA A 1 66  ? 3.933   -7.613  2.889   1.00 34.43 ? 78  ALA A N   1 
ATOM   450  C CA  . ALA A 1 66  ? 5.308   -7.862  2.450   1.00 34.95 ? 78  ALA A CA  1 
ATOM   451  C C   . ALA A 1 66  ? 5.413   -9.384  2.583   1.00 35.17 ? 78  ALA A C   1 
ATOM   452  O O   . ALA A 1 66  ? 5.310   -9.918  3.685   1.00 36.18 ? 78  ALA A O   1 
ATOM   453  C CB  . ALA A 1 66  ? 6.283   -7.157  3.370   1.00 34.83 ? 78  ALA A CB  1 
ATOM   454  N N   . TRP A 1 67  ? 5.586   -10.086 1.470   1.00 34.73 ? 79  TRP A N   1 
ATOM   455  C CA  . TRP A 1 67  ? 5.589   -11.538 1.514   1.00 32.96 ? 79  TRP A CA  1 
ATOM   456  C C   . TRP A 1 67  ? 6.720   -12.281 2.208   1.00 34.65 ? 79  TRP A C   1 
ATOM   457  O O   . TRP A 1 67  ? 7.417   -13.096 1.610   1.00 35.10 ? 79  TRP A O   1 
ATOM   458  C CB  . TRP A 1 67  ? 5.362   -12.085 0.108   1.00 33.66 ? 79  TRP A CB  1 
ATOM   459  C CG  . TRP A 1 67  ? 3.974   -11.762 -0.427  1.00 35.11 ? 79  TRP A CG  1 
ATOM   460  C CD1 . TRP A 1 67  ? 3.683   -11.009 -1.516  1.00 37.26 ? 79  TRP A CD1 1 
ATOM   461  C CD2 . TRP A 1 67  ? 2.701   -12.151 0.138   1.00 35.42 ? 79  TRP A CD2 1 
ATOM   462  N NE1 . TRP A 1 67  ? 2.318   -10.895 -1.673  1.00 36.42 ? 79  TRP A NE1 1 
ATOM   463  C CE2 . TRP A 1 67  ? 1.693   -11.587 -0.673  1.00 35.03 ? 79  TRP A CE2 1 
ATOM   464  C CE3 . TRP A 1 67  ? 2.321   -12.916 1.247   1.00 37.20 ? 79  TRP A CE3 1 
ATOM   465  C CZ2 . TRP A 1 67  ? 0.323   -11.762 -0.416  1.00 36.84 ? 79  TRP A CZ2 1 
ATOM   466  C CZ3 . TRP A 1 67  ? 0.951   -13.094 1.507   1.00 38.27 ? 79  TRP A CZ3 1 
ATOM   467  C CH2 . TRP A 1 67  ? -0.030  -12.515 0.671   1.00 37.01 ? 79  TRP A CH2 1 
ATOM   468  N N   . LYS A 1 68  ? 6.868   -11.998 3.499   1.00 37.62 ? 80  LYS A N   1 
ATOM   469  C CA  . LYS A 1 68  ? 7.861   -12.656 4.344   1.00 38.76 ? 80  LYS A CA  1 
ATOM   470  C C   . LYS A 1 68  ? 7.276   -12.984 5.733   1.00 40.99 ? 80  LYS A C   1 
ATOM   471  O O   . LYS A 1 68  ? 6.634   -12.128 6.388   1.00 43.13 ? 80  LYS A O   1 
ATOM   472  C CB  . LYS A 1 68  ? 9.124   -11.796 4.520   1.00 35.83 ? 80  LYS A CB  1 
ATOM   473  C CG  . LYS A 1 68  ? 10.053  -12.331 5.611   1.00 32.16 ? 80  LYS A CG  1 
ATOM   474  C CD  . LYS A 1 68  ? 11.345  -11.522 5.764   1.00 33.47 ? 80  LYS A CD  1 
ATOM   475  C CE  . LYS A 1 68  ? 12.184  -12.009 6.954   1.00 31.22 ? 80  LYS A CE  1 
ATOM   476  N NZ  . LYS A 1 68  ? 11.508  -11.697 8.246   1.00 34.32 ? 80  LYS A NZ  1 
ATOM   477  N N   . ASN A 1 69  ? 7.494   -14.235 6.153   1.00 41.34 ? 81  ASN A N   1 
ATOM   478  C CA  . ASN A 1 69  ? 7.079   -14.745 7.460   1.00 40.05 ? 81  ASN A CA  1 
ATOM   479  C C   . ASN A 1 69  ? 8.087   -15.855 7.841   1.00 39.45 ? 81  ASN A C   1 
ATOM   480  O O   . ASN A 1 69  ? 9.239   -15.821 7.397   1.00 39.95 ? 81  ASN A O   1 
ATOM   481  C CB  . ASN A 1 69  ? 5.646   -15.278 7.388   1.00 37.61 ? 81  ASN A CB  1 
ATOM   482  C CG  . ASN A 1 69  ? 5.521   -16.483 6.500   1.00 37.57 ? 81  ASN A CG  1 
ATOM   483  O OD1 . ASN A 1 69  ? 6.511   -17.144 6.220   1.00 36.42 ? 81  ASN A OD1 1 
ATOM   484  N ND2 . ASN A 1 69  ? 4.298   -16.798 6.071   1.00 35.10 ? 81  ASN A ND2 1 
ATOM   485  N N   . ASN A 1 70  ? 7.692   -16.829 8.649   1.00 39.15 ? 82  ASN A N   1 
ATOM   486  C CA  . ASN A 1 70  ? 8.639   -17.898 8.993   1.00 39.67 ? 82  ASN A CA  1 
ATOM   487  C C   . ASN A 1 70  ? 8.748   -19.073 8.024   1.00 38.18 ? 82  ASN A C   1 
ATOM   488  O O   . ASN A 1 70  ? 9.708   -19.861 8.115   1.00 36.66 ? 82  ASN A O   1 
ATOM   489  C CB  . ASN A 1 70  ? 8.351   -18.471 10.376  1.00 39.98 ? 82  ASN A CB  1 
ATOM   490  C CG  . ASN A 1 70  ? 8.869   -17.593 11.472  1.00 41.85 ? 82  ASN A CG  1 
ATOM   491  O OD1 . ASN A 1 70  ? 10.030  -17.133 11.427  1.00 42.94 ? 82  ASN A OD1 1 
ATOM   492  N ND2 . ASN A 1 70  ? 8.022   -17.339 12.475  1.00 44.05 ? 82  ASN A ND2 1 
ATOM   493  N N   . TYR A 1 71  ? 7.784   -19.192 7.112   1.00 38.01 ? 83  TYR A N   1 
ATOM   494  C CA  . TYR A 1 71  ? 7.772   -20.289 6.149   1.00 40.63 ? 83  TYR A CA  1 
ATOM   495  C C   . TYR A 1 71  ? 8.307   -19.939 4.782   1.00 41.39 ? 83  TYR A C   1 
ATOM   496  O O   . TYR A 1 71  ? 8.877   -20.784 4.103   1.00 42.25 ? 83  TYR A O   1 
ATOM   497  C CB  . TYR A 1 71  ? 6.353   -20.804 5.951   1.00 41.72 ? 83  TYR A CB  1 
ATOM   498  C CG  . TYR A 1 71  ? 5.652   -21.100 7.236   1.00 42.57 ? 83  TYR A CG  1 
ATOM   499  C CD1 . TYR A 1 71  ? 5.939   -22.264 7.964   1.00 44.33 ? 83  TYR A CD1 1 
ATOM   500  C CD2 . TYR A 1 71  ? 4.715   -20.222 7.733   1.00 42.01 ? 83  TYR A CD2 1 
ATOM   501  C CE1 . TYR A 1 71  ? 5.298   -22.535 9.153   1.00 44.77 ? 83  TYR A CE1 1 
ATOM   502  C CE2 . TYR A 1 71  ? 4.069   -20.474 8.918   1.00 44.11 ? 83  TYR A CE2 1 
ATOM   503  C CZ  . TYR A 1 71  ? 4.359   -21.628 9.629   1.00 45.81 ? 83  TYR A CZ  1 
ATOM   504  O OH  . TYR A 1 71  ? 3.714   -21.841 10.829  1.00 50.94 ? 83  TYR A OH  1 
ATOM   505  N N   . ARG A 1 72  ? 8.098   -18.704 4.362   1.00 41.25 ? 84  ARG A N   1 
ATOM   506  C CA  . ARG A 1 72  ? 8.547   -18.314 3.050   1.00 39.29 ? 84  ARG A CA  1 
ATOM   507  C C   . ARG A 1 72  ? 8.792   -16.826 2.927   1.00 39.00 ? 84  ARG A C   1 
ATOM   508  O O   . ARG A 1 72  ? 8.221   -16.017 3.656   1.00 38.12 ? 84  ARG A O   1 
ATOM   509  C CB  . ARG A 1 72  ? 7.487   -18.668 2.022   1.00 38.21 ? 84  ARG A CB  1 
ATOM   510  C CG  . ARG A 1 72  ? 6.954   -20.066 2.032   1.00 37.06 ? 84  ARG A CG  1 
ATOM   511  C CD  . ARG A 1 72  ? 5.743   -20.075 1.104   1.00 40.99 ? 84  ARG A CD  1 
ATOM   512  N NE  . ARG A 1 72  ? 5.191   -21.416 0.940   1.00 42.42 ? 84  ARG A NE  1 
ATOM   513  C CZ  . ARG A 1 72  ? 5.892   -22.444 0.470   1.00 43.74 ? 84  ARG A CZ  1 
ATOM   514  N NH1 . ARG A 1 72  ? 7.167   -22.271 0.121   1.00 47.02 ? 84  ARG A NH1 1 
ATOM   515  N NH2 . ARG A 1 72  ? 5.332   -23.642 0.349   1.00 45.74 ? 84  ARG A NH2 1 
ATOM   516  N N   . ASN A 1 73  ? 9.638   -16.471 1.970   1.00 36.86 ? 85  ASN A N   1 
ATOM   517  C CA  . ASN A 1 73  ? 9.917   -15.073 1.672   1.00 34.24 ? 85  ASN A CA  1 
ATOM   518  C C   . ASN A 1 73  ? 9.875   -15.024 0.141   1.00 32.21 ? 85  ASN A C   1 
ATOM   519  O O   . ASN A 1 73  ? 10.847  -15.362 -0.517  1.00 34.29 ? 85  ASN A O   1 
ATOM   520  C CB  . ASN A 1 73  ? 11.300  -14.663 2.196   1.00 34.68 ? 85  ASN A CB  1 
ATOM   521  C CG  . ASN A 1 73  ? 11.652  -13.216 1.867   1.00 32.56 ? 85  ASN A CG  1 
ATOM   522  O OD1 . ASN A 1 73  ? 11.268  -12.700 0.826   1.00 35.10 ? 85  ASN A OD1 1 
ATOM   523  N ND2 . ASN A 1 73  ? 12.403  -12.569 2.744   1.00 28.34 ? 85  ASN A ND2 1 
ATOM   524  N N   . ALA A 1 74  ? 8.732   -14.653 -0.429  1.00 27.43 ? 86  ALA A N   1 
ATOM   525  C CA  . ALA A 1 74  ? 8.622   -14.576 -1.879  1.00 27.74 ? 86  ALA A CA  1 
ATOM   526  C C   . ALA A 1 74  ? 9.337   -13.327 -2.418  1.00 30.46 ? 86  ALA A C   1 
ATOM   527  O O   . ALA A 1 74  ? 9.281   -13.028 -3.617  1.00 30.99 ? 86  ALA A O   1 
ATOM   528  C CB  . ALA A 1 74  ? 7.176   -14.557 -2.264  1.00 25.17 ? 86  ALA A CB  1 
ATOM   529  N N   . HIS A 1 75  ? 10.022  -12.623 -1.516  1.00 31.28 ? 87  HIS A N   1 
ATOM   530  C CA  . HIS A 1 75  ? 10.746  -11.403 -1.837  1.00 32.39 ? 87  HIS A CA  1 
ATOM   531  C C   . HIS A 1 75  ? 9.905   -10.477 -2.693  1.00 35.03 ? 87  HIS A C   1 
ATOM   532  O O   . HIS A 1 75  ? 10.249  -10.192 -3.849  1.00 37.00 ? 87  HIS A O   1 
ATOM   533  C CB  . HIS A 1 75  ? 12.025  -11.739 -2.549  1.00 28.68 ? 87  HIS A CB  1 
ATOM   534  C CG  . HIS A 1 75  ? 13.000  -12.464 -1.689  1.00 29.88 ? 87  HIS A CG  1 
ATOM   535  N ND1 . HIS A 1 75  ? 13.601  -11.880 -0.596  1.00 32.75 ? 87  HIS A ND1 1 
ATOM   536  C CD2 . HIS A 1 75  ? 13.500  -13.719 -1.770  1.00 29.19 ? 87  HIS A CD2 1 
ATOM   537  C CE1 . HIS A 1 75  ? 14.434  -12.745 -0.045  1.00 32.55 ? 87  HIS A CE1 1 
ATOM   538  N NE2 . HIS A 1 75  ? 14.392  -13.866 -0.739  1.00 31.07 ? 87  HIS A NE2 1 
ATOM   539  N N   . SER A 1 76  ? 8.812   -9.994  -2.104  1.00 34.12 ? 88  SER A N   1 
ATOM   540  C CA  . SER A 1 76  ? 7.919   -9.129  -2.830  1.00 33.54 ? 88  SER A CA  1 
ATOM   541  C C   . SER A 1 76  ? 6.718   -8.686  -2.034  1.00 33.48 ? 88  SER A C   1 
ATOM   542  O O   . SER A 1 76  ? 6.143   -9.472  -1.273  1.00 33.95 ? 88  SER A O   1 
ATOM   543  C CB  . SER A 1 76  ? 7.433   -9.862  -4.062  1.00 31.78 ? 88  SER A CB  1 
ATOM   544  O OG  . SER A 1 76  ? 6.995   -11.130 -3.677  1.00 27.69 ? 88  SER A OG  1 
ATOM   545  N N   . ALA A 1 77  ? 6.311   -7.440  -2.254  1.00 32.92 ? 89  ALA A N   1 
ATOM   546  C CA  . ALA A 1 77  ? 5.146   -6.905  -1.562  1.00 33.67 ? 89  ALA A CA  1 
ATOM   547  C C   . ALA A 1 77  ? 3.956   -6.599  -2.487  1.00 34.70 ? 89  ALA A C   1 
ATOM   548  O O   . ALA A 1 77  ? 4.113   -6.344  -3.678  1.00 34.92 ? 89  ALA A O   1 
ATOM   549  C CB  . ALA A 1 77  ? 5.532   -5.658  -0.782  1.00 31.08 ? 89  ALA A CB  1 
ATOM   550  N N   . THR A 1 78  ? 2.758   -6.662  -1.910  1.00 36.17 ? 90  THR A N   1 
ATOM   551  C CA  . THR A 1 78  ? 1.513   -6.372  -2.607  1.00 35.09 ? 90  THR A CA  1 
ATOM   552  C C   . THR A 1 78  ? 0.780   -5.255  -1.879  1.00 37.61 ? 90  THR A C   1 
ATOM   553  O O   . THR A 1 78  ? 0.597   -5.301  -0.658  1.00 38.95 ? 90  THR A O   1 
ATOM   554  C CB  . THR A 1 78  ? 0.563   -7.534  -2.597  1.00 34.34 ? 90  THR A CB  1 
ATOM   555  O OG1 . THR A 1 78  ? 1.212   -8.678  -3.140  1.00 27.60 ? 90  THR A OG1 1 
ATOM   556  C CG2 . THR A 1 78  ? -0.679  -7.192  -3.406  1.00 34.71 ? 90  THR A CG2 1 
ATOM   557  N N   . THR A 1 79  ? 0.352   -4.247  -2.621  1.00 37.90 ? 91  THR A N   1 
ATOM   558  C CA  . THR A 1 79  ? -0.381  -3.164  -2.010  1.00 37.72 ? 91  THR A CA  1 
ATOM   559  C C   . THR A 1 79  ? -1.772  -3.190  -2.645  1.00 38.85 ? 91  THR A C   1 
ATOM   560  O O   . THR A 1 79  ? -1.891  -3.222  -3.863  1.00 41.89 ? 91  THR A O   1 
ATOM   561  C CB  . THR A 1 79  ? 0.321   -1.846  -2.282  1.00 33.74 ? 91  THR A CB  1 
ATOM   562  O OG1 . THR A 1 79  ? 0.310   -1.591  -3.684  1.00 31.04 ? 91  THR A OG1 1 
ATOM   563  C CG2 . THR A 1 79  ? 1.763   -1.936  -1.845  1.00 36.25 ? 91  THR A CG2 1 
ATOM   564  N N   . TRP A 1 80  ? -2.816  -3.246  -1.825  1.00 36.49 ? 92  TRP A N   1 
ATOM   565  C CA  . TRP A 1 80  ? -4.182  -3.237  -2.335  1.00 33.61 ? 92  TRP A CA  1 
ATOM   566  C C   . TRP A 1 80  ? -4.725  -1.848  -2.086  1.00 32.82 ? 92  TRP A C   1 
ATOM   567  O O   . TRP A 1 80  ? -4.654  -1.341  -0.959  1.00 32.92 ? 92  TRP A O   1 
ATOM   568  C CB  . TRP A 1 80  ? -5.095  -4.210  -1.580  1.00 34.28 ? 92  TRP A CB  1 
ATOM   569  C CG  . TRP A 1 80  ? -4.830  -5.635  -1.803  1.00 30.03 ? 92  TRP A CG  1 
ATOM   570  C CD1 . TRP A 1 80  ? -5.517  -6.465  -2.618  1.00 23.65 ? 92  TRP A CD1 1 
ATOM   571  C CD2 . TRP A 1 80  ? -3.837  -6.435  -1.147  1.00 27.47 ? 92  TRP A CD2 1 
ATOM   572  N NE1 . TRP A 1 80  ? -5.027  -7.737  -2.509  1.00 26.95 ? 92  TRP A NE1 1 
ATOM   573  C CE2 . TRP A 1 80  ? -3.991  -7.746  -1.614  1.00 28.19 ? 92  TRP A CE2 1 
ATOM   574  C CE3 . TRP A 1 80  ? -2.839  -6.166  -0.209  1.00 25.95 ? 92  TRP A CE3 1 
ATOM   575  C CZ2 . TRP A 1 80  ? -3.182  -8.795  -1.178  1.00 26.59 ? 92  TRP A CZ2 1 
ATOM   576  C CZ3 . TRP A 1 80  ? -2.041  -7.208  0.224   1.00 26.06 ? 92  TRP A CZ3 1 
ATOM   577  C CH2 . TRP A 1 80  ? -2.216  -8.507  -0.263  1.00 23.97 ? 92  TRP A CH2 1 
ATOM   578  N N   . SER A 1 81  ? -5.268  -1.243  -3.134  1.00 31.47 ? 93  SER A N   1 
ATOM   579  C CA  . SER A 1 81  ? -5.873  0.074   -3.028  1.00 27.81 ? 93  SER A CA  1 
ATOM   580  C C   . SER A 1 81  ? -7.349  -0.098  -3.431  1.00 28.15 ? 93  SER A C   1 
ATOM   581  O O   . SER A 1 81  ? -7.655  -0.662  -4.490  1.00 30.06 ? 93  SER A O   1 
ATOM   582  C CB  . SER A 1 81  ? -5.153  1.044   -3.967  1.00 27.80 ? 93  SER A CB  1 
ATOM   583  O OG  . SER A 1 81  ? -5.838  2.278   -4.092  1.00 30.28 ? 93  SER A OG  1 
ATOM   584  N N   . GLY A 1 82  ? -8.263  0.350   -2.583  1.00 26.09 ? 94  GLY A N   1 
ATOM   585  C CA  . GLY A 1 82  ? -9.659  0.228   -2.913  1.00 27.62 ? 94  GLY A CA  1 
ATOM   586  C C   . GLY A 1 82  ? -10.544 0.932   -1.918  1.00 29.14 ? 94  GLY A C   1 
ATOM   587  O O   . GLY A 1 82  ? -10.086 1.652   -1.038  1.00 27.04 ? 94  GLY A O   1 
ATOM   588  N N   . GLN A 1 83  ? -11.840 0.723   -2.078  1.00 31.76 ? 95  GLN A N   1 
ATOM   589  C CA  . GLN A 1 83  ? -12.823 1.299   -1.179  1.00 34.53 ? 95  GLN A CA  1 
ATOM   590  C C   . GLN A 1 83  ? -13.733 0.223   -0.559  1.00 35.10 ? 95  GLN A C   1 
ATOM   591  O O   . GLN A 1 83  ? -13.914 -0.887  -1.086  1.00 37.64 ? 95  GLN A O   1 
ATOM   592  C CB  . GLN A 1 83  ? -13.675 2.388   -1.894  1.00 38.12 ? 95  GLN A CB  1 
ATOM   593  C CG  . GLN A 1 83  ? -14.229 2.049   -3.284  1.00 40.56 ? 95  GLN A CG  1 
ATOM   594  C CD  . GLN A 1 83  ? -15.176 3.132   -3.817  1.00 42.01 ? 95  GLN A CD  1 
ATOM   595  O OE1 . GLN A 1 83  ? -15.285 3.354   -5.039  1.00 44.86 ? 95  GLN A OE1 1 
ATOM   596  N NE2 . GLN A 1 83  ? -15.875 3.802   -2.901  1.00 40.89 ? 95  GLN A NE2 1 
ATOM   597  N N   . TYR A 1 84  ? -14.279 0.569   0.593   1.00 34.21 ? 96  TYR A N   1 
ATOM   598  C CA  . TYR A 1 84  ? -15.174 -0.285  1.320   1.00 32.09 ? 96  TYR A CA  1 
ATOM   599  C C   . TYR A 1 84  ? -16.519 0.338   1.072   1.00 32.40 ? 96  TYR A C   1 
ATOM   600  O O   . TYR A 1 84  ? -16.659 1.556   0.964   1.00 31.26 ? 96  TYR A O   1 
ATOM   601  C CB  . TYR A 1 84  ? -14.829 -0.232  2.793   1.00 35.40 ? 96  TYR A CB  1 
ATOM   602  C CG  . TYR A 1 84  ? -15.964 -0.577  3.716   1.00 41.43 ? 96  TYR A CG  1 
ATOM   603  C CD1 . TYR A 1 84  ? -16.378 -1.902  3.879   1.00 43.40 ? 96  TYR A CD1 1 
ATOM   604  C CD2 . TYR A 1 84  ? -16.606 0.419   4.460   1.00 43.86 ? 96  TYR A CD2 1 
ATOM   605  C CE1 . TYR A 1 84  ? -17.396 -2.228  4.762   1.00 46.86 ? 96  TYR A CE1 1 
ATOM   606  C CE2 . TYR A 1 84  ? -17.627 0.108   5.344   1.00 45.08 ? 96  TYR A CE2 1 
ATOM   607  C CZ  . TYR A 1 84  ? -18.018 -1.218  5.490   1.00 46.04 ? 96  TYR A CZ  1 
ATOM   608  O OH  . TYR A 1 84  ? -19.043 -1.543  6.351   1.00 50.27 ? 96  TYR A OH  1 
ATOM   609  N N   . VAL A 1 85  ? -17.504 -0.525  0.967   1.00 33.28 ? 97  VAL A N   1 
ATOM   610  C CA  . VAL A 1 85  ? -18.871 -0.139  0.715   1.00 35.18 ? 97  VAL A CA  1 
ATOM   611  C C   . VAL A 1 85  ? -19.644 -0.992  1.699   1.00 37.03 ? 97  VAL A C   1 
ATOM   612  O O   . VAL A 1 85  ? -19.548 -2.223  1.645   1.00 37.89 ? 97  VAL A O   1 
ATOM   613  C CB  . VAL A 1 85  ? -19.296 -0.543  -0.722  1.00 32.96 ? 97  VAL A CB  1 
ATOM   614  C CG1 . VAL A 1 85  ? -20.788 -0.349  -0.901  1.00 34.84 ? 97  VAL A CG1 1 
ATOM   615  C CG2 . VAL A 1 85  ? -18.520 0.244   -1.744  1.00 32.68 ? 97  VAL A CG2 1 
ATOM   616  N N   . GLY A 1 86  ? -20.371 -0.360  2.615   1.00 39.83 ? 98  GLY A N   1 
ATOM   617  C CA  . GLY A 1 86  ? -21.167 -1.123  3.568   1.00 43.12 ? 98  GLY A CA  1 
ATOM   618  C C   . GLY A 1 86  ? -22.452 -1.602  2.887   1.00 44.77 ? 98  GLY A C   1 
ATOM   619  O O   . GLY A 1 86  ? -22.622 -1.419  1.659   1.00 46.43 ? 98  GLY A O   1 
ATOM   620  N N   . GLY A 1 87  ? -23.358 -2.233  3.637   1.00 43.63 ? 99  GLY A N   1 
ATOM   621  C CA  . GLY A 1 87  ? -24.587 -2.665  3.005   1.00 42.88 ? 99  GLY A CA  1 
ATOM   622  C C   . GLY A 1 87  ? -25.028 -4.095  3.227   1.00 42.79 ? 99  GLY A C   1 
ATOM   623  O O   . GLY A 1 87  ? -24.589 -4.784  4.164   1.00 42.39 ? 99  GLY A O   1 
ATOM   624  N N   . ALA A 1 88  ? -25.938 -4.520  2.351   1.00 43.59 ? 100 ALA A N   1 
ATOM   625  C CA  . ALA A 1 88  ? -26.513 -5.854  2.387   1.00 46.42 ? 100 ALA A CA  1 
ATOM   626  C C   . ALA A 1 88  ? -25.501 -6.738  1.709   1.00 46.85 ? 100 ALA A C   1 
ATOM   627  O O   . ALA A 1 88  ? -25.491 -7.973  1.875   1.00 50.10 ? 100 ALA A O   1 
ATOM   628  C CB  . ALA A 1 88  ? -27.826 -5.876  1.628   1.00 47.63 ? 100 ALA A CB  1 
ATOM   629  N N   . GLU A 1 89  ? -24.661 -6.085  0.920   1.00 44.73 ? 101 GLU A N   1 
ATOM   630  C CA  . GLU A 1 89  ? -23.603 -6.773  0.232   1.00 44.39 ? 101 GLU A CA  1 
ATOM   631  C C   . GLU A 1 89  ? -22.374 -5.974  0.557   1.00 41.79 ? 101 GLU A C   1 
ATOM   632  O O   . GLU A 1 89  ? -21.827 -5.252  -0.284  1.00 39.01 ? 101 GLU A O   1 
ATOM   633  C CB  . GLU A 1 89  ? -23.864 -6.822  -1.270  1.00 47.52 ? 101 GLU A CB  1 
ATOM   634  C CG  . GLU A 1 89  ? -24.958 -7.830  -1.626  1.00 52.18 ? 101 GLU A CG  1 
ATOM   635  C CD  . GLU A 1 89  ? -26.211 -7.172  -2.237  1.00 55.94 ? 101 GLU A CD  1 
ATOM   636  O OE1 . GLU A 1 89  ? -26.591 -6.060  -1.758  1.00 56.65 ? 101 GLU A OE1 1 
ATOM   637  O OE2 . GLU A 1 89  ? -26.808 -7.778  -3.182  1.00 56.67 ? 101 GLU A OE2 1 
ATOM   638  N N   . ALA A 1 90  ? -21.977 -6.077  1.821   1.00 40.68 ? 102 ALA A N   1 
ATOM   639  C CA  . ALA A 1 90  ? -20.793 -5.390  2.296   1.00 39.72 ? 102 ALA A CA  1 
ATOM   640  C C   . ALA A 1 90  ? -19.644 -6.015  1.529   1.00 40.15 ? 102 ALA A C   1 
ATOM   641  O O   . ALA A 1 90  ? -19.438 -7.235  1.606   1.00 41.98 ? 102 ALA A O   1 
ATOM   642  C CB  . ALA A 1 90  ? -20.620 -5.626  3.767   1.00 41.06 ? 102 ALA A CB  1 
ATOM   643  N N   . ARG A 1 91  ? -18.926 -5.187  0.770   1.00 37.45 ? 103 ARG A N   1 
ATOM   644  C CA  . ARG A 1 91  ? -17.786 -5.648  -0.017  1.00 36.07 ? 103 ARG A CA  1 
ATOM   645  C C   . ARG A 1 91  ? -16.636 -4.684  0.240   1.00 34.34 ? 103 ARG A C   1 
ATOM   646  O O   . ARG A 1 91  ? -16.828 -3.621  0.837   1.00 34.19 ? 103 ARG A O   1 
ATOM   647  C CB  . ARG A 1 91  ? -18.086 -5.596  -1.539  1.00 39.15 ? 103 ARG A CB  1 
ATOM   648  C CG  . ARG A 1 91  ? -19.339 -6.325  -2.032  1.00 44.85 ? 103 ARG A CG  1 
ATOM   649  C CD  . ARG A 1 91  ? -19.044 -7.639  -2.808  1.00 45.80 ? 103 ARG A CD  1 
ATOM   650  N NE  . ARG A 1 91  ? -20.154 -8.612  -2.717  1.00 48.57 ? 103 ARG A NE  1 
ATOM   651  C CZ  . ARG A 1 91  ? -20.753 -8.975  -1.572  1.00 49.60 ? 103 ARG A CZ  1 
ATOM   652  N NH1 . ARG A 1 91  ? -20.362 -8.451  -0.414  1.00 49.96 ? 103 ARG A NH1 1 
ATOM   653  N NH2 . ARG A 1 91  ? -21.744 -9.865  -1.570  1.00 51.61 ? 103 ARG A NH2 1 
ATOM   654  N N   . ILE A 1 92  ? -15.448 -5.082  -0.208  1.00 31.90 ? 104 ILE A N   1 
ATOM   655  C CA  . ILE A 1 92  ? -14.273 -4.237  -0.179  1.00 31.98 ? 104 ILE A CA  1 
ATOM   656  C C   . ILE A 1 92  ? -13.649 -4.460  -1.538  1.00 33.92 ? 104 ILE A C   1 
ATOM   657  O O   . ILE A 1 92  ? -12.965 -5.456  -1.761  1.00 31.90 ? 104 ILE A O   1 
ATOM   658  C CB  . ILE A 1 92  ? -13.249 -4.611  0.887   1.00 31.26 ? 104 ILE A CB  1 
ATOM   659  C CG1 . ILE A 1 92  ? -13.685 -4.044  2.234   1.00 31.16 ? 104 ILE A CG1 1 
ATOM   660  C CG2 . ILE A 1 92  ? -11.900 -3.999  0.539   1.00 28.36 ? 104 ILE A CG2 1 
ATOM   661  C CD1 . ILE A 1 92  ? -12.613 -4.080  3.270   1.00 20.82 ? 104 ILE A CD1 1 
ATOM   662  N N   . ASN A 1 93  ? -13.910 -3.537  -2.458  1.00 34.34 ? 105 ASN A N   1 
ATOM   663  C CA  . ASN A 1 93  ? -13.385 -3.633  -3.815  1.00 35.89 ? 105 ASN A CA  1 
ATOM   664  C C   . ASN A 1 93  ? -12.016 -2.980  -3.942  1.00 37.31 ? 105 ASN A C   1 
ATOM   665  O O   . ASN A 1 93  ? -11.836 -1.839  -3.536  1.00 37.62 ? 105 ASN A O   1 
ATOM   666  C CB  . ASN A 1 93  ? -14.359 -2.978  -4.780  1.00 35.85 ? 105 ASN A CB  1 
ATOM   667  C CG  . ASN A 1 93  ? -15.694 -3.638  -4.765  1.00 36.06 ? 105 ASN A CG  1 
ATOM   668  O OD1 . ASN A 1 93  ? -15.799 -4.840  -5.023  1.00 39.43 ? 105 ASN A OD1 1 
ATOM   669  N ND2 . ASN A 1 93  ? -16.736 -2.873  -4.459  1.00 33.75 ? 105 ASN A ND2 1 
ATOM   670  N N   . THR A 1 94  ? -11.061 -3.701  -4.523  1.00 38.67 ? 106 THR A N   1 
ATOM   671  C CA  . THR A 1 94  ? -9.708  -3.179  -4.658  1.00 39.69 ? 106 THR A CA  1 
ATOM   672  C C   . THR A 1 94  ? -9.009  -3.622  -5.930  1.00 39.89 ? 106 THR A C   1 
ATOM   673  O O   . THR A 1 94  ? -9.554  -4.375  -6.756  1.00 42.07 ? 106 THR A O   1 
ATOM   674  C CB  . THR A 1 94  ? -8.772  -3.613  -3.477  1.00 38.46 ? 106 THR A CB  1 
ATOM   675  O OG1 . THR A 1 94  ? -8.611  -5.035  -3.493  1.00 38.08 ? 106 THR A OG1 1 
ATOM   676  C CG2 . THR A 1 94  ? -9.329  -3.192  -2.140  1.00 39.95 ? 106 THR A CG2 1 
ATOM   677  N N   . GLN A 1 95  ? -7.780  -3.129  -6.059  1.00 36.81 ? 107 GLN A N   1 
ATOM   678  C CA  . GLN A 1 95  ? -6.889  -3.414  -7.168  1.00 32.91 ? 107 GLN A CA  1 
ATOM   679  C C   . GLN A 1 95  ? -5.589  -3.539  -6.384  1.00 34.29 ? 107 GLN A C   1 
ATOM   680  O O   . GLN A 1 95  ? -5.477  -3.013  -5.275  1.00 34.01 ? 107 GLN A O   1 
ATOM   681  C CB  . GLN A 1 95  ? -6.845  -2.221  -8.128  1.00 29.78 ? 107 GLN A CB  1 
ATOM   682  C CG  . GLN A 1 95  ? -8.217  -1.705  -8.518  1.00 30.13 ? 107 GLN A CG  1 
ATOM   683  C CD  . GLN A 1 95  ? -8.391  -1.542  -10.024 1.00 30.35 ? 107 GLN A CD  1 
ATOM   684  O OE1 . GLN A 1 95  ? -8.215  -0.450  -10.573 1.00 27.95 ? 107 GLN A OE1 1 
ATOM   685  N NE2 . GLN A 1 95  ? -8.729  -2.639  -10.704 1.00 26.47 ? 107 GLN A NE2 1 
ATOM   686  N N   . TRP A 1 96  ? -4.600  -4.216  -6.930  1.00 36.08 ? 108 TRP A N   1 
ATOM   687  C CA  . TRP A 1 96  ? -3.379  -4.377  -6.167  1.00 38.32 ? 108 TRP A CA  1 
ATOM   688  C C   . TRP A 1 96  ? -2.124  -4.403  -7.019  1.00 37.76 ? 108 TRP A C   1 
ATOM   689  O O   . TRP A 1 96  ? -2.205  -4.678  -8.205  1.00 39.73 ? 108 TRP A O   1 
ATOM   690  C CB  . TRP A 1 96  ? -3.466  -5.679  -5.359  1.00 40.25 ? 108 TRP A CB  1 
ATOM   691  C CG  . TRP A 1 96  ? -3.791  -6.903  -6.195  1.00 38.62 ? 108 TRP A CG  1 
ATOM   692  C CD1 . TRP A 1 96  ? -4.963  -7.572  -6.222  1.00 36.89 ? 108 TRP A CD1 1 
ATOM   693  C CD2 . TRP A 1 96  ? -2.907  -7.605  -7.088  1.00 39.01 ? 108 TRP A CD2 1 
ATOM   694  N NE1 . TRP A 1 96  ? -4.880  -8.652  -7.064  1.00 35.02 ? 108 TRP A NE1 1 
ATOM   695  C CE2 . TRP A 1 96  ? -3.628  -8.698  -7.609  1.00 37.17 ? 108 TRP A CE2 1 
ATOM   696  C CE3 . TRP A 1 96  ? -1.574  -7.419  -7.495  1.00 40.11 ? 108 TRP A CE3 1 
ATOM   697  C CZ2 . TRP A 1 96  ? -3.065  -9.608  -8.512  1.00 37.10 ? 108 TRP A CZ2 1 
ATOM   698  C CZ3 . TRP A 1 96  ? -1.012  -8.330  -8.397  1.00 37.19 ? 108 TRP A CZ3 1 
ATOM   699  C CH2 . TRP A 1 96  ? -1.760  -9.409  -8.891  1.00 36.36 ? 108 TRP A CH2 1 
ATOM   700  N N   . LEU A 1 97  ? -0.962  -4.164  -6.408  1.00 34.86 ? 109 LEU A N   1 
ATOM   701  C CA  . LEU A 1 97  ? 0.294   -4.184  -7.145  1.00 31.04 ? 109 LEU A CA  1 
ATOM   702  C C   . LEU A 1 97  ? 1.344   -5.092  -6.531  1.00 28.44 ? 109 LEU A C   1 
ATOM   703  O O   . LEU A 1 97  ? 1.809   -4.868  -5.422  1.00 29.75 ? 109 LEU A O   1 
ATOM   704  C CB  . LEU A 1 97  ? 0.842   -2.774  -7.271  1.00 32.21 ? 109 LEU A CB  1 
ATOM   705  C CG  . LEU A 1 97  ? -0.101  -1.888  -8.082  1.00 34.76 ? 109 LEU A CG  1 
ATOM   706  C CD1 . LEU A 1 97  ? 0.424   -0.428  -8.149  1.00 36.46 ? 109 LEU A CD1 1 
ATOM   707  C CD2 . LEU A 1 97  ? -0.236  -2.496  -9.462  1.00 33.42 ? 109 LEU A CD2 1 
ATOM   708  N N   . LEU A 1 98  ? 1.734   -6.094  -7.305  1.00 24.41 ? 110 LEU A N   1 
ATOM   709  C CA  . LEU A 1 98  ? 2.688   -7.097  -6.899  1.00 24.88 ? 110 LEU A CA  1 
ATOM   710  C C   . LEU A 1 98  ? 4.102   -6.789  -7.341  1.00 28.04 ? 110 LEU A C   1 
ATOM   711  O O   . LEU A 1 98  ? 4.527   -7.276  -8.377  1.00 32.10 ? 110 LEU A O   1 
ATOM   712  C CB  . LEU A 1 98  ? 2.295   -8.416  -7.528  1.00 23.48 ? 110 LEU A CB  1 
ATOM   713  C CG  . LEU A 1 98  ? 2.459   -9.681  -6.712  1.00 22.98 ? 110 LEU A CG  1 
ATOM   714  C CD1 . LEU A 1 98  ? 3.645   -9.552  -5.763  1.00 23.14 ? 110 LEU A CD1 1 
ATOM   715  C CD2 . LEU A 1 98  ? 1.170   -9.926  -5.948  1.00 24.51 ? 110 LEU A CD2 1 
ATOM   716  N N   . THR A 1 99  ? 4.858   -6.018  -6.580  1.00 29.04 ? 111 THR A N   1 
ATOM   717  C CA  . THR A 1 99  ? 6.220   -5.739  -6.994  1.00 29.95 ? 111 THR A CA  1 
ATOM   718  C C   . THR A 1 99  ? 7.201   -6.772  -6.463  1.00 31.45 ? 111 THR A C   1 
ATOM   719  O O   . THR A 1 99  ? 7.118   -7.186  -5.310  1.00 30.97 ? 111 THR A O   1 
ATOM   720  C CB  . THR A 1 99  ? 6.660   -4.378  -6.521  1.00 27.79 ? 111 THR A CB  1 
ATOM   721  O OG1 . THR A 1 99  ? 5.737   -3.403  -7.011  1.00 30.13 ? 111 THR A OG1 1 
ATOM   722  C CG2 . THR A 1 99  ? 8.048   -4.067  -7.034  1.00 23.17 ? 111 THR A CG2 1 
ATOM   723  N N   . SER A 1 100 ? 8.133   -7.183  -7.319  1.00 33.88 ? 112 SER A N   1 
ATOM   724  C CA  . SER A 1 100 ? 9.167   -8.169  -6.968  1.00 33.40 ? 112 SER A CA  1 
ATOM   725  C C   . SER A 1 100 ? 10.584  -7.576  -6.996  1.00 35.52 ? 112 SER A C   1 
ATOM   726  O O   . SER A 1 100 ? 10.950  -6.810  -7.894  1.00 32.81 ? 112 SER A O   1 
ATOM   727  C CB  . SER A 1 100 ? 9.138   -9.362  -7.933  1.00 30.36 ? 112 SER A CB  1 
ATOM   728  O OG  . SER A 1 100 ? 7.931   -10.077 -7.856  1.00 28.73 ? 112 SER A OG  1 
ATOM   729  N N   . GLY A 1 101 ? 11.386  -7.924  -5.998  1.00 37.69 ? 113 GLY A N   1 
ATOM   730  C CA  . GLY A 1 101 ? 12.743  -7.443  -6.008  1.00 36.68 ? 113 GLY A CA  1 
ATOM   731  C C   . GLY A 1 101 ? 13.297  -8.113  -7.246  1.00 37.91 ? 113 GLY A C   1 
ATOM   732  O O   . GLY A 1 101 ? 13.003  -9.277  -7.515  1.00 37.05 ? 113 GLY A O   1 
ATOM   733  N N   . THR A 1 102 ? 14.062  -7.375  -8.031  1.00 38.02 ? 114 THR A N   1 
ATOM   734  C CA  . THR A 1 102 ? 14.631  -7.942  -9.240  1.00 36.64 ? 114 THR A CA  1 
ATOM   735  C C   . THR A 1 102 ? 15.859  -7.128  -9.541  1.00 37.76 ? 114 THR A C   1 
ATOM   736  O O   . THR A 1 102 ? 16.158  -6.140  -8.857  1.00 35.28 ? 114 THR A O   1 
ATOM   737  C CB  . THR A 1 102 ? 13.690  -7.810  -10.473 1.00 36.09 ? 114 THR A CB  1 
ATOM   738  O OG1 . THR A 1 102 ? 13.710  -6.454  -10.936 1.00 31.25 ? 114 THR A OG1 1 
ATOM   739  C CG2 . THR A 1 102 ? 12.258  -8.172  -10.122 1.00 32.34 ? 114 THR A CG2 1 
ATOM   740  N N   . THR A 1 103 ? 16.550  -7.564  -10.587 1.00 41.67 ? 115 THR A N   1 
ATOM   741  C CA  . THR A 1 103 ? 17.756  -6.918  -11.082 1.00 42.12 ? 115 THR A CA  1 
ATOM   742  C C   . THR A 1 103 ? 17.287  -5.919  -12.118 1.00 41.85 ? 115 THR A C   1 
ATOM   743  O O   . THR A 1 103 ? 16.421  -6.217  -12.917 1.00 43.96 ? 115 THR A O   1 
ATOM   744  C CB  . THR A 1 103 ? 18.691  -7.949  -11.751 1.00 42.73 ? 115 THR A CB  1 
ATOM   745  O OG1 . THR A 1 103 ? 18.123  -8.403  -12.989 1.00 40.43 ? 115 THR A OG1 1 
ATOM   746  C CG2 . THR A 1 103 ? 18.868  -9.160  -10.827 1.00 41.88 ? 115 THR A CG2 1 
ATOM   747  N N   . GLU A 1 104 ? 17.835  -4.725  -12.085 1.00 40.70 ? 116 GLU A N   1 
ATOM   748  C CA  . GLU A 1 104 ? 17.457  -3.698  -13.031 1.00 39.74 ? 116 GLU A CA  1 
ATOM   749  C C   . GLU A 1 104 ? 17.131  -4.224  -14.453 1.00 38.41 ? 116 GLU A C   1 
ATOM   750  O O   . GLU A 1 104 ? 16.249  -3.695  -15.149 1.00 39.53 ? 116 GLU A O   1 
ATOM   751  C CB  . GLU A 1 104 ? 18.565  -2.658  -13.048 1.00 42.83 ? 116 GLU A CB  1 
ATOM   752  C CG  . GLU A 1 104 ? 18.763  -2.009  -11.646 1.00 50.28 ? 116 GLU A CG  1 
ATOM   753  C CD  . GLU A 1 104 ? 19.927  -0.963  -11.594 1.00 54.80 ? 116 GLU A CD  1 
ATOM   754  O OE1 . GLU A 1 104 ? 20.152  -0.269  -12.626 1.00 58.08 ? 116 GLU A OE1 1 
ATOM   755  O OE2 . GLU A 1 104 ? 20.600  -0.818  -10.526 1.00 55.42 ? 116 GLU A OE2 1 
ATOM   756  N N   . ALA A 1 105 ? 17.812  -5.282  -14.877 1.00 36.85 ? 117 ALA A N   1 
ATOM   757  C CA  . ALA A 1 105 ? 17.533  -5.828  -16.191 1.00 37.56 ? 117 ALA A CA  1 
ATOM   758  C C   . ALA A 1 105 ? 16.132  -6.476  -16.300 1.00 37.85 ? 117 ALA A C   1 
ATOM   759  O O   . ALA A 1 105 ? 15.671  -6.804  -17.394 1.00 38.90 ? 117 ALA A O   1 
ATOM   760  C CB  . ALA A 1 105 ? 18.599  -6.821  -16.558 1.00 37.10 ? 117 ALA A CB  1 
ATOM   761  N N   . ASN A 1 106 ? 15.442  -6.668  -15.187 1.00 35.76 ? 118 ASN A N   1 
ATOM   762  C CA  . ASN A 1 106 ? 14.116  -7.275  -15.250 1.00 33.87 ? 118 ASN A CA  1 
ATOM   763  C C   . ASN A 1 106 ? 13.144  -6.287  -14.622 1.00 33.63 ? 118 ASN A C   1 
ATOM   764  O O   . ASN A 1 106 ? 11.922  -6.485  -14.594 1.00 31.59 ? 118 ASN A O   1 
ATOM   765  C CB  . ASN A 1 106 ? 14.121  -8.600  -14.493 1.00 33.76 ? 118 ASN A CB  1 
ATOM   766  C CG  . ASN A 1 106 ? 15.202  -9.546  -14.997 1.00 35.07 ? 118 ASN A CG  1 
ATOM   767  O OD1 . ASN A 1 106 ? 16.402  -9.242  -14.931 1.00 35.33 ? 118 ASN A OD1 1 
ATOM   768  N ND2 . ASN A 1 106 ? 14.787  -10.693 -15.516 1.00 35.06 ? 118 ASN A ND2 1 
ATOM   769  N N   . ALA A 1 107 ? 13.723  -5.199  -14.141 1.00 32.02 ? 119 ALA A N   1 
ATOM   770  C CA  . ALA A 1 107 ? 12.965  -4.149  -13.518 1.00 31.41 ? 119 ALA A CA  1 
ATOM   771  C C   . ALA A 1 107 ? 11.712  -3.910  -14.302 1.00 30.86 ? 119 ALA A C   1 
ATOM   772  O O   . ALA A 1 107 ? 10.659  -3.682  -13.724 1.00 32.35 ? 119 ALA A O   1 
ATOM   773  C CB  . ALA A 1 107 ? 13.776  -2.893  -13.460 1.00 30.63 ? 119 ALA A CB  1 
ATOM   774  N N   . TRP A 1 108 ? 11.805  -3.968  -15.621 1.00 32.07 ? 120 TRP A N   1 
ATOM   775  C CA  . TRP A 1 108 ? 10.612  -3.731  -16.417 1.00 32.45 ? 120 TRP A CA  1 
ATOM   776  C C   . TRP A 1 108 ? 9.477   -4.683  -16.099 1.00 33.92 ? 120 TRP A C   1 
ATOM   777  O O   . TRP A 1 108 ? 8.350   -4.231  -15.941 1.00 35.58 ? 120 TRP A O   1 
ATOM   778  C CB  . TRP A 1 108 ? 10.895  -3.795  -17.913 1.00 30.92 ? 120 TRP A CB  1 
ATOM   779  C CG  . TRP A 1 108 ? 11.473  -5.047  -18.373 1.00 29.15 ? 120 TRP A CG  1 
ATOM   780  C CD1 . TRP A 1 108 ? 12.777  -5.397  -18.324 1.00 29.69 ? 120 TRP A CD1 1 
ATOM   781  C CD2 . TRP A 1 108 ? 10.784  -6.122  -19.004 1.00 29.96 ? 120 TRP A CD2 1 
ATOM   782  N NE1 . TRP A 1 108 ? 12.958  -6.630  -18.897 1.00 31.59 ? 120 TRP A NE1 1 
ATOM   783  C CE2 . TRP A 1 108 ? 11.748  -7.101  -19.327 1.00 30.30 ? 120 TRP A CE2 1 
ATOM   784  C CE3 . TRP A 1 108 ? 9.446   -6.358  -19.335 1.00 28.97 ? 120 TRP A CE3 1 
ATOM   785  C CZ2 . TRP A 1 108 ? 11.423  -8.300  -19.969 1.00 30.07 ? 120 TRP A CZ2 1 
ATOM   786  C CZ3 . TRP A 1 108 ? 9.118   -7.562  -19.981 1.00 28.00 ? 120 TRP A CZ3 1 
ATOM   787  C CH2 . TRP A 1 108 ? 10.108  -8.511  -20.289 1.00 28.97 ? 120 TRP A CH2 1 
ATOM   788  N N   . LYS A 1 109 ? 9.742   -5.985  -16.009 1.00 33.35 ? 121 LYS A N   1 
ATOM   789  C CA  . LYS A 1 109 ? 8.661   -6.920  -15.700 1.00 36.46 ? 121 LYS A CA  1 
ATOM   790  C C   . LYS A 1 109 ? 8.565   -7.184  -14.211 1.00 38.19 ? 121 LYS A C   1 
ATOM   791  O O   . LYS A 1 109 ? 8.161   -8.260  -13.770 1.00 41.00 ? 121 LYS A O   1 
ATOM   792  C CB  . LYS A 1 109 ? 8.828   -8.244  -16.447 1.00 37.48 ? 121 LYS A CB  1 
ATOM   793  C CG  . LYS A 1 109 ? 10.069  -9.018  -16.068 1.00 40.86 ? 121 LYS A CG  1 
ATOM   794  C CD  . LYS A 1 109 ? 10.310  -10.152 -17.068 1.00 41.07 ? 121 LYS A CD  1 
ATOM   795  C CE  . LYS A 1 109 ? 11.672  -10.807 -16.819 1.00 46.03 ? 121 LYS A CE  1 
ATOM   796  N NZ  . LYS A 1 109 ? 12.010  -11.940 -17.732 1.00 44.95 ? 121 LYS A NZ  1 
ATOM   797  N N   . SER A 1 110 ? 8.916   -6.166  -13.445 1.00 38.94 ? 122 SER A N   1 
ATOM   798  C CA  . SER A 1 110 ? 8.881   -6.260  -12.007 1.00 36.48 ? 122 SER A CA  1 
ATOM   799  C C   . SER A 1 110 ? 7.465   -6.271  -11.414 1.00 37.37 ? 122 SER A C   1 
ATOM   800  O O   . SER A 1 110 ? 7.200   -7.025  -10.473 1.00 40.31 ? 122 SER A O   1 
ATOM   801  C CB  . SER A 1 110 ? 9.715   -5.122  -11.386 1.00 33.86 ? 122 SER A CB  1 
ATOM   802  O OG  . SER A 1 110 ? 8.968   -3.952  -11.117 1.00 25.06 ? 122 SER A OG  1 
ATOM   803  N N   . THR A 1 111 ? 6.537   -5.481  -11.948 1.00 37.29 ? 123 THR A N   1 
ATOM   804  C CA  . THR A 1 111 ? 5.209   -5.467  -11.342 1.00 38.46 ? 123 THR A CA  1 
ATOM   805  C C   . THR A 1 111 ? 4.048   -6.264  -11.951 1.00 39.65 ? 123 THR A C   1 
ATOM   806  O O   . THR A 1 111 ? 3.816   -6.315  -13.170 1.00 40.20 ? 123 THR A O   1 
ATOM   807  C CB  . THR A 1 111 ? 4.706   -4.051  -11.153 1.00 38.05 ? 123 THR A CB  1 
ATOM   808  O OG1 . THR A 1 111 ? 5.733   -3.245  -10.568 1.00 40.17 ? 123 THR A OG1 1 
ATOM   809  C CG2 . THR A 1 111 ? 3.514   -4.067  -10.235 1.00 36.89 ? 123 THR A CG2 1 
ATOM   810  N N   . ARG A 1 112 ? 3.298   -6.885  -11.064 1.00 40.13 ? 124 ARG A N   1 
ATOM   811  C CA  . ARG A 1 112 ? 2.166   -7.652  -11.495 1.00 39.02 ? 124 ARG A CA  1 
ATOM   812  C C   . ARG A 1 112 ? 0.950   -6.948  -10.909 1.00 38.39 ? 124 ARG A C   1 
ATOM   813  O O   . ARG A 1 112 ? 0.956   -6.544  -9.740  1.00 40.03 ? 124 ARG A O   1 
ATOM   814  C CB  . ARG A 1 112 ? 2.297   -9.074  -11.005 1.00 39.28 ? 124 ARG A CB  1 
ATOM   815  C CG  . ARG A 1 112 ? 1.672   -10.034 -11.949 1.00 41.25 ? 124 ARG A CG  1 
ATOM   816  C CD  . ARG A 1 112 ? 2.217   -11.403 -11.719 1.00 46.56 ? 124 ARG A CD  1 
ATOM   817  N NE  . ARG A 1 112 ? 3.580   -11.532 -12.219 1.00 50.55 ? 124 ARG A NE  1 
ATOM   818  C CZ  . ARG A 1 112 ? 4.485   -12.381 -11.723 1.00 52.34 ? 124 ARG A CZ  1 
ATOM   819  N NH1 . ARG A 1 112 ? 4.178   -13.172 -10.697 1.00 49.67 ? 124 ARG A NH1 1 
ATOM   820  N NH2 . ARG A 1 112 ? 5.690   -12.463 -12.281 1.00 55.99 ? 124 ARG A NH2 1 
ATOM   821  N N   . VAL A 1 113 ? -0.075  -6.789  -11.749 1.00 37.08 ? 125 VAL A N   1 
ATOM   822  C CA  . VAL A 1 113 ? -1.297  -6.072  -11.402 1.00 37.97 ? 125 VAL A CA  1 
ATOM   823  C C   . VAL A 1 113 ? -2.581  -6.885  -11.463 1.00 37.46 ? 125 VAL A C   1 
ATOM   824  O O   . VAL A 1 113 ? -2.708  -7.789  -12.288 1.00 38.85 ? 125 VAL A O   1 
ATOM   825  C CB  . VAL A 1 113 ? -1.461  -4.911  -12.361 1.00 39.70 ? 125 VAL A CB  1 
ATOM   826  C CG1 . VAL A 1 113 ? -1.420  -5.457  -13.796 1.00 40.92 ? 125 VAL A CG1 1 
ATOM   827  C CG2 . VAL A 1 113 ? -2.766  -4.173  -12.089 1.00 38.62 ? 125 VAL A CG2 1 
ATOM   828  N N   . GLY A 1 114 ? -3.546  -6.526  -10.620 1.00 35.43 ? 126 GLY A N   1 
ATOM   829  C CA  . GLY A 1 114 ? -4.820  -7.239  -10.604 1.00 37.85 ? 126 GLY A CA  1 
ATOM   830  C C   . GLY A 1 114 ? -5.875  -6.591  -9.731  1.00 38.12 ? 126 GLY A C   1 
ATOM   831  O O   . GLY A 1 114 ? -5.711  -5.452  -9.295  1.00 41.42 ? 126 GLY A O   1 
ATOM   832  N N   . HIS A 1 115 ? -6.957  -7.296  -9.446  1.00 37.13 ? 127 HIS A N   1 
ATOM   833  C CA  . HIS A 1 115 ? -8.006  -6.699  -8.613  1.00 38.05 ? 127 HIS A CA  1 
ATOM   834  C C   . HIS A 1 115 ? -8.715  -7.736  -7.750  1.00 39.34 ? 127 HIS A C   1 
ATOM   835  O O   . HIS A 1 115 ? -9.259  -8.704  -8.271  1.00 42.11 ? 127 HIS A O   1 
ATOM   836  C CB  . HIS A 1 115 ? -9.027  -6.009  -9.517  1.00 38.70 ? 127 HIS A CB  1 
ATOM   837  C CG  . HIS A 1 115 ? -9.505  -6.884  -10.629 1.00 39.61 ? 127 HIS A CG  1 
ATOM   838  N ND1 . HIS A 1 115 ? -10.440 -7.875  -10.442 1.00 38.56 ? 127 HIS A ND1 1 
ATOM   839  C CD2 . HIS A 1 115 ? -9.095  -6.995  -11.914 1.00 40.17 ? 127 HIS A CD2 1 
ATOM   840  C CE1 . HIS A 1 115 ? -10.583 -8.563  -11.561 1.00 38.84 ? 127 HIS A CE1 1 
ATOM   841  N NE2 . HIS A 1 115 ? -9.778  -8.049  -12.471 1.00 39.17 ? 127 HIS A NE2 1 
ATOM   842  N N   . ASP A 1 116 ? -8.699  -7.542  -6.432  1.00 38.40 ? 128 ASP A N   1 
ATOM   843  C CA  . ASP A 1 116 ? -9.378  -8.459  -5.520  1.00 37.90 ? 128 ASP A CA  1 
ATOM   844  C C   . ASP A 1 116 ? -10.662 -7.823  -4.980  1.00 38.57 ? 128 ASP A C   1 
ATOM   845  O O   . ASP A 1 116 ? -10.722 -6.602  -4.757  1.00 39.78 ? 128 ASP A O   1 
ATOM   846  C CB  . ASP A 1 116 ? -8.459  -8.831  -4.369  1.00 37.48 ? 128 ASP A CB  1 
ATOM   847  C CG  . ASP A 1 116 ? -7.388  -9.821  -4.780  1.00 37.67 ? 128 ASP A CG  1 
ATOM   848  O OD1 . ASP A 1 116 ? -7.128  -9.983  -5.991  1.00 38.76 ? 128 ASP A OD1 1 
ATOM   849  O OD2 . ASP A 1 116 ? -6.791  -10.439 -3.877  1.00 37.46 ? 128 ASP A OD2 1 
ATOM   850  N N   . THR A 1 117 ? -11.695 -8.647  -4.801  1.00 39.33 ? 129 THR A N   1 
ATOM   851  C CA  . THR A 1 117 ? -12.984 -8.178  -4.269  1.00 40.08 ? 129 THR A CA  1 
ATOM   852  C C   . THR A 1 117 ? -13.294 -9.000  -3.040  1.00 37.66 ? 129 THR A C   1 
ATOM   853  O O   . THR A 1 117 ? -13.489 -10.204 -3.121  1.00 37.85 ? 129 THR A O   1 
ATOM   854  C CB  . THR A 1 117 ? -14.127 -8.362  -5.286  1.00 41.24 ? 129 THR A CB  1 
ATOM   855  O OG1 . THR A 1 117 ? -13.892 -7.503  -6.406  1.00 42.91 ? 129 THR A OG1 1 
ATOM   856  C CG2 . THR A 1 117 ? -15.471 -8.025  -4.660  1.00 39.63 ? 129 THR A CG2 1 
ATOM   857  N N   . PHE A 1 118 ? -13.348 -8.342  -1.896  1.00 35.67 ? 130 PHE A N   1 
ATOM   858  C CA  . PHE A 1 118 ? -13.594 -9.034  -0.648  1.00 34.06 ? 130 PHE A CA  1 
ATOM   859  C C   . PHE A 1 118 ? -15.024 -9.010  -0.151  1.00 35.39 ? 130 PHE A C   1 
ATOM   860  O O   . PHE A 1 118 ? -15.752 -8.037  -0.340  1.00 35.05 ? 130 PHE A O   1 
ATOM   861  C CB  . PHE A 1 118 ? -12.656 -8.473  0.405   1.00 30.01 ? 130 PHE A CB  1 
ATOM   862  C CG  . PHE A 1 118 ? -11.215 -8.611  0.040   1.00 28.50 ? 130 PHE A CG  1 
ATOM   863  C CD1 . PHE A 1 118 ? -10.722 -8.016  -1.101  1.00 28.71 ? 130 PHE A CD1 1 
ATOM   864  C CD2 . PHE A 1 118 ? -10.363 -9.377  0.807   1.00 27.15 ? 130 PHE A CD2 1 
ATOM   865  C CE1 . PHE A 1 118 ? -9.414  -8.180  -1.474  1.00 24.04 ? 130 PHE A CE1 1 
ATOM   866  C CE2 . PHE A 1 118 ? -9.045  -9.546  0.435   1.00 27.48 ? 130 PHE A CE2 1 
ATOM   867  C CZ  . PHE A 1 118 ? -8.574  -8.946  -0.708  1.00 27.77 ? 130 PHE A CZ  1 
ATOM   868  N N   . THR A 1 119 ? -15.403 -10.115 0.480   1.00 35.56 ? 131 THR A N   1 
ATOM   869  C CA  . THR A 1 119 ? -16.719 -10.328 1.060   1.00 37.65 ? 131 THR A CA  1 
ATOM   870  C C   . THR A 1 119 ? -16.481 -10.687 2.527   1.00 39.27 ? 131 THR A C   1 
ATOM   871  O O   . THR A 1 119 ? -15.415 -11.229 2.869   1.00 39.50 ? 131 THR A O   1 
ATOM   872  C CB  . THR A 1 119 ? -17.418 -11.492 0.370   1.00 39.32 ? 131 THR A CB  1 
ATOM   873  O OG1 . THR A 1 119 ? -17.559 -11.190 -1.025  1.00 41.59 ? 131 THR A OG1 1 
ATOM   874  C CG2 . THR A 1 119 ? -18.788 -11.761 1.024   1.00 36.40 ? 131 THR A CG2 1 
ATOM   875  N N   . LYS A 1 120 ? -17.470 -10.437 3.387   1.00 40.64 ? 132 LYS A N   1 
ATOM   876  C CA  . LYS A 1 120 ? -17.299 -10.686 4.826   1.00 39.24 ? 132 LYS A CA  1 
ATOM   877  C C   . LYS A 1 120 ? -18.018 -11.889 5.426   1.00 39.44 ? 132 LYS A C   1 
ATOM   878  O O   . LYS A 1 120 ? -19.187 -12.140 5.062   1.00 40.33 ? 132 LYS A O   1 
ATOM   879  C CB  . LYS A 1 120 ? -17.709 -9.430  5.588   1.00 39.70 ? 132 LYS A CB  1 
ATOM   880  C CG  . LYS A 1 120 ? -16.904 -9.120  6.848   1.00 37.25 ? 132 LYS A CG  1 
ATOM   881  C CD  . LYS A 1 120 ? -17.399 -7.790  7.407   1.00 32.28 ? 132 LYS A CD  1 
ATOM   882  C CE  . LYS A 1 120 ? -16.657 -7.348  8.624   1.00 31.04 ? 132 LYS A CE  1 
ATOM   883  N NZ  . LYS A 1 120 ? -17.042 -5.965  8.928   1.00 35.24 ? 132 LYS A NZ  1 
ATOM   884  N N   . ALA B 1 3   ? 19.697  -1.470  4.205   1.00 61.27 ? 215 ALA B N   1 
ATOM   885  C CA  . ALA B 1 3   ? 18.464  -0.909  3.555   1.00 59.02 ? 215 ALA B CA  1 
ATOM   886  C C   . ALA B 1 3   ? 18.299  0.576   3.902   1.00 57.72 ? 215 ALA B C   1 
ATOM   887  O O   . ALA B 1 3   ? 17.492  0.958   4.787   1.00 56.36 ? 215 ALA B O   1 
ATOM   888  C CB  . ALA B 1 3   ? 17.196  -1.715  3.964   1.00 56.60 ? 215 ALA B CB  1 
ATOM   889  N N   . GLY B 1 4   ? 19.093  1.391   3.191   1.00 57.37 ? 216 GLY B N   1 
ATOM   890  C CA  . GLY B 1 4   ? 19.085  2.835   3.345   1.00 55.72 ? 216 GLY B CA  1 
ATOM   891  C C   . GLY B 1 4   ? 17.668  3.385   3.309   1.00 53.18 ? 216 GLY B C   1 
ATOM   892  O O   . GLY B 1 4   ? 17.487  4.616   3.354   1.00 55.21 ? 216 GLY B O   1 
ATOM   893  N N   . ILE B 1 5   ? 16.680  2.479   3.239   1.00 48.21 ? 217 ILE B N   1 
ATOM   894  C CA  . ILE B 1 5   ? 15.245  2.796   3.224   1.00 44.48 ? 217 ILE B CA  1 
ATOM   895  C C   . ILE B 1 5   ? 14.851  3.917   4.228   1.00 43.77 ? 217 ILE B C   1 
ATOM   896  O O   . ILE B 1 5   ? 14.175  4.877   3.854   1.00 41.94 ? 217 ILE B O   1 
ATOM   897  C CB  . ILE B 1 5   ? 14.408  1.485   3.491   1.00 41.82 ? 217 ILE B CB  1 
ATOM   898  C CG1 . ILE B 1 5   ? 14.714  0.444   2.411   1.00 40.35 ? 217 ILE B CG1 1 
ATOM   899  C CG2 . ILE B 1 5   ? 12.928  1.764   3.469   1.00 39.79 ? 217 ILE B CG2 1 
ATOM   900  C CD1 . ILE B 1 5   ? 13.845  -0.813  2.466   1.00 39.92 ? 217 ILE B CD1 1 
ATOM   901  N N   . THR B 1 6   ? 15.269  3.799   5.488   1.00 43.64 ? 218 THR B N   1 
ATOM   902  C CA  . THR B 1 6   ? 14.963  4.830   6.485   1.00 44.22 ? 218 THR B CA  1 
ATOM   903  C C   . THR B 1 6   ? 15.685  6.141   6.138   1.00 42.95 ? 218 THR B C   1 
ATOM   904  O O   . THR B 1 6   ? 16.889  6.247   6.281   1.00 43.26 ? 218 THR B O   1 
ATOM   905  C CB  . THR B 1 6   ? 15.419  4.410   7.905   1.00 45.75 ? 218 THR B CB  1 
ATOM   906  O OG1 . THR B 1 6   ? 14.688  3.250   8.324   1.00 47.26 ? 218 THR B OG1 1 
ATOM   907  C CG2 . THR B 1 6   ? 15.169  5.553   8.903   1.00 46.15 ? 218 THR B CG2 1 
ATOM   908  N N   . GLY B 1 7   ? 14.945  7.137   5.682   1.00 41.65 ? 219 GLY B N   1 
ATOM   909  C CA  . GLY B 1 7   ? 15.570  8.393   5.331   1.00 39.50 ? 219 GLY B CA  1 
ATOM   910  C C   . GLY B 1 7   ? 14.531  9.397   4.895   1.00 39.75 ? 219 GLY B C   1 
ATOM   911  O O   . GLY B 1 7   ? 13.389  9.353   5.319   1.00 41.48 ? 219 GLY B O   1 
ATOM   912  N N   . THR B 1 8   ? 14.947  10.330  4.065   1.00 38.01 ? 220 THR B N   1 
ATOM   913  C CA  . THR B 1 8   ? 14.048  11.325  3.551   1.00 35.92 ? 220 THR B CA  1 
ATOM   914  C C   . THR B 1 8   ? 14.282  11.215  2.065   1.00 38.23 ? 220 THR B C   1 
ATOM   915  O O   . THR B 1 8   ? 15.434  11.330  1.609   1.00 39.66 ? 220 THR B O   1 
ATOM   916  C CB  . THR B 1 8   ? 14.434  12.693  4.019   1.00 32.82 ? 220 THR B CB  1 
ATOM   917  O OG1 . THR B 1 8   ? 13.901  12.925  5.323   1.00 31.85 ? 220 THR B OG1 1 
ATOM   918  C CG2 . THR B 1 8   ? 13.900  13.705  3.075   1.00 32.23 ? 220 THR B CG2 1 
ATOM   919  N N   . TRP B 1 9   ? 13.203  10.972  1.316   1.00 39.07 ? 221 TRP B N   1 
ATOM   920  C CA  . TRP B 1 9   ? 13.271  10.792  -0.140  1.00 36.61 ? 221 TRP B CA  1 
ATOM   921  C C   . TRP B 1 9   ? 12.457  11.852  -0.840  1.00 37.11 ? 221 TRP B C   1 
ATOM   922  O O   . TRP B 1 9   ? 11.753  12.617  -0.175  1.00 35.34 ? 221 TRP B O   1 
ATOM   923  C CB  . TRP B 1 9   ? 12.725  9.416   -0.531  1.00 33.87 ? 221 TRP B CB  1 
ATOM   924  C CG  . TRP B 1 9   ? 13.378  8.279   0.174   1.00 33.78 ? 221 TRP B CG  1 
ATOM   925  C CD1 . TRP B 1 9   ? 13.073  7.787   1.411   1.00 35.48 ? 221 TRP B CD1 1 
ATOM   926  C CD2 . TRP B 1 9   ? 14.484  7.520   -0.295  1.00 34.32 ? 221 TRP B CD2 1 
ATOM   927  N NE1 . TRP B 1 9   ? 13.930  6.766   1.745   1.00 32.76 ? 221 TRP B NE1 1 
ATOM   928  C CE2 . TRP B 1 9   ? 14.805  6.580   0.711   1.00 34.67 ? 221 TRP B CE2 1 
ATOM   929  C CE3 . TRP B 1 9   ? 15.235  7.537   -1.471  1.00 35.62 ? 221 TRP B CE3 1 
ATOM   930  C CZ2 . TRP B 1 9   ? 15.842  5.669   0.576   1.00 37.87 ? 221 TRP B CZ2 1 
ATOM   931  C CZ3 . TRP B 1 9   ? 16.275  6.623   -1.606  1.00 40.83 ? 221 TRP B CZ3 1 
ATOM   932  C CH2 . TRP B 1 9   ? 16.566  5.699   -0.583  1.00 40.29 ? 221 TRP B CH2 1 
ATOM   933  N N   . TYR B 1 10  ? 12.538  11.889  -2.172  1.00 38.43 ? 222 TYR B N   1 
ATOM   934  C CA  . TYR B 1 10  ? 11.789  12.870  -2.965  1.00 40.41 ? 222 TYR B CA  1 
ATOM   935  C C   . TYR B 1 10  ? 11.418  12.332  -4.340  1.00 40.27 ? 222 TYR B C   1 
ATOM   936  O O   . TYR B 1 10  ? 12.294  11.978  -5.134  1.00 41.28 ? 222 TYR B O   1 
ATOM   937  C CB  . TYR B 1 10  ? 12.624  14.139  -3.180  1.00 43.24 ? 222 TYR B CB  1 
ATOM   938  C CG  . TYR B 1 10  ? 13.154  14.789  -1.922  1.00 43.49 ? 222 TYR B CG  1 
ATOM   939  C CD1 . TYR B 1 10  ? 12.408  15.774  -1.264  1.00 42.63 ? 222 TYR B CD1 1 
ATOM   940  C CD2 . TYR B 1 10  ? 14.402  14.403  -1.370  1.00 42.94 ? 222 TYR B CD2 1 
ATOM   941  C CE1 . TYR B 1 10  ? 12.876  16.373  -0.085  1.00 44.27 ? 222 TYR B CE1 1 
ATOM   942  C CE2 . TYR B 1 10  ? 14.883  14.992  -0.187  1.00 39.70 ? 222 TYR B CE2 1 
ATOM   943  C CZ  . TYR B 1 10  ? 14.108  15.985  0.448   1.00 42.15 ? 222 TYR B CZ  1 
ATOM   944  O OH  . TYR B 1 10  ? 14.543  16.621  1.597   1.00 42.12 ? 222 TYR B OH  1 
ATOM   945  N N   . ASN B 1 11  ? 10.132  12.258  -4.646  1.00 39.90 ? 223 ASN B N   1 
ATOM   946  C CA  . ASN B 1 11  ? 9.770   11.798  -5.975  1.00 39.47 ? 223 ASN B CA  1 
ATOM   947  C C   . ASN B 1 11  ? 9.871   13.023  -6.870  1.00 38.72 ? 223 ASN B C   1 
ATOM   948  O O   . ASN B 1 11  ? 10.041  14.141  -6.392  1.00 36.21 ? 223 ASN B O   1 
ATOM   949  C CB  . ASN B 1 11  ? 8.357   11.196  -6.029  1.00 38.22 ? 223 ASN B CB  1 
ATOM   950  C CG  . ASN B 1 11  ? 7.266   12.185  -5.647  1.00 40.01 ? 223 ASN B CG  1 
ATOM   951  O OD1 . ASN B 1 11  ? 7.410   13.396  -5.800  1.00 40.01 ? 223 ASN B OD1 1 
ATOM   952  N ND2 . ASN B 1 11  ? 6.153   11.661  -5.169  1.00 39.07 ? 223 ASN B ND2 1 
ATOM   953  N N   . GLN B 1 12  ? 9.789   12.794  -8.170  1.00 37.47 ? 224 GLN B N   1 
ATOM   954  C CA  . GLN B 1 12  ? 9.863   13.844  -9.177  1.00 35.25 ? 224 GLN B CA  1 
ATOM   955  C C   . GLN B 1 12  ? 8.764   14.910  -9.059  1.00 33.14 ? 224 GLN B C   1 
ATOM   956  O O   . GLN B 1 12  ? 8.770   15.897  -9.788  1.00 34.90 ? 224 GLN B O   1 
ATOM   957  C CB  . GLN B 1 12  ? 9.792   13.201  -10.560 1.00 35.36 ? 224 GLN B CB  1 
ATOM   958  C CG  . GLN B 1 12  ? 8.516   12.425  -10.776 1.00 32.45 ? 224 GLN B CG  1 
ATOM   959  C CD  . GLN B 1 12  ? 8.214   11.476  -9.628  1.00 30.43 ? 224 GLN B CD  1 
ATOM   960  O OE1 . GLN B 1 12  ? 9.021   10.615  -9.274  1.00 29.83 ? 224 GLN B OE1 1 
ATOM   961  N NE2 . GLN B 1 12  ? 7.045   11.636  -9.038  1.00 31.37 ? 224 GLN B NE2 1 
ATOM   962  N N   . LEU B 1 13  ? 7.795   14.714  -8.187  1.00 30.10 ? 225 LEU B N   1 
ATOM   963  C CA  . LEU B 1 13  ? 6.784   15.730  -8.068  1.00 32.06 ? 225 LEU B CA  1 
ATOM   964  C C   . LEU B 1 13  ? 7.267   16.594  -6.913  1.00 34.17 ? 225 LEU B C   1 
ATOM   965  O O   . LEU B 1 13  ? 6.661   17.610  -6.545  1.00 35.08 ? 225 LEU B O   1 
ATOM   966  C CB  . LEU B 1 13  ? 5.425   15.099  -7.754  1.00 32.98 ? 225 LEU B CB  1 
ATOM   967  C CG  . LEU B 1 13  ? 4.885   14.072  -8.757  1.00 32.78 ? 225 LEU B CG  1 
ATOM   968  C CD1 . LEU B 1 13  ? 3.494   13.587  -8.334  1.00 30.92 ? 225 LEU B CD1 1 
ATOM   969  C CD2 . LEU B 1 13  ? 4.818   14.693  -10.134 1.00 35.03 ? 225 LEU B CD2 1 
ATOM   970  N N   . GLY B 1 14  ? 8.394   16.190  -6.350  1.00 34.88 ? 226 GLY B N   1 
ATOM   971  C CA  . GLY B 1 14  ? 8.918   16.916  -5.215  1.00 37.07 ? 226 GLY B CA  1 
ATOM   972  C C   . GLY B 1 14  ? 7.991   16.802  -4.001  1.00 38.68 ? 226 GLY B C   1 
ATOM   973  O O   . GLY B 1 14  ? 7.700   17.794  -3.318  1.00 38.52 ? 226 GLY B O   1 
ATOM   974  N N   . SER B 1 15  ? 7.488   15.598  -3.742  1.00 38.92 ? 227 SER B N   1 
ATOM   975  C CA  . SER B 1 15  ? 6.644   15.384  -2.576  1.00 40.03 ? 227 SER B CA  1 
ATOM   976  C C   . SER B 1 15  ? 7.649   14.775  -1.618  1.00 40.41 ? 227 SER B C   1 
ATOM   977  O O   . SER B 1 15  ? 8.608   14.156  -2.079  1.00 41.68 ? 227 SER B O   1 
ATOM   978  C CB  . SER B 1 15  ? 5.527   14.397  -2.892  1.00 40.55 ? 227 SER B CB  1 
ATOM   979  O OG  . SER B 1 15  ? 4.524   15.032  -3.662  1.00 45.05 ? 227 SER B OG  1 
ATOM   980  N N   . THR B 1 16  ? 7.489   14.980  -0.310  1.00 40.69 ? 228 THR B N   1 
ATOM   981  C CA  . THR B 1 16  ? 8.446   14.404  0.626   1.00 38.77 ? 228 THR B CA  1 
ATOM   982  C C   . THR B 1 16  ? 7.859   13.195  1.263   1.00 37.47 ? 228 THR B C   1 
ATOM   983  O O   . THR B 1 16  ? 6.706   13.166  1.663   1.00 37.75 ? 228 THR B O   1 
ATOM   984  C CB  . THR B 1 16  ? 8.870   15.336  1.764   1.00 41.40 ? 228 THR B CB  1 
ATOM   985  O OG1 . THR B 1 16  ? 9.256   16.609  1.241   1.00 42.90 ? 228 THR B OG1 1 
ATOM   986  C CG2 . THR B 1 16  ? 10.080  14.736  2.481   1.00 39.06 ? 228 THR B CG2 1 
ATOM   987  N N   . PHE B 1 17  ? 8.705   12.200  1.379   1.00 35.41 ? 229 PHE B N   1 
ATOM   988  C CA  . PHE B 1 17  ? 8.346   10.930  1.937   1.00 33.83 ? 229 PHE B CA  1 
ATOM   989  C C   . PHE B 1 17  ? 9.367   10.645  3.043   1.00 34.17 ? 229 PHE B C   1 
ATOM   990  O O   . PHE B 1 17  ? 10.582  10.642  2.808   1.00 31.10 ? 229 PHE B O   1 
ATOM   991  C CB  . PHE B 1 17  ? 8.411   9.937   0.776   1.00 33.44 ? 229 PHE B CB  1 
ATOM   992  C CG  . PHE B 1 17  ? 8.449   8.509   1.176   1.00 30.85 ? 229 PHE B CG  1 
ATOM   993  C CD1 . PHE B 1 17  ? 7.596   8.016   2.156   1.00 31.95 ? 229 PHE B CD1 1 
ATOM   994  C CD2 . PHE B 1 17  ? 9.301   7.639   0.524   1.00 28.85 ? 229 PHE B CD2 1 
ATOM   995  C CE1 . PHE B 1 17  ? 7.599   6.668   2.472   1.00 32.86 ? 229 PHE B CE1 1 
ATOM   996  C CE2 . PHE B 1 17  ? 9.303   6.291   0.835   1.00 30.91 ? 229 PHE B CE2 1 
ATOM   997  C CZ  . PHE B 1 17  ? 8.453   5.805   1.807   1.00 33.13 ? 229 PHE B CZ  1 
ATOM   998  N N   . ILE B 1 18  ? 8.885   10.439  4.262   1.00 36.22 ? 230 ILE B N   1 
ATOM   999  C CA  . ILE B 1 18  ? 9.809   10.157  5.345   1.00 38.19 ? 230 ILE B CA  1 
ATOM   1000 C C   . ILE B 1 18  ? 9.592   8.827   6.062   1.00 38.54 ? 230 ILE B C   1 
ATOM   1001 O O   . ILE B 1 18  ? 8.661   8.686   6.847   1.00 38.75 ? 230 ILE B O   1 
ATOM   1002 C CB  . ILE B 1 18  ? 9.809   11.310  6.341   1.00 39.06 ? 230 ILE B CB  1 
ATOM   1003 C CG1 . ILE B 1 18  ? 10.379  12.552  5.644   1.00 42.51 ? 230 ILE B CG1 1 
ATOM   1004 C CG2 . ILE B 1 18  ? 10.640  10.957  7.557   1.00 41.99 ? 230 ILE B CG2 1 
ATOM   1005 C CD1 . ILE B 1 18  ? 10.577  13.726  6.558   1.00 43.54 ? 230 ILE B CD1 1 
ATOM   1006 N N   . VAL B 1 19  ? 10.490  7.875   5.794   1.00 38.40 ? 231 VAL B N   1 
ATOM   1007 C CA  . VAL B 1 19  ? 10.427  6.528   6.354   1.00 38.40 ? 231 VAL B CA  1 
ATOM   1008 C C   . VAL B 1 19  ? 11.442  6.082   7.417   1.00 39.56 ? 231 VAL B C   1 
ATOM   1009 O O   . VAL B 1 19  ? 12.522  6.656   7.596   1.00 41.67 ? 231 VAL B O   1 
ATOM   1010 C CB  . VAL B 1 19  ? 10.538  5.486   5.256   1.00 36.93 ? 231 VAL B CB  1 
ATOM   1011 C CG1 . VAL B 1 19  ? 9.271   4.672   5.180   1.00 38.14 ? 231 VAL B CG1 1 
ATOM   1012 C CG2 . VAL B 1 19  ? 10.863  6.168   3.956   1.00 37.99 ? 231 VAL B CG2 1 
ATOM   1013 N N   . THR B 1 20  ? 11.073  4.995   8.079   1.00 37.42 ? 232 THR B N   1 
ATOM   1014 C CA  . THR B 1 20  ? 11.865  4.374   9.108   1.00 34.39 ? 232 THR B CA  1 
ATOM   1015 C C   . THR B 1 20  ? 11.493  2.912   9.005   1.00 34.55 ? 232 THR B C   1 
ATOM   1016 O O   . THR B 1 20  ? 10.337  2.545   9.253   1.00 35.56 ? 232 THR B O   1 
ATOM   1017 C CB  . THR B 1 20  ? 11.455  4.905   10.460  1.00 32.74 ? 232 THR B CB  1 
ATOM   1018 O OG1 . THR B 1 20  ? 12.065  6.173   10.664  1.00 32.92 ? 232 THR B OG1 1 
ATOM   1019 C CG2 . THR B 1 20  ? 11.856  3.956   11.549  1.00 36.31 ? 232 THR B CG2 1 
ATOM   1020 N N   . ALA B 1 21  ? 12.459  2.083   8.635   1.00 33.06 ? 233 ALA B N   1 
ATOM   1021 C CA  . ALA B 1 21  ? 12.218  0.648   8.482   1.00 35.94 ? 233 ALA B CA  1 
ATOM   1022 C C   . ALA B 1 21  ? 12.579  -0.226  9.690   1.00 37.20 ? 233 ALA B C   1 
ATOM   1023 O O   . ALA B 1 21  ? 13.755  -0.457  9.964   1.00 38.43 ? 233 ALA B O   1 
ATOM   1024 C CB  . ALA B 1 21  ? 12.957  0.141   7.261   1.00 34.03 ? 233 ALA B CB  1 
ATOM   1025 N N   . GLY B 1 22  ? 11.578  -0.730  10.404  1.00 35.99 ? 234 GLY B N   1 
ATOM   1026 C CA  . GLY B 1 22  ? 11.874  -1.577  11.546  1.00 36.78 ? 234 GLY B CA  1 
ATOM   1027 C C   . GLY B 1 22  ? 12.480  -2.903  11.116  1.00 38.32 ? 234 GLY B C   1 
ATOM   1028 O O   . GLY B 1 22  ? 12.272  -3.356  10.003  1.00 38.61 ? 234 GLY B O   1 
ATOM   1029 N N   . ALA B 1 23  ? 13.239  -3.531  12.000  1.00 41.63 ? 235 ALA B N   1 
ATOM   1030 C CA  . ALA B 1 23  ? 13.861  -4.824  11.713  1.00 40.46 ? 235 ALA B CA  1 
ATOM   1031 C C   . ALA B 1 23  ? 12.825  -5.936  11.498  1.00 39.69 ? 235 ALA B C   1 
ATOM   1032 O O   . ALA B 1 23  ? 13.179  -7.065  11.169  1.00 34.46 ? 235 ALA B O   1 
ATOM   1033 C CB  . ALA B 1 23  ? 14.782  -5.210  12.848  1.00 36.52 ? 235 ALA B CB  1 
ATOM   1034 N N   . ASP B 1 24  ? 11.546  -5.611  11.680  1.00 39.18 ? 236 ASP B N   1 
ATOM   1035 C CA  . ASP B 1 24  ? 10.463  -6.593  11.520  1.00 40.73 ? 236 ASP B CA  1 
ATOM   1036 C C   . ASP B 1 24  ? 9.930   -6.681  10.093  1.00 39.28 ? 236 ASP B C   1 
ATOM   1037 O O   . ASP B 1 24  ? 9.398   -7.708  9.681   1.00 38.26 ? 236 ASP B O   1 
ATOM   1038 C CB  . ASP B 1 24  ? 9.314   -6.220  12.433  1.00 39.34 ? 236 ASP B CB  1 
ATOM   1039 C CG  . ASP B 1 24  ? 8.954   -4.761  12.311  1.00 37.56 ? 236 ASP B CG  1 
ATOM   1040 O OD1 . ASP B 1 24  ? 7.887   -4.377  12.858  1.00 38.70 ? 236 ASP B OD1 1 
ATOM   1041 O OD2 . ASP B 1 24  ? 9.750   -4.013  11.675  1.00 32.44 ? 236 ASP B OD2 1 
ATOM   1042 N N   . GLY B 1 25  ? 10.081  -5.579  9.364   1.00 37.64 ? 237 GLY B N   1 
ATOM   1043 C CA  . GLY B 1 25  ? 9.620   -5.491  7.990   1.00 37.36 ? 237 GLY B CA  1 
ATOM   1044 C C   . GLY B 1 25  ? 8.560   -4.404  7.853   1.00 35.16 ? 237 GLY B C   1 
ATOM   1045 O O   . GLY B 1 25  ? 7.776   -4.395  6.901   1.00 36.44 ? 237 GLY B O   1 
ATOM   1046 N N   . ALA B 1 26  ? 8.534   -3.474  8.800   1.00 33.61 ? 238 ALA B N   1 
ATOM   1047 C CA  . ALA B 1 26  ? 7.525   -2.435  8.783   1.00 32.66 ? 238 ALA B CA  1 
ATOM   1048 C C   . ALA B 1 26  ? 8.045   -1.067  8.492   1.00 31.94 ? 238 ALA B C   1 
ATOM   1049 O O   . ALA B 1 26  ? 9.162   -0.709  8.853   1.00 33.01 ? 238 ALA B O   1 
ATOM   1050 C CB  . ALA B 1 26  ? 6.788   -2.408  10.090  1.00 31.16 ? 238 ALA B CB  1 
ATOM   1051 N N   . LEU B 1 27  ? 7.204   -0.293  7.840   1.00 31.46 ? 239 LEU B N   1 
ATOM   1052 C CA  . LEU B 1 27  ? 7.552   1.055   7.516   1.00 32.68 ? 239 LEU B CA  1 
ATOM   1053 C C   . LEU B 1 27  ? 6.576   1.905   8.264   1.00 33.54 ? 239 LEU B C   1 
ATOM   1054 O O   . LEU B 1 27  ? 5.465   1.479   8.547   1.00 32.93 ? 239 LEU B O   1 
ATOM   1055 C CB  . LEU B 1 27  ? 7.414   1.278   6.027   1.00 31.29 ? 239 LEU B CB  1 
ATOM   1056 C CG  . LEU B 1 27  ? 8.213   0.253   5.215   1.00 31.81 ? 239 LEU B CG  1 
ATOM   1057 C CD1 . LEU B 1 27  ? 7.973   0.501   3.733   1.00 28.35 ? 239 LEU B CD1 1 
ATOM   1058 C CD2 . LEU B 1 27  ? 9.705   0.346   5.571   1.00 31.57 ? 239 LEU B CD2 1 
ATOM   1059 N N   . THR B 1 28  ? 7.010   3.101   8.617   1.00 35.57 ? 240 THR B N   1 
ATOM   1060 C CA  . THR B 1 28  ? 6.165   4.050   9.340   1.00 37.82 ? 240 THR B CA  1 
ATOM   1061 C C   . THR B 1 28  ? 6.668   5.424   8.894   1.00 36.88 ? 240 THR B C   1 
ATOM   1062 O O   . THR B 1 28  ? 7.595   5.490   8.092   1.00 38.49 ? 240 THR B O   1 
ATOM   1063 C CB  . THR B 1 28  ? 6.300   3.867   10.879  1.00 38.52 ? 240 THR B CB  1 
ATOM   1064 O OG1 . THR B 1 28  ? 7.666   4.043   11.287  1.00 41.84 ? 240 THR B OG1 1 
ATOM   1065 C CG2 . THR B 1 28  ? 5.849   2.487   11.264  1.00 40.97 ? 240 THR B CG2 1 
ATOM   1066 N N   . GLY B 1 29  ? 6.069   6.506   9.373   1.00 35.94 ? 241 GLY B N   1 
ATOM   1067 C CA  . GLY B 1 29  ? 6.523   7.820   8.945   1.00 32.57 ? 241 GLY B CA  1 
ATOM   1068 C C   . GLY B 1 29  ? 5.445   8.681   8.310   1.00 32.17 ? 241 GLY B C   1 
ATOM   1069 O O   . GLY B 1 29  ? 4.247   8.425   8.461   1.00 29.03 ? 241 GLY B O   1 
ATOM   1070 N N   . THR B 1 30  ? 5.859   9.699   7.573   1.00 33.15 ? 242 THR B N   1 
ATOM   1071 C CA  . THR B 1 30  ? 4.873   10.566  6.974   1.00 37.57 ? 242 THR B CA  1 
ATOM   1072 C C   . THR B 1 30  ? 5.025   10.741  5.489   1.00 35.82 ? 242 THR B C   1 
ATOM   1073 O O   . THR B 1 30  ? 5.981   10.277  4.898   1.00 33.27 ? 242 THR B O   1 
ATOM   1074 C CB  . THR B 1 30  ? 4.904   11.963  7.630   1.00 40.69 ? 242 THR B CB  1 
ATOM   1075 O OG1 . THR B 1 30  ? 6.154   12.614  7.335   1.00 47.72 ? 242 THR B OG1 1 
ATOM   1076 C CG2 . THR B 1 30  ? 4.749   11.831  9.122   1.00 43.14 ? 242 THR B CG2 1 
ATOM   1077 N N   . TYR B 1 31  ? 4.059   11.426  4.901   1.00 35.90 ? 243 TYR B N   1 
ATOM   1078 C CA  . TYR B 1 31  ? 4.102   11.713  3.483   1.00 35.64 ? 243 TYR B CA  1 
ATOM   1079 C C   . TYR B 1 31  ? 3.484   13.087  3.227   1.00 37.40 ? 243 TYR B C   1 
ATOM   1080 O O   . TYR B 1 31  ? 2.380   13.374  3.715   1.00 36.96 ? 243 TYR B O   1 
ATOM   1081 C CB  . TYR B 1 31  ? 3.340   10.654  2.676   1.00 33.89 ? 243 TYR B CB  1 
ATOM   1082 C CG  . TYR B 1 31  ? 3.702   10.651  1.211   1.00 29.84 ? 243 TYR B CG  1 
ATOM   1083 C CD1 . TYR B 1 31  ? 3.137   11.565  0.321   1.00 29.01 ? 243 TYR B CD1 1 
ATOM   1084 C CD2 . TYR B 1 31  ? 4.648   9.760   0.732   1.00 28.42 ? 243 TYR B CD2 1 
ATOM   1085 C CE1 . TYR B 1 31  ? 3.511   11.588  -1.013  1.00 28.04 ? 243 TYR B CE1 1 
ATOM   1086 C CE2 . TYR B 1 31  ? 5.029   9.768   -0.589  1.00 30.60 ? 243 TYR B CE2 1 
ATOM   1087 C CZ  . TYR B 1 31  ? 4.464   10.679  -1.460  1.00 31.29 ? 243 TYR B CZ  1 
ATOM   1088 O OH  . TYR B 1 31  ? 4.867   10.637  -2.770  1.00 31.44 ? 243 TYR B OH  1 
ATOM   1089 N N   . GLU B 1 32  ? 4.192   13.921  2.459   1.00 36.46 ? 244 GLU B N   1 
ATOM   1090 C CA  . GLU B 1 32  ? 3.721   15.260  2.128   1.00 33.84 ? 244 GLU B CA  1 
ATOM   1091 C C   . GLU B 1 32  ? 3.732   15.500  0.630   1.00 32.96 ? 244 GLU B C   1 
ATOM   1092 O O   . GLU B 1 32  ? 4.760   15.847  0.078   1.00 34.79 ? 244 GLU B O   1 
ATOM   1093 C CB  . GLU B 1 32  ? 4.603   16.294  2.778   1.00 35.61 ? 244 GLU B CB  1 
ATOM   1094 C CG  . GLU B 1 32  ? 3.954   17.631  2.889   1.00 39.86 ? 244 GLU B CG  1 
ATOM   1095 C CD  . GLU B 1 32  ? 4.973   18.712  3.112   1.00 41.15 ? 244 GLU B CD  1 
ATOM   1096 O OE1 . GLU B 1 32  ? 5.629   18.708  4.181   1.00 40.56 ? 244 GLU B OE1 1 
ATOM   1097 O OE2 . GLU B 1 32  ? 5.127   19.561  2.200   1.00 46.44 ? 244 GLU B OE2 1 
ATOM   1098 N N   . SER B 1 33  ? 2.584   15.337  -0.019  1.00 32.43 ? 245 SER B N   1 
ATOM   1099 C CA  . SER B 1 33  ? 2.476   15.520  -1.454  1.00 32.46 ? 245 SER B CA  1 
ATOM   1100 C C   . SER B 1 33  ? 2.621   16.976  -1.841  1.00 34.68 ? 245 SER B C   1 
ATOM   1101 O O   . SER B 1 33  ? 2.336   17.881  -1.047  1.00 35.06 ? 245 SER B O   1 
ATOM   1102 C CB  . SER B 1 33  ? 1.122   15.011  -1.959  1.00 32.08 ? 245 SER B CB  1 
ATOM   1103 O OG  . SER B 1 33  ? 0.873   15.458  -3.282  1.00 32.27 ? 245 SER B OG  1 
ATOM   1104 N N   . ALA B 1 34  ? 3.058   17.196  -3.075  1.00 35.20 ? 246 ALA B N   1 
ATOM   1105 C CA  . ALA B 1 34  ? 3.215   18.546  -3.578  1.00 35.97 ? 246 ALA B CA  1 
ATOM   1106 C C   . ALA B 1 34  ? 2.068   18.821  -4.526  1.00 36.75 ? 246 ALA B C   1 
ATOM   1107 O O   . ALA B 1 34  ? 1.870   19.963  -4.950  1.00 37.60 ? 246 ALA B O   1 
ATOM   1108 C CB  . ALA B 1 34  ? 4.540   18.693  -4.303  1.00 36.24 ? 246 ALA B CB  1 
ATOM   1109 N N   . VAL B 1 35  ? 1.307   17.777  -4.851  1.00 36.41 ? 247 VAL B N   1 
ATOM   1110 C CA  . VAL B 1 35  ? 0.173   17.925  -5.763  1.00 34.75 ? 247 VAL B CA  1 
ATOM   1111 C C   . VAL B 1 35  ? -1.097  17.349  -5.170  1.00 35.23 ? 247 VAL B C   1 
ATOM   1112 O O   . VAL B 1 35  ? -1.047  16.499  -4.293  1.00 34.89 ? 247 VAL B O   1 
ATOM   1113 C CB  . VAL B 1 35  ? 0.398   17.161  -7.091  1.00 34.95 ? 247 VAL B CB  1 
ATOM   1114 C CG1 . VAL B 1 35  ? 1.734   17.520  -7.705  1.00 31.40 ? 247 VAL B CG1 1 
ATOM   1115 C CG2 . VAL B 1 35  ? 0.282   15.662  -6.840  1.00 35.28 ? 247 VAL B CG2 1 
ATOM   1116 N N   . GLY B 1 36  ? -2.238  17.806  -5.667  1.00 39.09 ? 248 GLY B N   1 
ATOM   1117 C CA  . GLY B 1 36  ? -3.506  17.255  -5.220  1.00 41.52 ? 248 GLY B CA  1 
ATOM   1118 C C   . GLY B 1 36  ? -4.132  17.868  -3.989  1.00 44.71 ? 248 GLY B C   1 
ATOM   1119 O O   . GLY B 1 36  ? -3.639  18.879  -3.466  1.00 45.54 ? 248 GLY B O   1 
ATOM   1120 N N   . ASN B 1 37  ? -5.234  17.270  -3.534  1.00 46.96 ? 249 ASN B N   1 
ATOM   1121 C CA  . ASN B 1 37  ? -5.929  17.760  -2.345  1.00 48.27 ? 249 ASN B CA  1 
ATOM   1122 C C   . ASN B 1 37  ? -5.122  17.262  -1.149  1.00 47.66 ? 249 ASN B C   1 
ATOM   1123 O O   . ASN B 1 37  ? -5.546  16.379  -0.388  1.00 47.42 ? 249 ASN B O   1 
ATOM   1124 C CB  . ASN B 1 37  ? -7.372  17.232  -2.289  1.00 51.05 ? 249 ASN B CB  1 
ATOM   1125 C CG  . ASN B 1 37  ? -8.270  18.065  -1.368  1.00 55.49 ? 249 ASN B CG  1 
ATOM   1126 O OD1 . ASN B 1 37  ? -7.861  19.114  -0.859  1.00 59.93 ? 249 ASN B OD1 1 
ATOM   1127 N ND2 . ASN B 1 37  ? -9.499  17.604  -1.161  1.00 57.13 ? 249 ASN B ND2 1 
ATOM   1128 N N   . ALA B 1 38  ? -3.937  17.847  -1.019  1.00 45.39 ? 250 ALA B N   1 
ATOM   1129 C CA  . ALA B 1 38  ? -2.995  17.508  0.022   1.00 43.66 ? 250 ALA B CA  1 
ATOM   1130 C C   . ALA B 1 38  ? -2.409  18.807  0.549   1.00 42.69 ? 250 ALA B C   1 
ATOM   1131 O O   . ALA B 1 38  ? -2.375  19.823  -0.154  1.00 41.32 ? 250 ALA B O   1 
ATOM   1132 C CB  . ALA B 1 38  ? -1.895  16.621  -0.547  1.00 41.06 ? 250 ALA B CB  1 
ATOM   1133 N N   . GLU B 1 39  ? -1.934  18.738  1.790   1.00 43.88 ? 251 GLU B N   1 
ATOM   1134 C CA  . GLU B 1 39  ? -1.357  19.865  2.496   1.00 43.00 ? 251 GLU B CA  1 
ATOM   1135 C C   . GLU B 1 39  ? -0.888  19.369  3.845   1.00 43.93 ? 251 GLU B C   1 
ATOM   1136 O O   . GLU B 1 39  ? -1.701  18.883  4.661   1.00 43.90 ? 251 GLU B O   1 
ATOM   1137 C CB  . GLU B 1 39  ? -2.412  20.914  2.736   1.00 44.28 ? 251 GLU B CB  1 
ATOM   1138 C CG  . GLU B 1 39  ? -1.905  22.140  3.427   1.00 46.36 ? 251 GLU B CG  1 
ATOM   1139 C CD  . GLU B 1 39  ? -3.030  22.874  4.117   1.00 47.28 ? 251 GLU B CD  1 
ATOM   1140 O OE1 . GLU B 1 39  ? -2.911  24.110  4.345   1.00 45.39 ? 251 GLU B OE1 1 
ATOM   1141 O OE2 . GLU B 1 39  ? -4.041  22.191  4.434   1.00 50.45 ? 251 GLU B OE2 1 
ATOM   1142 N N   . SER B 1 40  ? 0.418   19.491  4.080   1.00 44.31 ? 252 SER B N   1 
ATOM   1143 C CA  . SER B 1 40  ? 1.018   19.071  5.335   1.00 44.57 ? 252 SER B CA  1 
ATOM   1144 C C   . SER B 1 40  ? 1.265   17.562  5.354   1.00 43.89 ? 252 SER B C   1 
ATOM   1145 O O   . SER B 1 40  ? 1.086   16.866  4.355   1.00 40.64 ? 252 SER B O   1 
ATOM   1146 C CB  . SER B 1 40  ? 0.123   19.484  6.506   1.00 43.90 ? 252 SER B CB  1 
ATOM   1147 O OG  . SER B 1 40  ? 0.821   19.416  7.730   1.00 42.83 ? 252 SER B OG  1 
ATOM   1148 N N   . ARG B 1 41  ? 1.690   17.058  6.503   1.00 43.44 ? 253 ARG B N   1 
ATOM   1149 C CA  . ARG B 1 41  ? 1.987   15.648  6.611   1.00 43.80 ? 253 ARG B CA  1 
ATOM   1150 C C   . ARG B 1 41  ? 0.793   14.739  6.854   1.00 43.17 ? 253 ARG B C   1 
ATOM   1151 O O   . ARG B 1 41  ? -0.069  15.002  7.687   1.00 40.53 ? 253 ARG B O   1 
ATOM   1152 C CB  . ARG B 1 41  ? 3.024   15.403  7.705   1.00 46.64 ? 253 ARG B CB  1 
ATOM   1153 C CG  . ARG B 1 41  ? 4.392   15.953  7.413   1.00 49.97 ? 253 ARG B CG  1 
ATOM   1154 C CD  . ARG B 1 41  ? 5.077   16.369  8.718   1.00 57.44 ? 253 ARG B CD  1 
ATOM   1155 N NE  . ARG B 1 41  ? 4.304   17.415  9.415   1.00 62.28 ? 253 ARG B NE  1 
ATOM   1156 C CZ  . ARG B 1 41  ? 3.288   17.191  10.265  1.00 64.13 ? 253 ARG B CZ  1 
ATOM   1157 N NH1 . ARG B 1 41  ? 2.895   15.937  10.561  1.00 64.47 ? 253 ARG B NH1 1 
ATOM   1158 N NH2 . ARG B 1 41  ? 2.644   18.234  10.806  1.00 64.67 ? 253 ARG B NH2 1 
ATOM   1159 N N   . TYR B 1 42  ? 0.787   13.657  6.088   1.00 43.26 ? 254 TYR B N   1 
ATOM   1160 C CA  . TYR B 1 42  ? -0.204  12.614  6.174   1.00 41.50 ? 254 TYR B CA  1 
ATOM   1161 C C   . TYR B 1 42  ? 0.626   11.425  6.687   1.00 40.30 ? 254 TYR B C   1 
ATOM   1162 O O   . TYR B 1 42  ? 1.833   11.333  6.411   1.00 39.74 ? 254 TYR B O   1 
ATOM   1163 C CB  . TYR B 1 42  ? -0.786  12.334  4.784   1.00 41.50 ? 254 TYR B CB  1 
ATOM   1164 C CG  . TYR B 1 42  ? -1.641  13.463  4.226   1.00 40.41 ? 254 TYR B CG  1 
ATOM   1165 C CD1 . TYR B 1 42  ? -1.071  14.559  3.569   1.00 40.47 ? 254 TYR B CD1 1 
ATOM   1166 C CD2 . TYR B 1 42  ? -3.027  13.445  4.395   1.00 40.98 ? 254 TYR B CD2 1 
ATOM   1167 C CE1 . TYR B 1 42  ? -1.865  15.611  3.093   1.00 40.91 ? 254 TYR B CE1 1 
ATOM   1168 C CE2 . TYR B 1 42  ? -3.833  14.488  3.925   1.00 42.65 ? 254 TYR B CE2 1 
ATOM   1169 C CZ  . TYR B 1 42  ? -3.253  15.566  3.273   1.00 43.28 ? 254 TYR B CZ  1 
ATOM   1170 O OH  . TYR B 1 42  ? -4.091  16.552  2.783   1.00 44.31 ? 254 TYR B OH  1 
ATOM   1171 N N   . VAL B 1 43  ? -0.003  10.549  7.459   1.00 38.16 ? 255 VAL B N   1 
ATOM   1172 C CA  . VAL B 1 43  ? 0.672   9.383   8.009   1.00 38.79 ? 255 VAL B CA  1 
ATOM   1173 C C   . VAL B 1 43  ? 0.799   8.244   7.003   1.00 39.15 ? 255 VAL B C   1 
ATOM   1174 O O   . VAL B 1 43  ? -0.045  8.124   6.106   1.00 40.86 ? 255 VAL B O   1 
ATOM   1175 C CB  . VAL B 1 43  ? -0.098  8.871   9.221   1.00 39.59 ? 255 VAL B CB  1 
ATOM   1176 C CG1 . VAL B 1 43  ? 0.328   7.449   9.570   1.00 38.50 ? 255 VAL B CG1 1 
ATOM   1177 C CG2 . VAL B 1 43  ? 0.118   9.817   10.374  1.00 37.46 ? 255 VAL B CG2 1 
ATOM   1178 N N   . LEU B 1 44  ? 1.826   7.402   7.153   1.00 38.04 ? 256 LEU B N   1 
ATOM   1179 C CA  . LEU B 1 44  ? 1.997   6.278   6.227   1.00 37.37 ? 256 LEU B CA  1 
ATOM   1180 C C   . LEU B 1 44  ? 2.404   4.956   6.897   1.00 36.66 ? 256 LEU B C   1 
ATOM   1181 O O   . LEU B 1 44  ? 3.283   4.906   7.753   1.00 37.41 ? 256 LEU B O   1 
ATOM   1182 C CB  . LEU B 1 44  ? 3.014   6.643   5.152   1.00 33.34 ? 256 LEU B CB  1 
ATOM   1183 C CG  . LEU B 1 44  ? 4.467   6.504   5.592   1.00 34.10 ? 256 LEU B CG  1 
ATOM   1184 C CD1 . LEU B 1 44  ? 4.894   5.039   5.523   1.00 24.11 ? 256 LEU B CD1 1 
ATOM   1185 C CD2 . LEU B 1 44  ? 5.345   7.383   4.699   1.00 34.26 ? 256 LEU B CD2 1 
ATOM   1186 N N   . THR B 1 45  ? 1.785   3.870   6.475   1.00 35.33 ? 257 THR B N   1 
ATOM   1187 C CA  . THR B 1 45  ? 2.075   2.579   7.062   1.00 33.55 ? 257 THR B CA  1 
ATOM   1188 C C   . THR B 1 45  ? 2.447   1.550   5.998   1.00 34.59 ? 257 THR B C   1 
ATOM   1189 O O   . THR B 1 45  ? 1.696   1.324   5.049   1.00 38.37 ? 257 THR B O   1 
ATOM   1190 C CB  . THR B 1 45  ? 0.866   2.126   7.856   1.00 31.57 ? 257 THR B CB  1 
ATOM   1191 O OG1 . THR B 1 45  ? 1.269   1.824   9.184   1.00 32.89 ? 257 THR B OG1 1 
ATOM   1192 C CG2 . THR B 1 45  ? 0.233   0.934   7.244   1.00 34.01 ? 257 THR B CG2 1 
ATOM   1193 N N   . GLY B 1 46  ? 3.610   0.929   6.141   1.00 32.09 ? 258 GLY B N   1 
ATOM   1194 C CA  . GLY B 1 46  ? 4.001   -0.033  5.140   1.00 33.04 ? 258 GLY B CA  1 
ATOM   1195 C C   . GLY B 1 46  ? 4.736   -1.259  5.629   1.00 36.15 ? 258 GLY B C   1 
ATOM   1196 O O   . GLY B 1 46  ? 5.034   -1.399  6.810   1.00 35.16 ? 258 GLY B O   1 
ATOM   1197 N N   . ARG B 1 47  ? 5.029   -2.148  4.683   1.00 37.73 ? 259 ARG B N   1 
ATOM   1198 C CA  . ARG B 1 47  ? 5.737   -3.396  4.937   1.00 38.32 ? 259 ARG B CA  1 
ATOM   1199 C C   . ARG B 1 47  ? 6.828   -3.506  3.858   1.00 38.46 ? 259 ARG B C   1 
ATOM   1200 O O   . ARG B 1 47  ? 6.630   -3.017  2.739   1.00 37.49 ? 259 ARG B O   1 
ATOM   1201 C CB  . ARG B 1 47  ? 4.748   -4.581  4.854   1.00 38.82 ? 259 ARG B CB  1 
ATOM   1202 C CG  . ARG B 1 47  ? 3.671   -4.577  5.962   1.00 38.97 ? 259 ARG B CG  1 
ATOM   1203 C CD  . ARG B 1 47  ? 4.300   -4.743  7.346   1.00 42.70 ? 259 ARG B CD  1 
ATOM   1204 N NE  . ARG B 1 47  ? 4.967   -6.045  7.463   1.00 45.03 ? 259 ARG B NE  1 
ATOM   1205 C CZ  . ARG B 1 47  ? 5.842   -6.373  8.408   1.00 43.66 ? 259 ARG B CZ  1 
ATOM   1206 N NH1 . ARG B 1 47  ? 6.170   -5.496  9.345   1.00 44.59 ? 259 ARG B NH1 1 
ATOM   1207 N NH2 . ARG B 1 47  ? 6.409   -7.569  8.395   1.00 44.54 ? 259 ARG B NH2 1 
ATOM   1208 N N   . TYR B 1 48  ? 7.967   -4.115  4.210   1.00 38.19 ? 260 TYR B N   1 
ATOM   1209 C CA  . TYR B 1 48  ? 9.110   -4.289  3.299   1.00 39.68 ? 260 TYR B CA  1 
ATOM   1210 C C   . TYR B 1 48  ? 9.898   -5.562  3.664   1.00 41.61 ? 260 TYR B C   1 
ATOM   1211 O O   . TYR B 1 48  ? 9.829   -6.011  4.805   1.00 44.97 ? 260 TYR B O   1 
ATOM   1212 C CB  . TYR B 1 48  ? 10.063  -3.089  3.368   1.00 39.34 ? 260 TYR B CB  1 
ATOM   1213 C CG  . TYR B 1 48  ? 11.107  -3.195  4.469   1.00 41.89 ? 260 TYR B CG  1 
ATOM   1214 C CD1 . TYR B 1 48  ? 10.812  -2.825  5.789   1.00 39.35 ? 260 TYR B CD1 1 
ATOM   1215 C CD2 . TYR B 1 48  ? 12.382  -3.695  4.197   1.00 40.82 ? 260 TYR B CD2 1 
ATOM   1216 C CE1 . TYR B 1 48  ? 11.762  -2.948  6.804   1.00 38.01 ? 260 TYR B CE1 1 
ATOM   1217 C CE2 . TYR B 1 48  ? 13.337  -3.825  5.208   1.00 38.47 ? 260 TYR B CE2 1 
ATOM   1218 C CZ  . TYR B 1 48  ? 13.026  -3.449  6.509   1.00 36.58 ? 260 TYR B CZ  1 
ATOM   1219 O OH  . TYR B 1 48  ? 13.977  -3.559  7.509   1.00 33.86 ? 260 TYR B OH  1 
ATOM   1220 N N   . ASP B 1 49  ? 10.660  -6.114  2.712   1.00 40.36 ? 261 ASP B N   1 
ATOM   1221 C CA  . ASP B 1 49  ? 11.437  -7.350  2.908   1.00 38.44 ? 261 ASP B CA  1 
ATOM   1222 C C   . ASP B 1 49  ? 12.632  -7.165  3.811   1.00 37.59 ? 261 ASP B C   1 
ATOM   1223 O O   . ASP B 1 49  ? 13.626  -6.554  3.405   1.00 38.56 ? 261 ASP B O   1 
ATOM   1224 C CB  . ASP B 1 49  ? 11.957  -7.884  1.570   1.00 37.33 ? 261 ASP B CB  1 
ATOM   1225 C CG  . ASP B 1 49  ? 12.260  -9.377  1.602   1.00 38.12 ? 261 ASP B CG  1 
ATOM   1226 O OD1 . ASP B 1 49  ? 12.616  -9.896  2.690   1.00 37.69 ? 261 ASP B OD1 1 
ATOM   1227 O OD2 . ASP B 1 49  ? 12.144  -10.019 0.524   1.00 35.70 ? 261 ASP B OD2 1 
ATOM   1228 N N   . SER B 1 50  ? 12.544  -7.712  5.022   1.00 36.83 ? 262 SER B N   1 
ATOM   1229 C CA  . SER B 1 50  ? 13.632  -7.613  5.970   1.00 33.13 ? 262 SER B CA  1 
ATOM   1230 C C   . SER B 1 50  ? 14.750  -8.545  5.514   1.00 33.74 ? 262 SER B C   1 
ATOM   1231 O O   . SER B 1 50  ? 15.918  -8.268  5.770   1.00 36.47 ? 262 SER B O   1 
ATOM   1232 C CB  . SER B 1 50  ? 13.167  -7.933  7.393   1.00 30.74 ? 262 SER B CB  1 
ATOM   1233 O OG  . SER B 1 50  ? 12.301  -9.047  7.428   1.00 32.57 ? 262 SER B OG  1 
ATOM   1234 N N   . ALA B 1 51  ? 14.414  -9.614  4.797   1.00 31.08 ? 263 ALA B N   1 
ATOM   1235 C CA  . ALA B 1 51  ? 15.449  -10.530 4.319   1.00 32.65 ? 263 ALA B CA  1 
ATOM   1236 C C   . ALA B 1 51  ? 15.483  -10.615 2.786   1.00 33.83 ? 263 ALA B C   1 
ATOM   1237 O O   . ALA B 1 51  ? 15.045  -11.596 2.203   1.00 36.52 ? 263 ALA B O   1 
ATOM   1238 C CB  . ALA B 1 51  ? 15.228  -11.914 4.920   1.00 34.10 ? 263 ALA B CB  1 
ATOM   1239 N N   . PRO B 1 52  ? 16.008  -9.590  2.115   1.00 32.29 ? 264 PRO B N   1 
ATOM   1240 C CA  . PRO B 1 52  ? 16.084  -9.565  0.646   1.00 35.09 ? 264 PRO B CA  1 
ATOM   1241 C C   . PRO B 1 52  ? 17.077  -10.540 -0.008  1.00 36.32 ? 264 PRO B C   1 
ATOM   1242 O O   . PRO B 1 52  ? 18.088  -10.891 0.601   1.00 36.87 ? 264 PRO B O   1 
ATOM   1243 C CB  . PRO B 1 52  ? 16.425  -8.107  0.355   1.00 35.09 ? 264 PRO B CB  1 
ATOM   1244 C CG  . PRO B 1 52  ? 17.200  -7.705  1.546   1.00 30.48 ? 264 PRO B CG  1 
ATOM   1245 C CD  . PRO B 1 52  ? 16.441  -8.311  2.687   1.00 30.67 ? 264 PRO B CD  1 
ATOM   1246 N N   . ALA B 1 53  ? 16.788  -10.974 -1.244  1.00 37.15 ? 265 ALA B N   1 
ATOM   1247 C CA  . ALA B 1 53  ? 17.660  -11.918 -1.987  1.00 38.31 ? 265 ALA B CA  1 
ATOM   1248 C C   . ALA B 1 53  ? 19.080  -11.391 -1.991  1.00 40.10 ? 265 ALA B C   1 
ATOM   1249 O O   . ALA B 1 53  ? 19.253  -10.169 -2.003  1.00 41.59 ? 265 ALA B O   1 
ATOM   1250 C CB  . ALA B 1 53  ? 17.184  -12.068 -3.421  1.00 39.69 ? 265 ALA B CB  1 
ATOM   1251 N N   . THR B 1 54  ? 20.093  -12.269 -1.975  1.00 39.85 ? 266 THR B N   1 
ATOM   1252 C CA  . THR B 1 54  ? 21.473  -11.762 -1.962  1.00 39.22 ? 266 THR B CA  1 
ATOM   1253 C C   . THR B 1 54  ? 22.127  -11.694 -3.320  1.00 37.40 ? 266 THR B C   1 
ATOM   1254 O O   . THR B 1 54  ? 23.255  -11.226 -3.440  1.00 37.18 ? 266 THR B O   1 
ATOM   1255 C CB  . THR B 1 54  ? 22.418  -12.530 -0.990  1.00 40.06 ? 266 THR B CB  1 
ATOM   1256 O OG1 . THR B 1 54  ? 22.244  -13.940 -1.137  1.00 47.02 ? 266 THR B OG1 1 
ATOM   1257 C CG2 . THR B 1 54  ? 22.158  -12.114 0.437   1.00 39.68 ? 266 THR B CG2 1 
ATOM   1258 N N   . ASP B 1 55  ? 21.413  -12.163 -4.340  1.00 38.07 ? 267 ASP B N   1 
ATOM   1259 C CA  . ASP B 1 55  ? 21.900  -12.115 -5.717  1.00 39.63 ? 267 ASP B CA  1 
ATOM   1260 C C   . ASP B 1 55  ? 21.922  -10.627 -6.040  1.00 41.18 ? 267 ASP B C   1 
ATOM   1261 O O   . ASP B 1 55  ? 22.386  -9.816  -5.236  1.00 44.05 ? 267 ASP B O   1 
ATOM   1262 C CB  . ASP B 1 55  ? 20.933  -12.846 -6.666  1.00 36.02 ? 267 ASP B CB  1 
ATOM   1263 C CG  . ASP B 1 55  ? 19.538  -12.210 -6.713  1.00 35.71 ? 267 ASP B CG  1 
ATOM   1264 O OD1 . ASP B 1 55  ? 19.314  -11.172 -6.039  1.00 39.17 ? 267 ASP B OD1 1 
ATOM   1265 O OD2 . ASP B 1 55  ? 18.667  -12.755 -7.435  1.00 29.94 ? 267 ASP B OD2 1 
ATOM   1266 N N   . GLY B 1 56  ? 21.428  -10.248 -7.204  1.00 40.93 ? 268 GLY B N   1 
ATOM   1267 C CA  . GLY B 1 56  ? 21.396  -8.830  -7.481  1.00 45.79 ? 268 GLY B CA  1 
ATOM   1268 C C   . GLY B 1 56  ? 20.117  -8.219  -6.914  1.00 47.43 ? 268 GLY B C   1 
ATOM   1269 O O   . GLY B 1 56  ? 20.179  -7.212  -6.205  1.00 49.54 ? 268 GLY B O   1 
ATOM   1270 N N   . SER B 1 57  ? 18.974  -8.840  -7.232  1.00 46.45 ? 269 SER B N   1 
ATOM   1271 C CA  . SER B 1 57  ? 17.617  -8.424  -6.841  1.00 43.42 ? 269 SER B CA  1 
ATOM   1272 C C   . SER B 1 57  ? 17.427  -7.256  -5.879  1.00 40.80 ? 269 SER B C   1 
ATOM   1273 O O   . SER B 1 57  ? 18.040  -7.204  -4.834  1.00 38.83 ? 269 SER B O   1 
ATOM   1274 C CB  . SER B 1 57  ? 16.854  -9.635  -6.298  1.00 46.16 ? 269 SER B CB  1 
ATOM   1275 O OG  . SER B 1 57  ? 16.822  -10.698 -7.253  1.00 49.98 ? 269 SER B OG  1 
ATOM   1276 N N   . GLY B 1 58  ? 16.545  -6.329  -6.240  1.00 40.64 ? 270 GLY B N   1 
ATOM   1277 C CA  . GLY B 1 58  ? 16.284  -5.185  -5.380  1.00 38.66 ? 270 GLY B CA  1 
ATOM   1278 C C   . GLY B 1 58  ? 15.318  -5.535  -4.269  1.00 37.82 ? 270 GLY B C   1 
ATOM   1279 O O   . GLY B 1 58  ? 14.557  -6.494  -4.368  1.00 40.77 ? 270 GLY B O   1 
ATOM   1280 N N   . THR B 1 59  ? 15.346  -4.773  -3.192  1.00 35.69 ? 271 THR B N   1 
ATOM   1281 C CA  . THR B 1 59  ? 14.455  -5.016  -2.054  1.00 34.83 ? 271 THR B CA  1 
ATOM   1282 C C   . THR B 1 59  ? 13.035  -4.505  -2.364  1.00 36.53 ? 271 THR B C   1 
ATOM   1283 O O   . THR B 1 59  ? 12.874  -3.357  -2.794  1.00 37.61 ? 271 THR B O   1 
ATOM   1284 C CB  . THR B 1 59  ? 14.989  -4.275  -0.840  1.00 33.89 ? 271 THR B CB  1 
ATOM   1285 O OG1 . THR B 1 59  ? 16.367  -4.603  -0.676  1.00 34.02 ? 271 THR B OG1 1 
ATOM   1286 C CG2 . THR B 1 59  ? 14.210  -4.636  0.402   1.00 34.91 ? 271 THR B CG2 1 
ATOM   1287 N N   . ALA B 1 60  ? 12.014  -5.335  -2.138  1.00 35.60 ? 272 ALA B N   1 
ATOM   1288 C CA  . ALA B 1 60  ? 10.619  -4.948  -2.412  1.00 30.80 ? 272 ALA B CA  1 
ATOM   1289 C C   . ALA B 1 60  ? 9.930   -4.186  -1.254  1.00 31.30 ? 272 ALA B C   1 
ATOM   1290 O O   . ALA B 1 60  ? 10.271  -4.379  -0.088  1.00 31.76 ? 272 ALA B O   1 
ATOM   1291 C CB  . ALA B 1 60  ? 9.804   -6.196  -2.772  1.00 27.51 ? 272 ALA B CB  1 
ATOM   1292 N N   . LEU B 1 61  ? 8.961   -3.328  -1.568  1.00 31.45 ? 273 LEU B N   1 
ATOM   1293 C CA  . LEU B 1 61  ? 8.271   -2.585  -0.524  1.00 32.00 ? 273 LEU B CA  1 
ATOM   1294 C C   . LEU B 1 61  ? 6.940   -1.975  -0.946  1.00 34.68 ? 273 LEU B C   1 
ATOM   1295 O O   . LEU B 1 61  ? 6.612   -1.910  -2.128  1.00 32.79 ? 273 LEU B O   1 
ATOM   1296 C CB  . LEU B 1 61  ? 9.181   -1.502  0.013   1.00 30.93 ? 273 LEU B CB  1 
ATOM   1297 C CG  . LEU B 1 61  ? 9.911   -0.728  -1.072  1.00 31.82 ? 273 LEU B CG  1 
ATOM   1298 C CD1 . LEU B 1 61  ? 8.959   0.215   -1.753  1.00 30.63 ? 273 LEU B CD1 1 
ATOM   1299 C CD2 . LEU B 1 61  ? 11.052  0.047   -0.449  1.00 33.99 ? 273 LEU B CD2 1 
ATOM   1300 N N   . GLY B 1 62  ? 6.175   -1.519  0.039   1.00 37.08 ? 274 GLY B N   1 
ATOM   1301 C CA  . GLY B 1 62  ? 4.872   -0.943  -0.247  1.00 36.69 ? 274 GLY B CA  1 
ATOM   1302 C C   . GLY B 1 62  ? 4.420   -0.126  0.942   1.00 38.79 ? 274 GLY B C   1 
ATOM   1303 O O   . GLY B 1 62  ? 4.953   -0.289  2.035   1.00 39.66 ? 274 GLY B O   1 
ATOM   1304 N N   . TRP B 1 63  ? 3.459   0.763   0.735   1.00 39.04 ? 275 TRP B N   1 
ATOM   1305 C CA  . TRP B 1 63  ? 2.969   1.596   1.821   1.00 40.24 ? 275 TRP B CA  1 
ATOM   1306 C C   . TRP B 1 63  ? 1.746   2.363   1.369   1.00 40.01 ? 275 TRP B C   1 
ATOM   1307 O O   . TRP B 1 63  ? 1.549   2.584   0.178   1.00 43.41 ? 275 TRP B O   1 
ATOM   1308 C CB  . TRP B 1 63  ? 4.053   2.570   2.317   1.00 38.56 ? 275 TRP B CB  1 
ATOM   1309 C CG  . TRP B 1 63  ? 4.380   3.762   1.417   1.00 34.89 ? 275 TRP B CG  1 
ATOM   1310 C CD1 . TRP B 1 63  ? 3.870   5.033   1.506   1.00 32.62 ? 275 TRP B CD1 1 
ATOM   1311 C CD2 . TRP B 1 63  ? 5.356   3.799   0.377   1.00 35.07 ? 275 TRP B CD2 1 
ATOM   1312 N NE1 . TRP B 1 63  ? 4.479   5.863   0.592   1.00 31.35 ? 275 TRP B NE1 1 
ATOM   1313 C CE2 . TRP B 1 63  ? 5.397   5.133   -0.116  1.00 35.72 ? 275 TRP B CE2 1 
ATOM   1314 C CE3 . TRP B 1 63  ? 6.209   2.839   -0.188  1.00 36.22 ? 275 TRP B CE3 1 
ATOM   1315 C CZ2 . TRP B 1 63  ? 6.270   5.530   -1.155  1.00 38.03 ? 275 TRP B CZ2 1 
ATOM   1316 C CZ3 . TRP B 1 63  ? 7.075   3.233   -1.219  1.00 38.04 ? 275 TRP B CZ3 1 
ATOM   1317 C CH2 . TRP B 1 63  ? 7.097   4.573   -1.691  1.00 37.06 ? 275 TRP B CH2 1 
ATOM   1318 N N   . THR B 1 64  ? 0.937   2.772   2.339   1.00 38.07 ? 276 THR B N   1 
ATOM   1319 C CA  . THR B 1 64  ? -0.311  3.470   2.080   1.00 34.87 ? 276 THR B CA  1 
ATOM   1320 C C   . THR B 1 64  ? -0.416  4.811   2.798   1.00 35.59 ? 276 THR B C   1 
ATOM   1321 O O   . THR B 1 64  ? 0.102   4.980   3.911   1.00 34.94 ? 276 THR B O   1 
ATOM   1322 C CB  . THR B 1 64  ? -1.479  2.611   2.562   1.00 31.18 ? 276 THR B CB  1 
ATOM   1323 O OG1 . THR B 1 64  ? -1.536  1.396   1.812   1.00 29.71 ? 276 THR B OG1 1 
ATOM   1324 C CG2 . THR B 1 64  ? -2.763  3.364   2.440   1.00 29.35 ? 276 THR B CG2 1 
ATOM   1325 N N   . VAL B 1 65  ? -1.080  5.769   2.157   1.00 34.12 ? 277 VAL B N   1 
ATOM   1326 C CA  . VAL B 1 65  ? -1.319  7.073   2.765   1.00 31.33 ? 277 VAL B CA  1 
ATOM   1327 C C   . VAL B 1 65  ? -2.788  7.355   2.545   1.00 31.00 ? 277 VAL B C   1 
ATOM   1328 O O   . VAL B 1 65  ? -3.203  7.438   1.389   1.00 30.74 ? 277 VAL B O   1 
ATOM   1329 C CB  . VAL B 1 65  ? -0.536  8.224   2.083   1.00 31.63 ? 277 VAL B CB  1 
ATOM   1330 C CG1 . VAL B 1 65  ? -1.037  9.566   2.612   1.00 34.42 ? 277 VAL B CG1 1 
ATOM   1331 C CG2 . VAL B 1 65  ? 0.954   8.099   2.351   1.00 31.88 ? 277 VAL B CG2 1 
ATOM   1332 N N   . ALA B 1 66  ? -3.569  7.461   3.632   1.00 32.24 ? 278 ALA B N   1 
ATOM   1333 C CA  . ALA B 1 66  ? -5.008  7.781   3.552   1.00 31.85 ? 278 ALA B CA  1 
ATOM   1334 C C   . ALA B 1 66  ? -4.984  9.301   3.554   1.00 33.16 ? 278 ALA B C   1 
ATOM   1335 O O   . ALA B 1 66  ? -4.430  9.913   4.465   1.00 34.22 ? 278 ALA B O   1 
ATOM   1336 C CB  . ALA B 1 66  ? -5.756  7.252   4.761   1.00 29.39 ? 278 ALA B CB  1 
ATOM   1337 N N   . TRP B 1 67  ? -5.564  9.914   2.529   1.00 33.64 ? 279 TRP B N   1 
ATOM   1338 C CA  . TRP B 1 67  ? -5.488  11.358  2.414   1.00 33.17 ? 279 TRP B CA  1 
ATOM   1339 C C   . TRP B 1 67  ? -6.324  12.171  3.352   1.00 32.56 ? 279 TRP B C   1 
ATOM   1340 O O   . TRP B 1 67  ? -7.090  13.054  2.947   1.00 32.14 ? 279 TRP B O   1 
ATOM   1341 C CB  . TRP B 1 67  ? -5.722  11.766  0.973   1.00 32.11 ? 279 TRP B CB  1 
ATOM   1342 C CG  . TRP B 1 67  ? -4.672  11.186  0.085   1.00 31.15 ? 279 TRP B CG  1 
ATOM   1343 C CD1 . TRP B 1 67  ? -4.845  10.225  -0.860  1.00 30.31 ? 279 TRP B CD1 1 
ATOM   1344 C CD2 . TRP B 1 67  ? -3.274  11.523  0.066   1.00 31.56 ? 279 TRP B CD2 1 
ATOM   1345 N NE1 . TRP B 1 67  ? -3.648  9.941   -1.471  1.00 33.87 ? 279 TRP B NE1 1 
ATOM   1346 C CE2 . TRP B 1 67  ? -2.666  10.722  -0.921  1.00 33.52 ? 279 TRP B CE2 1 
ATOM   1347 C CE3 . TRP B 1 67  ? -2.478  12.428  0.788   1.00 31.76 ? 279 TRP B CE3 1 
ATOM   1348 C CZ2 . TRP B 1 67  ? -1.300  10.793  -1.208  1.00 33.48 ? 279 TRP B CZ2 1 
ATOM   1349 C CZ3 . TRP B 1 67  ? -1.112  12.498  0.502   1.00 27.98 ? 279 TRP B CZ3 1 
ATOM   1350 C CH2 . TRP B 1 67  ? -0.542  11.684  -0.487  1.00 30.03 ? 279 TRP B CH2 1 
ATOM   1351 N N   . LYS B 1 68  ? -6.131  11.868  4.624   1.00 30.95 ? 280 LYS B N   1 
ATOM   1352 C CA  . LYS B 1 68  ? -6.832  12.555  5.662   1.00 33.80 ? 280 LYS B CA  1 
ATOM   1353 C C   . LYS B 1 68  ? -5.933  12.865  6.838   1.00 37.84 ? 280 LYS B C   1 
ATOM   1354 O O   . LYS B 1 68  ? -5.143  12.031  7.293   1.00 40.16 ? 280 LYS B O   1 
ATOM   1355 C CB  . LYS B 1 68  ? -8.019  11.749  6.169   1.00 33.64 ? 280 LYS B CB  1 
ATOM   1356 C CG  . LYS B 1 68  ? -8.560  12.375  7.442   1.00 37.62 ? 280 LYS B CG  1 
ATOM   1357 C CD  . LYS B 1 68  ? -9.747  11.652  8.085   1.00 39.98 ? 280 LYS B CD  1 
ATOM   1358 C CE  . LYS B 1 68  ? -9.929  12.166  9.521   1.00 36.44 ? 280 LYS B CE  1 
ATOM   1359 N NZ  . LYS B 1 68  ? -9.670  13.641  9.671   1.00 40.80 ? 280 LYS B NZ  1 
ATOM   1360 N N   . ASN B 1 69  ? -6.064  14.083  7.333   1.00 41.90 ? 281 ASN B N   1 
ATOM   1361 C CA  . ASN B 1 69  ? -5.304  14.492  8.489   1.00 45.80 ? 281 ASN B CA  1 
ATOM   1362 C C   . ASN B 1 69  ? -6.047  15.667  9.099   1.00 47.98 ? 281 ASN B C   1 
ATOM   1363 O O   . ASN B 1 69  ? -7.280  15.740  9.014   1.00 50.43 ? 281 ASN B O   1 
ATOM   1364 C CB  . ASN B 1 69  ? -3.842  14.849  8.125   1.00 44.32 ? 281 ASN B CB  1 
ATOM   1365 C CG  . ASN B 1 69  ? -3.731  16.063  7.232   1.00 44.49 ? 281 ASN B CG  1 
ATOM   1366 O OD1 . ASN B 1 69  ? -4.537  16.986  7.339   1.00 44.02 ? 281 ASN B OD1 1 
ATOM   1367 N ND2 . ASN B 1 69  ? -2.715  16.086  6.364   1.00 39.49 ? 281 ASN B ND2 1 
ATOM   1368 N N   . ASN B 1 70  ? -5.309  16.583  9.710   1.00 48.64 ? 282 ASN B N   1 
ATOM   1369 C CA  . ASN B 1 70  ? -5.938  17.720  10.355  1.00 48.97 ? 282 ASN B CA  1 
ATOM   1370 C C   . ASN B 1 70  ? -6.145  18.891  9.430   1.00 46.95 ? 282 ASN B C   1 
ATOM   1371 O O   . ASN B 1 70  ? -6.999  19.760  9.663   1.00 44.46 ? 282 ASN B O   1 
ATOM   1372 C CB  . ASN B 1 70  ? -5.119  18.122  11.582  1.00 50.54 ? 282 ASN B CB  1 
ATOM   1373 C CG  . ASN B 1 70  ? -5.377  17.189  12.753  1.00 51.90 ? 282 ASN B CG  1 
ATOM   1374 O OD1 . ASN B 1 70  ? -6.545  17.001  13.145  1.00 50.79 ? 282 ASN B OD1 1 
ATOM   1375 N ND2 . ASN B 1 70  ? -4.312  16.575  13.306  1.00 49.53 ? 282 ASN B ND2 1 
ATOM   1376 N N   . TYR B 1 71  ? -5.388  18.891  8.355   1.00 47.73 ? 283 TYR B N   1 
ATOM   1377 C CA  . TYR B 1 71  ? -5.481  19.969  7.413   1.00 48.29 ? 283 TYR B CA  1 
ATOM   1378 C C   . TYR B 1 71  ? -6.528  19.758  6.319   1.00 48.37 ? 283 TYR B C   1 
ATOM   1379 O O   . TYR B 1 71  ? -7.178  20.719  5.881   1.00 46.81 ? 283 TYR B O   1 
ATOM   1380 C CB  . TYR B 1 71  ? -4.094  20.227  6.825   1.00 46.55 ? 283 TYR B CB  1 
ATOM   1381 C CG  . TYR B 1 71  ? -3.295  21.193  7.661   1.00 45.62 ? 283 TYR B CG  1 
ATOM   1382 C CD1 . TYR B 1 71  ? -3.631  22.547  7.689   1.00 47.13 ? 283 TYR B CD1 1 
ATOM   1383 C CD2 . TYR B 1 71  ? -2.227  20.758  8.446   1.00 44.80 ? 283 TYR B CD2 1 
ATOM   1384 C CE1 . TYR B 1 71  ? -2.920  23.461  8.483   1.00 47.36 ? 283 TYR B CE1 1 
ATOM   1385 C CE2 . TYR B 1 71  ? -1.499  21.663  9.254   1.00 46.85 ? 283 TYR B CE2 1 
ATOM   1386 C CZ  . TYR B 1 71  ? -1.856  23.018  9.262   1.00 48.52 ? 283 TYR B CZ  1 
ATOM   1387 O OH  . TYR B 1 71  ? -1.141  23.937  10.016  1.00 46.52 ? 283 TYR B OH  1 
ATOM   1388 N N   . ARG B 1 72  ? -6.711  18.512  5.894   1.00 47.29 ? 284 ARG B N   1 
ATOM   1389 C CA  . ARG B 1 72  ? -7.694  18.208  4.852   1.00 44.57 ? 284 ARG B CA  1 
ATOM   1390 C C   . ARG B 1 72  ? -8.090  16.751  4.844   1.00 41.98 ? 284 ARG B C   1 
ATOM   1391 O O   . ARG B 1 72  ? -7.415  15.912  5.457   1.00 42.03 ? 284 ARG B O   1 
ATOM   1392 C CB  . ARG B 1 72  ? -7.139  18.500  3.469   1.00 46.12 ? 284 ARG B CB  1 
ATOM   1393 C CG  . ARG B 1 72  ? -6.726  19.910  3.197   1.00 48.57 ? 284 ARG B CG  1 
ATOM   1394 C CD  . ARG B 1 72  ? -6.189  19.974  1.774   1.00 49.42 ? 284 ARG B CD  1 
ATOM   1395 N NE  . ARG B 1 72  ? -5.730  21.304  1.392   1.00 45.97 ? 284 ARG B NE  1 
ATOM   1396 C CZ  . ARG B 1 72  ? -5.215  21.576  0.199   1.00 44.94 ? 284 ARG B CZ  1 
ATOM   1397 N NH1 . ARG B 1 72  ? -5.109  20.607  -0.719  1.00 46.24 ? 284 ARG B NH1 1 
ATOM   1398 N NH2 . ARG B 1 72  ? -4.778  22.805  -0.071  1.00 45.50 ? 284 ARG B NH2 1 
ATOM   1399 N N   . ASN B 1 73  ? -9.174  16.461  4.124   1.00 38.85 ? 285 ASN B N   1 
ATOM   1400 C CA  . ASN B 1 73  ? -9.674  15.091  3.973   1.00 37.09 ? 285 ASN B CA  1 
ATOM   1401 C C   . ASN B 1 73  ? -10.134 14.991  2.523   1.00 34.07 ? 285 ASN B C   1 
ATOM   1402 O O   . ASN B 1 73  ? -11.145 15.573  2.145   1.00 30.88 ? 285 ASN B O   1 
ATOM   1403 C CB  . ASN B 1 73  ? -10.848 14.818  4.917   1.00 37.40 ? 285 ASN B CB  1 
ATOM   1404 C CG  . ASN B 1 73  ? -11.149 13.345  5.051   1.00 37.25 ? 285 ASN B CG  1 
ATOM   1405 O OD1 . ASN B 1 73  ? -11.014 12.582  4.099   1.00 39.06 ? 285 ASN B OD1 1 
ATOM   1406 N ND2 . ASN B 1 73  ? -11.578 12.938  6.232   1.00 36.56 ? 285 ASN B ND2 1 
ATOM   1407 N N   . ALA B 1 74  ? -9.372  14.256  1.718   1.00 32.12 ? 286 ALA B N   1 
ATOM   1408 C CA  . ALA B 1 74  ? -9.672  14.096  0.299   1.00 30.58 ? 286 ALA B CA  1 
ATOM   1409 C C   . ALA B 1 74  ? -10.440 12.824  -0.079  1.00 31.30 ? 286 ALA B C   1 
ATOM   1410 O O   . ALA B 1 74  ? -10.674 12.576  -1.258  1.00 31.81 ? 286 ALA B O   1 
ATOM   1411 C CB  . ALA B 1 74  ? -8.386  14.167  -0.478  1.00 32.00 ? 286 ALA B CB  1 
ATOM   1412 N N   . HIS B 1 75  ? -10.834 12.034  0.915   1.00 32.02 ? 287 HIS B N   1 
ATOM   1413 C CA  . HIS B 1 75  ? -11.576 10.819  0.677   1.00 31.66 ? 287 HIS B CA  1 
ATOM   1414 C C   . HIS B 1 75  ? -10.960 10.054  -0.457  1.00 33.53 ? 287 HIS B C   1 
ATOM   1415 O O   . HIS B 1 75  ? -11.522 9.979   -1.554  1.00 34.77 ? 287 HIS B O   1 
ATOM   1416 C CB  . HIS B 1 75  ? -13.018 11.142  0.352   1.00 28.71 ? 287 HIS B CB  1 
ATOM   1417 C CG  . HIS B 1 75  ? -13.719 11.858  1.456   1.00 31.76 ? 287 HIS B CG  1 
ATOM   1418 N ND1 . HIS B 1 75  ? -13.813 11.343  2.734   1.00 32.68 ? 287 HIS B ND1 1 
ATOM   1419 C CD2 . HIS B 1 75  ? -14.312 13.074  1.496   1.00 30.36 ? 287 HIS B CD2 1 
ATOM   1420 C CE1 . HIS B 1 75  ? -14.428 12.215  3.511   1.00 31.27 ? 287 HIS B CE1 1 
ATOM   1421 N NE2 . HIS B 1 75  ? -14.740 13.274  2.784   1.00 32.60 ? 287 HIS B NE2 1 
ATOM   1422 N N   . SER B 1 76  ? -9.785  9.501   -0.164  1.00 31.85 ? 288 SER B N   1 
ATOM   1423 C CA  . SER B 1 76  ? -9.002  8.711   -1.090  1.00 25.21 ? 288 SER B CA  1 
ATOM   1424 C C   . SER B 1 76  ? -7.746  8.233   -0.366  1.00 24.44 ? 288 SER B C   1 
ATOM   1425 O O   . SER B 1 76  ? -7.420  8.713   0.718   1.00 20.76 ? 288 SER B O   1 
ATOM   1426 C CB  . SER B 1 76  ? -8.604  9.556   -2.273  1.00 21.32 ? 288 SER B CB  1 
ATOM   1427 O OG  . SER B 1 76  ? -7.917  10.683  -1.794  1.00 17.87 ? 288 SER B OG  1 
ATOM   1428 N N   . ALA B 1 77  ? -7.052  7.279   -0.987  1.00 27.50 ? 289 ALA B N   1 
ATOM   1429 C CA  . ALA B 1 77  ? -5.818  6.698   -0.458  1.00 28.28 ? 289 ALA B CA  1 
ATOM   1430 C C   . ALA B 1 77  ? -4.890  6.233   -1.585  1.00 28.73 ? 289 ALA B C   1 
ATOM   1431 O O   . ALA B 1 77  ? -5.341  5.864   -2.655  1.00 28.69 ? 289 ALA B O   1 
ATOM   1432 C CB  . ALA B 1 77  ? -6.148  5.537   0.456   1.00 24.96 ? 289 ALA B CB  1 
ATOM   1433 N N   . THR B 1 78  ? -3.590  6.251   -1.342  1.00 30.27 ? 290 THR B N   1 
ATOM   1434 C CA  . THR B 1 78  ? -2.652  5.847   -2.367  1.00 32.59 ? 290 THR B CA  1 
ATOM   1435 C C   . THR B 1 78  ? -1.793  4.719   -1.852  1.00 35.50 ? 290 THR B C   1 
ATOM   1436 O O   . THR B 1 78  ? -1.370  4.717   -0.705  1.00 36.31 ? 290 THR B O   1 
ATOM   1437 C CB  . THR B 1 78  ? -1.714  7.020   -2.770  1.00 34.88 ? 290 THR B CB  1 
ATOM   1438 O OG1 . THR B 1 78  ? -2.491  8.136   -3.227  1.00 36.57 ? 290 THR B OG1 1 
ATOM   1439 C CG2 . THR B 1 78  ? -0.750  6.587   -3.866  1.00 33.33 ? 290 THR B CG2 1 
ATOM   1440 N N   . THR B 1 79  ? -1.547  3.735   -2.699  1.00 35.37 ? 291 THR B N   1 
ATOM   1441 C CA  . THR B 1 79  ? -0.676  2.643   -2.303  1.00 35.37 ? 291 THR B CA  1 
ATOM   1442 C C   . THR B 1 79  ? 0.523   2.683   -3.257  1.00 35.23 ? 291 THR B C   1 
ATOM   1443 O O   . THR B 1 79  ? 0.372   2.662   -4.475  1.00 36.50 ? 291 THR B O   1 
ATOM   1444 C CB  . THR B 1 79  ? -1.366  1.236   -2.374  1.00 33.41 ? 291 THR B CB  1 
ATOM   1445 O OG1 . THR B 1 79  ? -1.844  0.989   -3.699  1.00 33.97 ? 291 THR B OG1 1 
ATOM   1446 C CG2 . THR B 1 79  ? -2.519  1.148   -1.411  1.00 32.34 ? 291 THR B CG2 1 
ATOM   1447 N N   . TRP B 1 80  ? 1.713   2.802   -2.692  1.00 34.24 ? 292 TRP B N   1 
ATOM   1448 C CA  . TRP B 1 80  ? 2.925   2.807   -3.483  1.00 34.76 ? 292 TRP B CA  1 
ATOM   1449 C C   . TRP B 1 80  ? 3.443   1.387   -3.388  1.00 35.11 ? 292 TRP B C   1 
ATOM   1450 O O   . TRP B 1 80  ? 3.411   0.774   -2.326  1.00 38.67 ? 292 TRP B O   1 
ATOM   1451 C CB  . TRP B 1 80  ? 3.947   3.781   -2.897  1.00 34.49 ? 292 TRP B CB  1 
ATOM   1452 C CG  . TRP B 1 80  ? 3.656   5.217   -3.186  1.00 34.26 ? 292 TRP B CG  1 
ATOM   1453 C CD1 . TRP B 1 80  ? 4.119   5.943   -4.237  1.00 33.23 ? 292 TRP B CD1 1 
ATOM   1454 C CD2 . TRP B 1 80  ? 2.839   6.107   -2.407  1.00 32.40 ? 292 TRP B CD2 1 
ATOM   1455 N NE1 . TRP B 1 80  ? 3.648   7.231   -4.166  1.00 33.39 ? 292 TRP B NE1 1 
ATOM   1456 C CE2 . TRP B 1 80  ? 2.858   7.359   -3.051  1.00 32.82 ? 292 TRP B CE2 1 
ATOM   1457 C CE3 . TRP B 1 80  ? 2.096   5.970   -1.227  1.00 30.25 ? 292 TRP B CE3 1 
ATOM   1458 C CZ2 . TRP B 1 80  ? 2.156   8.468   -2.552  1.00 31.85 ? 292 TRP B CZ2 1 
ATOM   1459 C CZ3 . TRP B 1 80  ? 1.400   7.081   -0.733  1.00 28.40 ? 292 TRP B CZ3 1 
ATOM   1460 C CH2 . TRP B 1 80  ? 1.439   8.305   -1.397  1.00 27.05 ? 292 TRP B CH2 1 
ATOM   1461 N N   . SER B 1 81  ? 3.909   0.865   -4.510  1.00 35.70 ? 293 SER B N   1 
ATOM   1462 C CA  . SER B 1 81  ? 4.431   -0.484  -4.552  1.00 33.94 ? 293 SER B CA  1 
ATOM   1463 C C   . SER B 1 81  ? 5.640   -0.495  -5.466  1.00 34.92 ? 293 SER B C   1 
ATOM   1464 O O   . SER B 1 81  ? 5.571   -0.028  -6.609  1.00 35.45 ? 293 SER B O   1 
ATOM   1465 C CB  . SER B 1 81  ? 3.354   -1.433  -5.075  1.00 30.13 ? 293 SER B CB  1 
ATOM   1466 O OG  . SER B 1 81  ? 3.872   -2.731  -5.283  1.00 26.24 ? 293 SER B OG  1 
ATOM   1467 N N   . GLY B 1 82  ? 6.754   -1.006  -4.961  1.00 35.44 ? 294 GLY B N   1 
ATOM   1468 C CA  . GLY B 1 82  ? 7.956   -1.071  -5.779  1.00 36.91 ? 294 GLY B CA  1 
ATOM   1469 C C   . GLY B 1 82  ? 9.175   -1.666  -5.094  1.00 37.59 ? 294 GLY B C   1 
ATOM   1470 O O   . GLY B 1 82  ? 9.071   -2.468  -4.173  1.00 39.46 ? 294 GLY B O   1 
ATOM   1471 N N   . GLN B 1 83  ? 10.351  -1.268  -5.539  1.00 36.84 ? 295 GLN B N   1 
ATOM   1472 C CA  . GLN B 1 83  ? 11.533  -1.786  -4.926  1.00 37.17 ? 295 GLN B CA  1 
ATOM   1473 C C   . GLN B 1 83  ? 12.561  -0.729  -4.567  1.00 41.43 ? 295 GLN B C   1 
ATOM   1474 O O   . GLN B 1 83  ? 12.704  0.281   -5.252  1.00 41.07 ? 295 GLN B O   1 
ATOM   1475 C CB  . GLN B 1 83  ? 12.139  -2.848  -5.830  1.00 34.86 ? 295 GLN B CB  1 
ATOM   1476 C CG  . GLN B 1 83  ? 12.379  -2.450  -7.251  1.00 36.69 ? 295 GLN B CG  1 
ATOM   1477 C CD  . GLN B 1 83  ? 12.772  -3.659  -8.107  1.00 41.89 ? 295 GLN B CD  1 
ATOM   1478 O OE1 . GLN B 1 83  ? 13.500  -4.550  -7.644  1.00 39.57 ? 295 GLN B OE1 1 
ATOM   1479 N NE2 . GLN B 1 83  ? 12.303  -3.692  -9.356  1.00 44.51 ? 295 GLN B NE2 1 
ATOM   1480 N N   . TYR B 1 84  ? 13.247  -0.947  -3.448  1.00 45.37 ? 296 TYR B N   1 
ATOM   1481 C CA  . TYR B 1 84  ? 14.314  -0.052  -3.022  1.00 45.55 ? 296 TYR B CA  1 
ATOM   1482 C C   . TYR B 1 84  ? 15.507  -0.572  -3.813  1.00 45.02 ? 296 TYR B C   1 
ATOM   1483 O O   . TYR B 1 84  ? 15.758  -1.783  -3.825  1.00 44.97 ? 296 TYR B O   1 
ATOM   1484 C CB  . TYR B 1 84  ? 14.609  -0.230  -1.534  1.00 46.68 ? 296 TYR B CB  1 
ATOM   1485 C CG  . TYR B 1 84  ? 15.901  0.429   -1.063  1.00 47.48 ? 296 TYR B CG  1 
ATOM   1486 C CD1 . TYR B 1 84  ? 16.002  1.817   -0.974  1.00 49.13 ? 296 TYR B CD1 1 
ATOM   1487 C CD2 . TYR B 1 84  ? 17.023  -0.341  -0.693  1.00 44.74 ? 296 TYR B CD2 1 
ATOM   1488 C CE1 . TYR B 1 84  ? 17.186  2.443   -0.521  1.00 48.01 ? 296 TYR B CE1 1 
ATOM   1489 C CE2 . TYR B 1 84  ? 18.222  0.273   -0.239  1.00 43.15 ? 296 TYR B CE2 1 
ATOM   1490 C CZ  . TYR B 1 84  ? 18.287  1.675   -0.153  1.00 45.89 ? 296 TYR B CZ  1 
ATOM   1491 O OH  . TYR B 1 84  ? 19.418  2.327   0.334   1.00 44.49 ? 296 TYR B OH  1 
ATOM   1492 N N   . VAL B 1 85  ? 16.227  0.318   -4.486  1.00 43.89 ? 297 VAL B N   1 
ATOM   1493 C CA  . VAL B 1 85  ? 17.393  -0.104  -5.242  1.00 42.92 ? 297 VAL B CA  1 
ATOM   1494 C C   . VAL B 1 85  ? 18.621  0.723   -4.819  1.00 44.64 ? 297 VAL B C   1 
ATOM   1495 O O   . VAL B 1 85  ? 18.752  1.916   -5.159  1.00 44.16 ? 297 VAL B O   1 
ATOM   1496 C CB  . VAL B 1 85  ? 17.152  0.036   -6.755  1.00 39.30 ? 297 VAL B CB  1 
ATOM   1497 C CG1 . VAL B 1 85  ? 18.155  -0.804  -7.521  1.00 40.00 ? 297 VAL B CG1 1 
ATOM   1498 C CG2 . VAL B 1 85  ? 15.747  -0.397  -7.103  1.00 38.13 ? 297 VAL B CG2 1 
ATOM   1499 N N   . GLY B 1 86  ? 19.524  0.072   -4.078  1.00 46.58 ? 298 GLY B N   1 
ATOM   1500 C CA  . GLY B 1 86  ? 20.734  0.723   -3.589  1.00 50.69 ? 298 GLY B CA  1 
ATOM   1501 C C   . GLY B 1 86  ? 21.942  0.728   -4.524  1.00 52.87 ? 298 GLY B C   1 
ATOM   1502 O O   . GLY B 1 86  ? 22.021  -0.063  -5.491  1.00 52.64 ? 298 GLY B O   1 
ATOM   1503 N N   . GLY B 1 87  ? 22.881  1.629   -4.229  1.00 51.99 ? 299 GLY B N   1 
ATOM   1504 C CA  . GLY B 1 87  ? 24.085  1.743   -5.030  1.00 52.76 ? 299 GLY B CA  1 
ATOM   1505 C C   . GLY B 1 87  ? 24.696  3.105   -4.764  1.00 53.68 ? 299 GLY B C   1 
ATOM   1506 O O   . GLY B 1 87  ? 24.670  3.599   -3.618  1.00 54.50 ? 299 GLY B O   1 
ATOM   1507 N N   . ALA B 1 88  ? 25.269  3.726   -5.793  1.00 53.43 ? 300 ALA B N   1 
ATOM   1508 C CA  . ALA B 1 88  ? 25.827  5.056   -5.579  1.00 51.81 ? 300 ALA B CA  1 
ATOM   1509 C C   . ALA B 1 88  ? 24.632  5.943   -5.213  1.00 49.78 ? 300 ALA B C   1 
ATOM   1510 O O   . ALA B 1 88  ? 24.492  6.328   -4.057  1.00 49.76 ? 300 ALA B O   1 
ATOM   1511 C CB  . ALA B 1 88  ? 26.520  5.575   -6.860  1.00 52.62 ? 300 ALA B CB  1 
ATOM   1512 N N   . GLU B 1 89  ? 23.771  6.249   -6.188  1.00 46.17 ? 301 GLU B N   1 
ATOM   1513 C CA  . GLU B 1 89  ? 22.593  7.078   -5.942  1.00 43.54 ? 301 GLU B CA  1 
ATOM   1514 C C   . GLU B 1 89  ? 21.519  6.051   -5.641  1.00 41.60 ? 301 GLU B C   1 
ATOM   1515 O O   . GLU B 1 89  ? 21.283  5.122   -6.427  1.00 39.13 ? 301 GLU B O   1 
ATOM   1516 C CB  . GLU B 1 89  ? 22.175  7.894   -7.181  1.00 45.93 ? 301 GLU B CB  1 
ATOM   1517 C CG  . GLU B 1 89  ? 23.286  8.213   -8.150  1.00 50.90 ? 301 GLU B CG  1 
ATOM   1518 C CD  . GLU B 1 89  ? 23.957  6.959   -8.735  1.00 54.42 ? 301 GLU B CD  1 
ATOM   1519 O OE1 . GLU B 1 89  ? 25.052  7.129   -9.320  1.00 54.03 ? 301 GLU B OE1 1 
ATOM   1520 O OE2 . GLU B 1 89  ? 23.417  5.811   -8.614  1.00 56.29 ? 301 GLU B OE2 1 
ATOM   1521 N N   . ALA B 1 90  ? 20.870  6.223   -4.503  1.00 39.81 ? 302 ALA B N   1 
ATOM   1522 C CA  . ALA B 1 90  ? 19.857  5.296   -4.072  1.00 38.12 ? 302 ALA B CA  1 
ATOM   1523 C C   . ALA B 1 90  ? 18.487  5.710   -4.531  1.00 36.20 ? 302 ALA B C   1 
ATOM   1524 O O   . ALA B 1 90  ? 17.987  6.767   -4.163  1.00 34.68 ? 302 ALA B O   1 
ATOM   1525 C CB  . ALA B 1 90  ? 19.874  5.189   -2.568  1.00 40.69 ? 302 ALA B CB  1 
ATOM   1526 N N   . ARG B 1 91  ? 17.859  4.862   -5.324  1.00 35.48 ? 303 ARG B N   1 
ATOM   1527 C CA  . ARG B 1 91  ? 16.537  5.194   -5.772  1.00 34.28 ? 303 ARG B CA  1 
ATOM   1528 C C   . ARG B 1 91  ? 15.542  4.106   -5.381  1.00 33.12 ? 303 ARG B C   1 
ATOM   1529 O O   . ARG B 1 91  ? 15.885  2.938   -5.316  1.00 34.61 ? 303 ARG B O   1 
ATOM   1530 C CB  . ARG B 1 91  ? 16.567  5.469   -7.285  1.00 34.41 ? 303 ARG B CB  1 
ATOM   1531 C CG  . ARG B 1 91  ? 15.906  4.473   -8.205  1.00 33.71 ? 303 ARG B CG  1 
ATOM   1532 C CD  . ARG B 1 91  ? 16.821  3.322   -8.570  1.00 39.46 ? 303 ARG B CD  1 
ATOM   1533 N NE  . ARG B 1 91  ? 18.231  3.676   -8.431  1.00 42.84 ? 303 ARG B NE  1 
ATOM   1534 C CZ  . ARG B 1 91  ? 19.220  3.033   -9.048  1.00 41.05 ? 303 ARG B CZ  1 
ATOM   1535 N NH1 . ARG B 1 91  ? 18.929  2.008   -9.848  1.00 38.61 ? 303 ARG B NH1 1 
ATOM   1536 N NH2 . ARG B 1 91  ? 20.489  3.409   -8.861  1.00 40.98 ? 303 ARG B NH2 1 
ATOM   1537 N N   . ILE B 1 92  ? 14.322  4.511   -5.050  1.00 34.91 ? 304 ILE B N   1 
ATOM   1538 C CA  . ILE B 1 92  ? 13.276  3.568   -4.682  1.00 36.40 ? 304 ILE B CA  1 
ATOM   1539 C C   . ILE B 1 92  ? 12.245  3.759   -5.769  1.00 37.85 ? 304 ILE B C   1 
ATOM   1540 O O   . ILE B 1 92  ? 11.610  4.819   -5.826  1.00 37.80 ? 304 ILE B O   1 
ATOM   1541 C CB  . ILE B 1 92  ? 12.675  3.918   -3.330  1.00 37.08 ? 304 ILE B CB  1 
ATOM   1542 C CG1 . ILE B 1 92  ? 13.676  3.552   -2.236  1.00 36.65 ? 304 ILE B CG1 1 
ATOM   1543 C CG2 . ILE B 1 92  ? 11.355  3.198   -3.134  1.00 38.17 ? 304 ILE B CG2 1 
ATOM   1544 C CD1 . ILE B 1 92  ? 13.368  4.206   -0.921  1.00 39.26 ? 304 ILE B CD1 1 
ATOM   1545 N N   . ASN B 1 93  ? 12.106  2.745   -6.627  1.00 34.79 ? 305 ASN B N   1 
ATOM   1546 C CA  . ASN B 1 93  ? 11.197  2.770   -7.775  1.00 36.00 ? 305 ASN B CA  1 
ATOM   1547 C C   . ASN B 1 93  ? 9.795   2.170   -7.569  1.00 38.59 ? 305 ASN B C   1 
ATOM   1548 O O   . ASN B 1 93  ? 9.644   0.966   -7.337  1.00 39.85 ? 305 ASN B O   1 
ATOM   1549 C CB  . ASN B 1 93  ? 11.872  2.062   -8.948  1.00 36.71 ? 305 ASN B CB  1 
ATOM   1550 C CG  . ASN B 1 93  ? 13.113  2.786   -9.432  1.00 38.98 ? 305 ASN B CG  1 
ATOM   1551 O OD1 . ASN B 1 93  ? 14.045  2.168   -9.993  1.00 44.91 ? 305 ASN B OD1 1 
ATOM   1552 N ND2 . ASN B 1 93  ? 13.136  4.106   -9.241  1.00 35.94 ? 305 ASN B ND2 1 
ATOM   1553 N N   . THR B 1 94  ? 8.762   3.005   -7.721  1.00 40.73 ? 306 THR B N   1 
ATOM   1554 C CA  . THR B 1 94  ? 7.389   2.537   -7.511  1.00 39.83 ? 306 THR B CA  1 
ATOM   1555 C C   . THR B 1 94  ? 6.344   2.891   -8.561  1.00 37.94 ? 306 THR B C   1 
ATOM   1556 O O   . THR B 1 94  ? 6.527   3.778   -9.398  1.00 34.95 ? 306 THR B O   1 
ATOM   1557 C CB  . THR B 1 94  ? 6.793   3.076   -6.191  1.00 39.87 ? 306 THR B CB  1 
ATOM   1558 O OG1 . THR B 1 94  ? 6.354   4.414   -6.424  1.00 41.76 ? 306 THR B OG1 1 
ATOM   1559 C CG2 . THR B 1 94  ? 7.816   3.069   -5.053  1.00 36.96 ? 306 THR B CG2 1 
ATOM   1560 N N   . GLN B 1 95  ? 5.231   2.172   -8.447  1.00 36.27 ? 307 GLN B N   1 
ATOM   1561 C CA  . GLN B 1 95  ? 4.041   2.331   -9.260  1.00 36.08 ? 307 GLN B CA  1 
ATOM   1562 C C   . GLN B 1 95  ? 3.010   2.597   -8.162  1.00 36.22 ? 307 GLN B C   1 
ATOM   1563 O O   . GLN B 1 95  ? 3.255   2.217   -7.016  1.00 39.52 ? 307 GLN B O   1 
ATOM   1564 C CB  . GLN B 1 95  ? 3.738   1.025   -9.980  1.00 37.59 ? 307 GLN B CB  1 
ATOM   1565 C CG  . GLN B 1 95  ? 4.778   0.666   -11.050 1.00 39.08 ? 307 GLN B CG  1 
ATOM   1566 C CD  . GLN B 1 95  ? 4.200   0.647   -12.457 1.00 38.45 ? 307 GLN B CD  1 
ATOM   1567 O OE1 . GLN B 1 95  ? 3.578   -0.329  -12.853 1.00 41.58 ? 307 GLN B OE1 1 
ATOM   1568 N NE2 . GLN B 1 95  ? 4.385   1.742   -13.209 1.00 35.64 ? 307 GLN B NE2 1 
ATOM   1569 N N   . TRP B 1 96  ? 1.897   3.268   -8.458  1.00 35.16 ? 308 TRP B N   1 
ATOM   1570 C CA  . TRP B 1 96  ? 0.888   3.524   -7.421  1.00 33.20 ? 308 TRP B CA  1 
ATOM   1571 C C   . TRP B 1 96  ? -0.575  3.549   -7.869  1.00 33.60 ? 308 TRP B C   1 
ATOM   1572 O O   . TRP B 1 96  ? -0.899  3.842   -9.026  1.00 35.74 ? 308 TRP B O   1 
ATOM   1573 C CB  . TRP B 1 96  ? 1.180   4.825   -6.656  1.00 30.68 ? 308 TRP B CB  1 
ATOM   1574 C CG  . TRP B 1 96  ? 1.367   6.037   -7.506  1.00 30.16 ? 308 TRP B CG  1 
ATOM   1575 C CD1 . TRP B 1 96  ? 2.548   6.521   -7.977  1.00 31.30 ? 308 TRP B CD1 1 
ATOM   1576 C CD2 . TRP B 1 96  ? 0.341   6.849   -8.083  1.00 30.79 ? 308 TRP B CD2 1 
ATOM   1577 N NE1 . TRP B 1 96  ? 2.325   7.576   -8.822  1.00 35.64 ? 308 TRP B NE1 1 
ATOM   1578 C CE2 . TRP B 1 96  ? 0.978   7.801   -8.908  1.00 33.10 ? 308 TRP B CE2 1 
ATOM   1579 C CE3 . TRP B 1 96  ? -1.059  6.861   -7.994  1.00 32.06 ? 308 TRP B CE3 1 
ATOM   1580 C CZ2 . TRP B 1 96  ? 0.263   8.763   -9.645  1.00 33.00 ? 308 TRP B CZ2 1 
ATOM   1581 C CZ3 . TRP B 1 96  ? -1.769  7.809   -8.725  1.00 31.57 ? 308 TRP B CZ3 1 
ATOM   1582 C CH2 . TRP B 1 96  ? -1.104  8.748   -9.542  1.00 33.22 ? 308 TRP B CH2 1 
ATOM   1583 N N   . LEU B 1 97  ? -1.450  3.238   -6.912  1.00 31.95 ? 309 LEU B N   1 
ATOM   1584 C CA  . LEU B 1 97  ? -2.886  3.210   -7.100  1.00 31.13 ? 309 LEU B CA  1 
ATOM   1585 C C   . LEU B 1 97  ? -3.520  4.188   -6.139  1.00 30.81 ? 309 LEU B C   1 
ATOM   1586 O O   . LEU B 1 97  ? -3.420  3.998   -4.920  1.00 31.88 ? 309 LEU B O   1 
ATOM   1587 C CB  . LEU B 1 97  ? -3.425  1.822   -6.795  1.00 33.55 ? 309 LEU B CB  1 
ATOM   1588 C CG  . LEU B 1 97  ? -3.095  0.699   -7.770  1.00 34.19 ? 309 LEU B CG  1 
ATOM   1589 C CD1 . LEU B 1 97  ? -3.640  -0.614  -7.235  1.00 36.52 ? 309 LEU B CD1 1 
ATOM   1590 C CD2 . LEU B 1 97  ? -3.720  1.032   -9.122  1.00 33.36 ? 309 LEU B CD2 1 
ATOM   1591 N N   . LEU B 1 98  ? -4.159  5.227   -6.681  1.00 28.61 ? 310 LEU B N   1 
ATOM   1592 C CA  . LEU B 1 98  ? -4.829  6.245   -5.876  1.00 28.07 ? 310 LEU B CA  1 
ATOM   1593 C C   . LEU B 1 98  ? -6.302  6.023   -6.086  1.00 29.07 ? 310 LEU B C   1 
ATOM   1594 O O   . LEU B 1 98  ? -6.810  6.245   -7.177  1.00 29.36 ? 310 LEU B O   1 
ATOM   1595 C CB  . LEU B 1 98  ? -4.454  7.624   -6.366  1.00 28.24 ? 310 LEU B CB  1 
ATOM   1596 C CG  . LEU B 1 98  ? -4.964  8.856   -5.630  1.00 26.94 ? 310 LEU B CG  1 
ATOM   1597 C CD1 . LEU B 1 98  ? -4.588  10.035  -6.470  1.00 26.74 ? 310 LEU B CD1 1 
ATOM   1598 C CD2 . LEU B 1 98  ? -6.467  8.850   -5.434  1.00 27.02 ? 310 LEU B CD2 1 
ATOM   1599 N N   . THR B 1 99  ? -6.980  5.597   -5.027  1.00 30.73 ? 311 THR B N   1 
ATOM   1600 C CA  . THR B 1 99  ? -8.414  5.285   -5.023  1.00 32.45 ? 311 THR B CA  1 
ATOM   1601 C C   . THR B 1 99  ? -9.268  6.255   -4.194  1.00 34.97 ? 311 THR B C   1 
ATOM   1602 O O   . THR B 1 99  ? -9.080  6.356   -2.986  1.00 35.78 ? 311 THR B O   1 
ATOM   1603 C CB  . THR B 1 99  ? -8.654  3.864   -4.442  1.00 29.16 ? 311 THR B CB  1 
ATOM   1604 O OG1 . THR B 1 99  ? -8.021  2.893   -5.268  1.00 24.01 ? 311 THR B OG1 1 
ATOM   1605 C CG2 . THR B 1 99  ? -10.136 3.551   -4.349  1.00 28.19 ? 311 THR B CG2 1 
ATOM   1606 N N   . SER B 1 100 ? -10.216 6.953   -4.816  1.00 35.74 ? 312 SER B N   1 
ATOM   1607 C CA  . SER B 1 100 ? -11.062 7.858   -4.044  1.00 35.45 ? 312 SER B CA  1 
ATOM   1608 C C   . SER B 1 100 ? -12.380 7.162   -3.768  1.00 34.73 ? 312 SER B C   1 
ATOM   1609 O O   . SER B 1 100 ? -12.857 6.437   -4.608  1.00 35.02 ? 312 SER B O   1 
ATOM   1610 C CB  . SER B 1 100 ? -11.294 9.169   -4.803  1.00 34.71 ? 312 SER B CB  1 
ATOM   1611 O OG  . SER B 1 100 ? -11.616 8.917   -6.150  1.00 35.90 ? 312 SER B OG  1 
ATOM   1612 N N   . GLY B 1 101 ? -12.946 7.362   -2.579  1.00 35.08 ? 313 GLY B N   1 
ATOM   1613 C CA  . GLY B 1 101 ? -14.220 6.752   -2.240  1.00 31.88 ? 313 GLY B CA  1 
ATOM   1614 C C   . GLY B 1 101 ? -15.303 7.344   -3.124  1.00 32.98 ? 313 GLY B C   1 
ATOM   1615 O O   . GLY B 1 101 ? -15.291 8.543   -3.395  1.00 35.51 ? 313 GLY B O   1 
ATOM   1616 N N   . THR B 1 102 ? -16.248 6.510   -3.558  1.00 33.95 ? 314 THR B N   1 
ATOM   1617 C CA  . THR B 1 102 ? -17.321 6.938   -4.456  1.00 30.73 ? 314 THR B CA  1 
ATOM   1618 C C   . THR B 1 102 ? -18.603 6.124   -4.401  1.00 30.38 ? 314 THR B C   1 
ATOM   1619 O O   . THR B 1 102 ? -18.725 5.120   -3.688  1.00 28.26 ? 314 THR B O   1 
ATOM   1620 C CB  . THR B 1 102 ? -16.877 6.824   -5.875  1.00 30.19 ? 314 THR B CB  1 
ATOM   1621 O OG1 . THR B 1 102 ? -16.739 5.431   -6.197  1.00 27.12 ? 314 THR B OG1 1 
ATOM   1622 C CG2 . THR B 1 102 ? -15.560 7.531   -6.065  1.00 29.02 ? 314 THR B CG2 1 
ATOM   1623 N N   . THR B 1 103 ? -19.554 6.565   -5.208  1.00 31.21 ? 315 THR B N   1 
ATOM   1624 C CA  . THR B 1 103 ? -20.831 5.894   -5.316  1.00 32.22 ? 315 THR B CA  1 
ATOM   1625 C C   . THR B 1 103 ? -20.759 4.901   -6.468  1.00 34.90 ? 315 THR B C   1 
ATOM   1626 O O   . THR B 1 103 ? -19.897 5.005   -7.347  1.00 35.20 ? 315 THR B O   1 
ATOM   1627 C CB  . THR B 1 103 ? -21.932 6.886   -5.626  1.00 29.99 ? 315 THR B CB  1 
ATOM   1628 O OG1 . THR B 1 103 ? -21.617 7.567   -6.847  1.00 24.50 ? 315 THR B OG1 1 
ATOM   1629 C CG2 . THR B 1 103 ? -22.071 7.899   -4.494  1.00 28.51 ? 315 THR B CG2 1 
ATOM   1630 N N   . GLU B 1 104 ? -21.673 3.938   -6.447  1.00 39.09 ? 316 GLU B N   1 
ATOM   1631 C CA  . GLU B 1 104 ? -21.789 2.900   -7.472  1.00 42.76 ? 316 GLU B CA  1 
ATOM   1632 C C   . GLU B 1 104 ? -21.494 3.440   -8.854  1.00 42.79 ? 316 GLU B C   1 
ATOM   1633 O O   . GLU B 1 104 ? -20.582 2.979   -9.562  1.00 43.11 ? 316 GLU B O   1 
ATOM   1634 C CB  . GLU B 1 104 ? -23.222 2.353   -7.494  1.00 47.89 ? 316 GLU B CB  1 
ATOM   1635 C CG  . GLU B 1 104 ? -23.739 1.988   -6.143  1.00 56.52 ? 316 GLU B CG  1 
ATOM   1636 C CD  . GLU B 1 104 ? -22.821 0.989   -5.464  1.00 62.18 ? 316 GLU B CD  1 
ATOM   1637 O OE1 . GLU B 1 104 ? -21.630 0.914   -5.874  1.00 64.50 ? 316 GLU B OE1 1 
ATOM   1638 O OE2 . GLU B 1 104 ? -23.272 0.287   -4.518  1.00 64.35 ? 316 GLU B OE2 1 
ATOM   1639 N N   . ALA B 1 105 ? -22.313 4.415   -9.221  1.00 41.74 ? 317 ALA B N   1 
ATOM   1640 C CA  . ALA B 1 105 ? -22.232 5.056   -10.511 1.00 42.35 ? 317 ALA B CA  1 
ATOM   1641 C C   . ALA B 1 105 ? -20.845 5.569   -10.799 1.00 43.54 ? 317 ALA B C   1 
ATOM   1642 O O   . ALA B 1 105 ? -20.520 5.893   -11.935 1.00 45.78 ? 317 ALA B O   1 
ATOM   1643 C CB  . ALA B 1 105 ? -23.209 6.196   -10.567 1.00 43.15 ? 317 ALA B CB  1 
ATOM   1644 N N   . ASN B 1 106 ? -20.008 5.656   -9.790  1.00 43.04 ? 318 ASN B N   1 
ATOM   1645 C CA  . ASN B 1 106 ? -18.703 6.161   -10.094 1.00 42.69 ? 318 ASN B CA  1 
ATOM   1646 C C   . ASN B 1 106 ? -17.599 5.218   -9.769  1.00 41.80 ? 318 ASN B C   1 
ATOM   1647 O O   . ASN B 1 106 ? -16.470 5.409   -10.223 1.00 42.40 ? 318 ASN B O   1 
ATOM   1648 C CB  . ASN B 1 106 ? -18.515 7.490   -9.404  1.00 45.84 ? 318 ASN B CB  1 
ATOM   1649 C CG  . ASN B 1 106 ? -19.540 8.519   -9.871  1.00 49.10 ? 318 ASN B CG  1 
ATOM   1650 O OD1 . ASN B 1 106 ? -19.536 8.962   -11.032 1.00 46.18 ? 318 ASN B OD1 1 
ATOM   1651 N ND2 . ASN B 1 106 ? -20.442 8.888   -8.966  1.00 50.32 ? 318 ASN B ND2 1 
ATOM   1652 N N   . ALA B 1 107 ? -17.933 4.180   -9.010  1.00 39.61 ? 319 ALA B N   1 
ATOM   1653 C CA  . ALA B 1 107 ? -16.952 3.201   -8.631  1.00 38.29 ? 319 ALA B CA  1 
ATOM   1654 C C   . ALA B 1 107 ? -16.002 3.008   -9.797  1.00 38.48 ? 319 ALA B C   1 
ATOM   1655 O O   . ALA B 1 107 ? -14.790 3.138   -9.638  1.00 39.55 ? 319 ALA B O   1 
ATOM   1656 C CB  . ALA B 1 107 ? -17.622 1.930   -8.308  1.00 36.55 ? 319 ALA B CB  1 
ATOM   1657 N N   . TRP B 1 108 ? -16.563 2.773   -10.986 1.00 38.65 ? 320 TRP B N   1 
ATOM   1658 C CA  . TRP B 1 108 ? -15.780 2.503   -12.205 1.00 37.61 ? 320 TRP B CA  1 
ATOM   1659 C C   . TRP B 1 108 ? -14.583 3.395   -12.513 1.00 37.57 ? 320 TRP B C   1 
ATOM   1660 O O   . TRP B 1 108 ? -13.622 2.937   -13.143 1.00 35.90 ? 320 TRP B O   1 
ATOM   1661 C CB  . TRP B 1 108 ? -16.702 2.451   -13.445 1.00 35.23 ? 320 TRP B CB  1 
ATOM   1662 C CG  . TRP B 1 108 ? -17.131 3.791   -14.034 1.00 34.14 ? 320 TRP B CG  1 
ATOM   1663 C CD1 . TRP B 1 108 ? -18.267 4.482   -13.752 1.00 35.19 ? 320 TRP B CD1 1 
ATOM   1664 C CD2 . TRP B 1 108 ? -16.401 4.589   -14.986 1.00 35.41 ? 320 TRP B CD2 1 
ATOM   1665 N NE1 . TRP B 1 108 ? -18.296 5.668   -14.463 1.00 35.60 ? 320 TRP B NE1 1 
ATOM   1666 C CE2 . TRP B 1 108 ? -17.161 5.755   -15.226 1.00 35.45 ? 320 TRP B CE2 1 
ATOM   1667 C CE3 . TRP B 1 108 ? -15.176 4.430   -15.655 1.00 35.29 ? 320 TRP B CE3 1 
ATOM   1668 C CZ2 . TRP B 1 108 ? -16.737 6.761   -16.106 1.00 33.58 ? 320 TRP B CZ2 1 
ATOM   1669 C CZ3 . TRP B 1 108 ? -14.756 5.421   -16.526 1.00 34.90 ? 320 TRP B CZ3 1 
ATOM   1670 C CH2 . TRP B 1 108 ? -15.538 6.578   -16.744 1.00 34.54 ? 320 TRP B CH2 1 
ATOM   1671 N N   . LYS B 1 109 ? -14.637 4.659   -12.083 1.00 36.18 ? 321 LYS B N   1 
ATOM   1672 C CA  . LYS B 1 109 ? -13.540 5.590   -12.327 1.00 31.30 ? 321 LYS B CA  1 
ATOM   1673 C C   . LYS B 1 109 ? -12.916 6.070   -11.039 1.00 29.13 ? 321 LYS B C   1 
ATOM   1674 O O   . LYS B 1 109 ? -12.408 7.188   -10.962 1.00 27.82 ? 321 LYS B O   1 
ATOM   1675 C CB  . LYS B 1 109 ? -14.035 6.794   -13.111 1.00 31.93 ? 321 LYS B CB  1 
ATOM   1676 C CG  . LYS B 1 109 ? -15.029 7.705   -12.367 1.00 32.34 ? 321 LYS B CG  1 
ATOM   1677 C CD  . LYS B 1 109 ? -15.020 9.138   -12.978 1.00 33.23 ? 321 LYS B CD  1 
ATOM   1678 C CE  . LYS B 1 109 ? -16.324 9.878   -12.763 1.00 32.27 ? 321 LYS B CE  1 
ATOM   1679 N NZ  . LYS B 1 109 ? -17.445 9.176   -13.429 1.00 30.75 ? 321 LYS B NZ  1 
ATOM   1680 N N   . SER B 1 110 ? -12.928 5.224   -10.026 1.00 27.61 ? 322 SER B N   1 
ATOM   1681 C CA  . SER B 1 110 ? -12.391 5.626   -8.743  1.00 28.34 ? 322 SER B CA  1 
ATOM   1682 C C   . SER B 1 110 ? -10.865 5.568   -8.590  1.00 28.05 ? 322 SER B C   1 
ATOM   1683 O O   . SER B 1 110 ? -10.276 6.353   -7.837  1.00 27.73 ? 322 SER B O   1 
ATOM   1684 C CB  . SER B 1 110 ? -13.068 4.802   -7.646  1.00 29.50 ? 322 SER B CB  1 
ATOM   1685 O OG  . SER B 1 110 ? -12.907 3.423   -7.905  1.00 31.36 ? 322 SER B OG  1 
ATOM   1686 N N   . THR B 1 111 ? -10.227 4.659   -9.321  1.00 28.83 ? 323 THR B N   1 
ATOM   1687 C CA  . THR B 1 111 ? -8.781  4.485   -9.229  1.00 28.57 ? 323 THR B CA  1 
ATOM   1688 C C   . THR B 1 111 ? -7.930  5.110   -10.320 1.00 29.80 ? 323 THR B C   1 
ATOM   1689 O O   . THR B 1 111 ? -8.140  4.839   -11.498 1.00 30.90 ? 323 THR B O   1 
ATOM   1690 C CB  . THR B 1 111 ? -8.422  3.017   -9.227  1.00 27.33 ? 323 THR B CB  1 
ATOM   1691 O OG1 . THR B 1 111 ? -9.421  2.294   -8.520  1.00 26.02 ? 323 THR B OG1 1 
ATOM   1692 C CG2 . THR B 1 111 ? -7.084  2.810   -8.564  1.00 29.01 ? 323 THR B CG2 1 
ATOM   1693 N N   . ARG B 1 112 ? -6.949  5.913   -9.914  1.00 29.64 ? 324 ARG B N   1 
ATOM   1694 C CA  . ARG B 1 112 ? -6.010  6.538   -10.844 1.00 29.66 ? 324 ARG B CA  1 
ATOM   1695 C C   . ARG B 1 112 ? -4.716  5.760   -10.663 1.00 27.58 ? 324 ARG B C   1 
ATOM   1696 O O   . ARG B 1 112 ? -4.431  5.314   -9.564  1.00 27.81 ? 324 ARG B O   1 
ATOM   1697 C CB  . ARG B 1 112 ? -5.784  8.015   -10.491 1.00 31.69 ? 324 ARG B CB  1 
ATOM   1698 C CG  . ARG B 1 112 ? -6.804  8.980   -11.090 1.00 38.95 ? 324 ARG B CG  1 
ATOM   1699 C CD  . ARG B 1 112 ? -7.572  9.691   -9.989  1.00 43.33 ? 324 ARG B CD  1 
ATOM   1700 N NE  . ARG B 1 112 ? -7.964  11.034  -10.407 1.00 52.28 ? 324 ARG B NE  1 
ATOM   1701 C CZ  . ARG B 1 112 ? -8.977  11.303  -11.231 1.00 56.69 ? 324 ARG B CZ  1 
ATOM   1702 N NH1 . ARG B 1 112 ? -9.714  10.310  -11.722 1.00 57.10 ? 324 ARG B NH1 1 
ATOM   1703 N NH2 . ARG B 1 112 ? -9.251  12.561  -11.580 1.00 58.83 ? 324 ARG B NH2 1 
ATOM   1704 N N   . VAL B 1 113 ? -3.938  5.597   -11.724 1.00 25.73 ? 325 VAL B N   1 
ATOM   1705 C CA  . VAL B 1 113 ? -2.687  4.837   -11.651 1.00 25.13 ? 325 VAL B CA  1 
ATOM   1706 C C   . VAL B 1 113 ? -1.475  5.663   -12.063 1.00 24.37 ? 325 VAL B C   1 
ATOM   1707 O O   . VAL B 1 113 ? -1.568  6.473   -12.975 1.00 26.91 ? 325 VAL B O   1 
ATOM   1708 C CB  . VAL B 1 113 ? -2.756  3.600   -12.573 1.00 26.54 ? 325 VAL B CB  1 
ATOM   1709 C CG1 . VAL B 1 113 ? -3.198  4.009   -13.955 1.00 22.74 ? 325 VAL B CG1 1 
ATOM   1710 C CG2 . VAL B 1 113 ? -1.413  2.919   -12.634 1.00 25.73 ? 325 VAL B CG2 1 
ATOM   1711 N N   . GLY B 1 114 ? -0.333  5.464   -11.419 1.00 21.66 ? 326 GLY B N   1 
ATOM   1712 C CA  . GLY B 1 114 ? 0.823   6.253   -11.797 1.00 23.34 ? 326 GLY B CA  1 
ATOM   1713 C C   . GLY B 1 114 ? 2.142   5.623   -11.420 1.00 27.70 ? 326 GLY B C   1 
ATOM   1714 O O   . GLY B 1 114 ? 2.206   4.442   -11.081 1.00 30.03 ? 326 GLY B O   1 
ATOM   1715 N N   . HIS B 1 115 ? 3.217   6.392   -11.500 1.00 31.42 ? 327 HIS B N   1 
ATOM   1716 C CA  . HIS B 1 115 ? 4.515   5.848   -11.128 1.00 37.41 ? 327 HIS B CA  1 
ATOM   1717 C C   . HIS B 1 115 ? 5.381   6.941   -10.518 1.00 40.36 ? 327 HIS B C   1 
ATOM   1718 O O   . HIS B 1 115 ? 5.409   8.070   -11.020 1.00 40.64 ? 327 HIS B O   1 
ATOM   1719 C CB  . HIS B 1 115 ? 5.201   5.186   -12.339 1.00 39.05 ? 327 HIS B CB  1 
ATOM   1720 C CG  . HIS B 1 115 ? 5.241   6.038   -13.574 1.00 41.29 ? 327 HIS B CG  1 
ATOM   1721 N ND1 . HIS B 1 115 ? 6.419   6.508   -14.115 1.00 44.08 ? 327 HIS B ND1 1 
ATOM   1722 C CD2 . HIS B 1 115 ? 4.255   6.474   -14.393 1.00 45.03 ? 327 HIS B CD2 1 
ATOM   1723 C CE1 . HIS B 1 115 ? 6.160   7.195   -15.214 1.00 44.58 ? 327 HIS B CE1 1 
ATOM   1724 N NE2 . HIS B 1 115 ? 4.854   7.189   -15.407 1.00 45.65 ? 327 HIS B NE2 1 
ATOM   1725 N N   . ASP B 1 116 ? 6.044   6.620   -9.403  1.00 41.97 ? 328 ASP B N   1 
ATOM   1726 C CA  . ASP B 1 116 ? 6.909   7.586   -8.725  1.00 39.33 ? 328 ASP B CA  1 
ATOM   1727 C C   . ASP B 1 116 ? 8.286   7.037   -8.486  1.00 39.80 ? 328 ASP B C   1 
ATOM   1728 O O   . ASP B 1 116 ? 8.451   5.847   -8.211  1.00 41.22 ? 328 ASP B O   1 
ATOM   1729 C CB  . ASP B 1 116 ? 6.317   8.010   -7.383  1.00 36.80 ? 328 ASP B CB  1 
ATOM   1730 C CG  . ASP B 1 116 ? 5.264   9.073   -7.529  1.00 33.08 ? 328 ASP B CG  1 
ATOM   1731 O OD1 . ASP B 1 116 ? 4.993   9.447   -8.684  1.00 32.08 ? 328 ASP B OD1 1 
ATOM   1732 O OD2 . ASP B 1 116 ? 4.716   9.535   -6.510  1.00 31.19 ? 328 ASP B OD2 1 
ATOM   1733 N N   . THR B 1 117 ? 9.279   7.904   -8.621  1.00 39.74 ? 329 THR B N   1 
ATOM   1734 C CA  . THR B 1 117 ? 10.649  7.521   -8.373  1.00 40.56 ? 329 THR B CA  1 
ATOM   1735 C C   . THR B 1 117 ? 11.117  8.421   -7.234  1.00 43.40 ? 329 THR B C   1 
ATOM   1736 O O   . THR B 1 117 ? 10.902  9.642   -7.262  1.00 43.87 ? 329 THR B O   1 
ATOM   1737 C CB  . THR B 1 117 ? 11.522  7.717   -9.622  1.00 38.32 ? 329 THR B CB  1 
ATOM   1738 O OG1 . THR B 1 117 ? 11.979  6.443   -10.046 1.00 39.51 ? 329 THR B OG1 1 
ATOM   1739 C CG2 . THR B 1 117 ? 12.736  8.574   -9.339  1.00 36.11 ? 329 THR B CG2 1 
ATOM   1740 N N   . PHE B 1 118 ? 11.724  7.819   -6.216  1.00 43.24 ? 330 PHE B N   1 
ATOM   1741 C CA  . PHE B 1 118 ? 12.213  8.590   -5.076  1.00 44.07 ? 330 PHE B CA  1 
ATOM   1742 C C   . PHE B 1 118 ? 13.738  8.514   -4.959  1.00 47.00 ? 330 PHE B C   1 
ATOM   1743 O O   . PHE B 1 118 ? 14.361  7.490   -5.303  1.00 47.23 ? 330 PHE B O   1 
ATOM   1744 C CB  . PHE B 1 118 ? 11.587  8.081   -3.773  1.00 40.64 ? 330 PHE B CB  1 
ATOM   1745 C CG  . PHE B 1 118 ? 10.100  8.115   -3.772  1.00 37.88 ? 330 PHE B CG  1 
ATOM   1746 C CD1 . PHE B 1 118 ? 9.375   7.191   -4.511  1.00 39.58 ? 330 PHE B CD1 1 
ATOM   1747 C CD2 . PHE B 1 118 ? 9.423   9.106   -3.078  1.00 34.30 ? 330 PHE B CD2 1 
ATOM   1748 C CE1 . PHE B 1 118 ? 7.991   7.249   -4.573  1.00 34.67 ? 330 PHE B CE1 1 
ATOM   1749 C CE2 . PHE B 1 118 ? 8.038   9.180   -3.129  1.00 34.32 ? 330 PHE B CE2 1 
ATOM   1750 C CZ  . PHE B 1 118 ? 7.317   8.243   -3.886  1.00 30.26 ? 330 PHE B CZ  1 
ATOM   1751 N N   . THR B 1 119 ? 14.336  9.612   -4.490  1.00 48.64 ? 331 THR B N   1 
ATOM   1752 C CA  . THR B 1 119 ? 15.780  9.673   -4.298  1.00 49.18 ? 331 THR B CA  1 
ATOM   1753 C C   . THR B 1 119 ? 16.075  10.506  -3.058  1.00 49.39 ? 331 THR B C   1 
ATOM   1754 O O   . THR B 1 119 ? 15.250  11.341  -2.630  1.00 49.57 ? 331 THR B O   1 
ATOM   1755 C CB  . THR B 1 119 ? 16.485  10.265  -5.521  1.00 49.87 ? 331 THR B CB  1 
ATOM   1756 O OG1 . THR B 1 119 ? 16.225  11.661  -5.590  1.00 53.41 ? 331 THR B OG1 1 
ATOM   1757 C CG2 . THR B 1 119 ? 15.963  9.613   -6.800  1.00 50.10 ? 331 THR B CG2 1 
ATOM   1758 N N   . LYS B 1 120 ? 17.245  10.263  -2.475  1.00 49.63 ? 332 LYS B N   1 
ATOM   1759 C CA  . LYS B 1 120 ? 17.630  10.952  -1.252  1.00 50.79 ? 332 LYS B CA  1 
ATOM   1760 C C   . LYS B 1 120 ? 17.737  12.452  -1.373  1.00 51.20 ? 332 LYS B C   1 
ATOM   1761 O O   . LYS B 1 120 ? 17.451  13.160  -0.395  1.00 52.88 ? 332 LYS B O   1 
ATOM   1762 C CB  . LYS B 1 120 ? 18.921  10.362  -0.704  1.00 51.38 ? 332 LYS B CB  1 
ATOM   1763 C CG  . LYS B 1 120 ? 18.758  8.886   -0.367  1.00 52.06 ? 332 LYS B CG  1 
ATOM   1764 C CD  . LYS B 1 120 ? 17.534  8.677   0.513   1.00 48.21 ? 332 LYS B CD  1 
ATOM   1765 C CE  . LYS B 1 120 ? 17.921  8.402   1.951   1.00 50.24 ? 332 LYS B CE  1 
ATOM   1766 N NZ  . LYS B 1 120 ? 18.548  7.037   2.164   1.00 53.00 ? 332 LYS B NZ  1 
ATOM   1767 N N   . VAL B 1 121 ? 18.124  12.961  -2.542  1.00 52.57 ? 333 VAL B N   1 
ATOM   1768 C CA  . VAL B 1 121 ? 18.192  14.412  -2.675  1.00 55.05 ? 333 VAL B CA  1 
ATOM   1769 C C   . VAL B 1 121 ? 17.499  14.994  -3.891  1.00 56.42 ? 333 VAL B C   1 
ATOM   1770 O O   . VAL B 1 121 ? 17.287  14.316  -4.922  1.00 54.71 ? 333 VAL B O   1 
ATOM   1771 C CB  . VAL B 1 121 ? 19.650  14.963  -2.682  1.00 55.67 ? 333 VAL B CB  1 
ATOM   1772 C CG1 . VAL B 1 121 ? 19.961  15.624  -4.050  1.00 54.54 ? 333 VAL B CG1 1 
ATOM   1773 C CG2 . VAL B 1 121 ? 19.825  15.987  -1.520  1.00 51.63 ? 333 VAL B CG2 1 
ATOM   1774 N N   . LYS B 1 122 ? 17.215  16.295  -3.737  1.00 57.80 ? 334 LYS B N   1 
ATOM   1775 C CA  . LYS B 1 122 ? 16.548  17.168  -4.718  1.00 56.67 ? 334 LYS B CA  1 
ATOM   1776 C C   . LYS B 1 122 ? 15.475  17.917  -3.903  1.00 57.07 ? 334 LYS B C   1 
ATOM   1777 O O   . LYS B 1 122 ? 14.855  17.324  -3.003  1.00 55.75 ? 334 LYS B O   1 
ATOM   1778 C CB  . LYS B 1 122 ? 15.951  16.336  -5.885  1.00 54.74 ? 334 LYS B CB  1 
ATOM   1779 C CG  . LYS B 1 122 ? 14.663  15.572  -5.608  1.00 47.66 ? 334 LYS B CG  1 
ATOM   1780 C CD  . LYS B 1 122 ? 13.489  16.574  -5.571  1.00 48.20 ? 334 LYS B CD  1 
ATOM   1781 C CE  . LYS B 1 122 ? 13.618  17.679  -6.633  1.00 43.28 ? 334 LYS B CE  1 
ATOM   1782 N NZ  . LYS B 1 122 ? 13.332  17.176  -7.990  1.00 44.45 ? 334 LYS B NZ  1 
ATOM   1783 N N   . PRO B 1 123 ? 15.242  19.223  -4.192  1.00 58.92 ? 335 PRO B N   1 
ATOM   1784 C CA  . PRO B 1 123 ? 14.218  19.939  -3.392  1.00 60.82 ? 335 PRO B CA  1 
ATOM   1785 C C   . PRO B 1 123 ? 12.810  19.308  -3.464  1.00 61.51 ? 335 PRO B C   1 
ATOM   1786 O O   . PRO B 1 123 ? 12.336  18.748  -2.437  1.00 60.91 ? 335 PRO B O   1 
ATOM   1787 C CB  . PRO B 1 123 ? 14.268  21.376  -3.957  1.00 59.04 ? 335 PRO B CB  1 
ATOM   1788 C CG  . PRO B 1 123 ? 14.616  21.129  -5.455  1.00 59.39 ? 335 PRO B CG  1 
ATOM   1789 C CD  . PRO B 1 123 ? 15.677  20.019  -5.367  1.00 59.02 ? 335 PRO B CD  1 
HETATM 1790 C C1  . BNI C 2 .   ? 4.223   -14.039 -4.553  1.00 37.31 ? 501 BNI A C1  1 
HETATM 1791 C C10 . BNI C 2 .   ? 3.526   -14.140 -3.181  1.00 34.91 ? 501 BNI A C10 1 
HETATM 1792 C C9  . BNI C 2 .   ? 2.039   -14.626 -3.197  1.00 35.21 ? 501 BNI A C9  1 
HETATM 1793 C C8  . BNI C 2 .   ? 1.154   -13.764 -4.097  1.00 28.75 ? 501 BNI A C8  1 
HETATM 1794 C C7  . BNI C 2 .   ? -0.162  -13.375 -3.465  1.00 30.30 ? 501 BNI A C7  1 
HETATM 1795 C C2  . BNI C 2 .   ? -0.995  -12.477 -4.459  1.00 31.05 ? 501 BNI A C2  1 
HETATM 1796 C C6  . BNI C 2 .   ? -2.500  -10.554 -5.043  1.00 30.13 ? 501 BNI A C6  1 
HETATM 1797 C C4  . BNI C 2 .   ? -2.387  -13.082 -4.824  1.00 30.17 ? 501 BNI A C4  1 
HETATM 1798 C C5  . BNI C 2 .   ? -3.262  -11.859 -5.190  1.00 30.96 ? 501 BNI A C5  1 
HETATM 1799 C C3  . BNI C 2 .   ? -4.211  -12.977 -3.444  1.00 29.77 ? 501 BNI A C3  1 
HETATM 1800 O O2  . BNI C 2 .   ? 5.306   -13.407 -4.513  1.00 35.66 ? 501 BNI A O2  1 
HETATM 1801 O O3  . BNI C 2 .   ? -5.031  -13.230 -2.564  1.00 29.64 ? 501 BNI A O3  1 
HETATM 1802 N N1  . BNI C 2 .   ? -4.329  -11.934 -4.260  1.00 29.24 ? 501 BNI A N1  1 
HETATM 1803 N N2  . BNI C 2 .   ? -3.109  -13.690 -3.704  1.00 28.51 ? 501 BNI A N2  1 
HETATM 1804 S S1  . BNI C 2 .   ? -1.332  -10.838 -3.679  1.00 30.63 ? 501 BNI A S1  1 
HETATM 1805 N N17 . BNI C 2 .   ? 4.119   -15.072 -5.352  1.00 41.57 ? 501 BNI A N17 1 
HETATM 1806 C C18 . BNI C 2 .   ? 4.545   -15.297 -6.613  1.00 49.21 ? 501 BNI A C18 1 
HETATM 1807 C C20 . BNI C 2 .   ? 4.072   -16.433 -7.394  1.00 49.86 ? 501 BNI A C20 1 
HETATM 1808 C C21 . BNI C 2 .   ? 4.541   -16.599 -8.760  1.00 56.42 ? 501 BNI A C21 1 
HETATM 1809 C C22 . BNI C 2 .   ? 5.487   -15.616 -9.339  1.00 60.13 ? 501 BNI A C22 1 
HETATM 1810 C C23 . BNI C 2 .   ? 5.971   -14.475 -8.551  1.00 58.06 ? 501 BNI A C23 1 
HETATM 1811 C C24 . BNI C 2 .   ? 5.508   -14.309 -7.206  1.00 53.50 ? 501 BNI A C24 1 
HETATM 1812 N N25 . BNI C 2 .   ? 5.959   -15.765 -10.754 1.00 62.67 ? 501 BNI A N25 1 
HETATM 1813 O O26 . BNI C 2 .   ? 5.577   -16.694 -11.454 1.00 63.78 ? 501 BNI A O26 1 
HETATM 1814 O O27 . BNI C 2 .   ? 6.736   -14.942 -11.232 1.00 65.30 ? 501 BNI A O27 1 
HETATM 1815 C C1  . BNI D 2 .   ? -5.753  13.278  -3.268  1.00 44.63 ? 502 BNI B C1  1 
HETATM 1816 C C10 . BNI D 2 .   ? -4.318  13.182  -2.734  1.00 41.05 ? 502 BNI B C10 1 
HETATM 1817 C C9  . BNI D 2 .   ? -3.241  13.932  -3.478  1.00 37.85 ? 502 BNI B C9  1 
HETATM 1818 C C8  . BNI D 2 .   ? -2.616  12.988  -4.446  1.00 35.54 ? 502 BNI B C8  1 
HETATM 1819 C C7  . BNI D 2 .   ? -1.118  13.096  -4.461  1.00 34.91 ? 502 BNI B C7  1 
HETATM 1820 C C2  . BNI D 2 .   ? -0.588  12.065  -5.484  1.00 34.83 ? 502 BNI B C2  1 
HETATM 1821 C C6  . BNI D 2 .   ? 0.458   9.970   -6.204  1.00 35.86 ? 502 BNI B C6  1 
HETATM 1822 C C4  . BNI D 2 .   ? 0.779   12.453  -6.097  1.00 32.96 ? 502 BNI B C4  1 
HETATM 1823 C C5  . BNI D 2 .   ? 1.397   11.119  -6.560  1.00 33.76 ? 502 BNI B C5  1 
HETATM 1824 C C3  . BNI D 2 .   ? 2.763   12.110  -5.021  1.00 35.03 ? 502 BNI B C3  1 
HETATM 1825 O O2  . BNI D 2 .   ? -6.350  14.226  -2.707  1.00 51.72 ? 502 BNI B O2  1 
HETATM 1826 O O3  . BNI D 2 .   ? 3.740   12.275  -4.278  1.00 35.90 ? 502 BNI B O3  1 
HETATM 1827 N N1  . BNI D 2 .   ? 2.610   11.054  -5.813  1.00 34.08 ? 502 BNI B N1  1 
HETATM 1828 N N2  . BNI D 2 .   ? 1.737   12.959  -5.133  1.00 32.93 ? 502 BNI B N2  1 
HETATM 1829 S S1  . BNI D 2 .   ? -0.354  10.470  -4.625  1.00 31.94 ? 502 BNI B S1  1 
HETATM 1830 N N17 . BNI D 2 .   ? -6.008  13.004  -4.551  1.00 43.50 ? 502 BNI B N17 1 
HETATM 1831 C C18 . BNI D 2 .   ? -7.161  12.978  -5.271  1.00 43.09 ? 502 BNI B C18 1 
HETATM 1832 C C20 . BNI D 2 .   ? -8.499  12.840  -4.686  1.00 44.05 ? 502 BNI B C20 1 
HETATM 1833 C C21 . BNI D 2 .   ? -9.678  12.813  -5.572  1.00 45.91 ? 502 BNI B C21 1 
HETATM 1834 C C22 . BNI D 2 .   ? -9.494  12.925  -7.053  1.00 48.61 ? 502 BNI B C22 1 
HETATM 1835 C C23 . BNI D 2 .   ? -8.137  13.056  -7.599  1.00 47.18 ? 502 BNI B C23 1 
HETATM 1836 C C24 . BNI D 2 .   ? -7.001  13.081  -6.721  1.00 43.13 ? 502 BNI B C24 1 
HETATM 1837 N N25 . BNI D 2 .   ? -10.702 12.913  -8.042  1.00 50.41 ? 502 BNI B N25 1 
HETATM 1838 O O26 . BNI D 2 .   ? -11.868 12.814  -7.646  1.00 49.13 ? 502 BNI B O26 1 
HETATM 1839 O O27 . BNI D 2 .   ? -10.519 13.009  -9.255  1.00 47.97 ? 502 BNI B O27 1 
HETATM 1840 O O   . HOH E 3 .   ? 6.102   -4.718  -14.594 1.00 18.28 ? 601 HOH A O   1 
HETATM 1841 O O   . HOH E 3 .   ? -12.867 -0.021  15.689  1.00 19.67 ? 607 HOH A O   1 
HETATM 1842 O O   . HOH E 3 .   ? 13.069  -11.137 -12.749 1.00 15.23 ? 608 HOH A O   1 
HETATM 1843 O O   . HOH E 3 .   ? -11.399 -14.693 11.469  1.00 24.66 ? 610 HOH A O   1 
HETATM 1844 O O   . HOH E 3 .   ? -11.883 -5.993  -7.667  1.00 53.03 ? 611 HOH A O   1 
HETATM 1845 O O   . HOH E 3 .   ? -27.587 -10.100 -3.126  1.00 22.69 ? 612 HOH A O   1 
HETATM 1846 O O   . HOH E 3 .   ? -2.256  -10.118 -12.943 1.00 30.80 ? 613 HOH A O   1 
HETATM 1847 O O   . HOH E 3 .   ? -4.993  -13.507 7.073   1.00 34.64 ? 616 HOH A O   1 
HETATM 1848 O O   . HOH F 3 .   ? 7.500   -9.682  10.132  1.00 18.31 ? 602 HOH B O   1 
HETATM 1849 O O   . HOH F 3 .   ? 17.187  -4.197  10.646  1.00 25.19 ? 603 HOH B O   1 
HETATM 1850 O O   . HOH F 3 .   ? -20.814 2.450   -12.402 1.00 42.19 ? 604 HOH B O   1 
HETATM 1851 O O   . HOH F 3 .   ? 6.368   18.493  -0.766  1.00 30.01 ? 605 HOH B O   1 
HETATM 1852 O O   . HOH F 3 .   ? -12.164 14.835  8.753   1.00 32.26 ? 606 HOH B O   1 
HETATM 1853 O O   . HOH F 3 .   ? 19.755  8.977   -4.648  1.00 22.63 ? 609 HOH B O   1 
HETATM 1854 O O   . HOH F 3 .   ? 17.537  12.628  2.569   1.00 36.12 ? 614 HOH B O   1 
HETATM 1855 O O   . HOH F 3 .   ? -11.294 19.155  2.034   1.00 33.45 ? 615 HOH B O   1 
# 
